data_5GO6
# 
_entry.id   5GO6 
# 
_audit_conform.dict_name       mmcif_pdbx.dic 
_audit_conform.dict_version    5.380 
_audit_conform.dict_location   http://mmcif.pdb.org/dictionaries/ascii/mmcif_pdbx.dic 
# 
loop_
_database_2.database_id 
_database_2.database_code 
_database_2.pdbx_database_accession 
_database_2.pdbx_DOI 
PDB   5GO6         pdb_00005go6 10.2210/pdb5go6/pdb 
WWPDB D_1300001150 ?            ?                   
# 
_pdbx_database_related.db_name        PDB 
_pdbx_database_related.details        . 
_pdbx_database_related.db_id          5GO5 
_pdbx_database_related.content_type   unspecified 
# 
_pdbx_database_status.status_code                     REL 
_pdbx_database_status.status_code_sf                  REL 
_pdbx_database_status.status_code_mr                  ? 
_pdbx_database_status.entry_id                        5GO6 
_pdbx_database_status.recvd_initial_deposition_date   2016-07-26 
_pdbx_database_status.SG_entry                        N 
_pdbx_database_status.deposit_site                    PDBJ 
_pdbx_database_status.process_site                    PDBJ 
_pdbx_database_status.status_code_cs                  ? 
_pdbx_database_status.methods_development_category    ? 
_pdbx_database_status.pdb_format_compatible           Y 
_pdbx_database_status.status_code_nmr_data            ? 
# 
loop_
_audit_author.name 
_audit_author.pdbx_ordinal 
'Das, S.'       1 
'Pawale, V.S.'  2 
'Dadireddy, V.' 3 
'Roy, R.P.'     4 
'Ramakumar, S.' 5 
# 
_citation.abstract                  ? 
_citation.abstract_id_CAS           ? 
_citation.book_id_ISBN              ? 
_citation.book_publisher            ? 
_citation.book_publisher_city       ? 
_citation.book_title                ? 
_citation.coordinate_linkage        ? 
_citation.country                   ? 
_citation.database_id_Medline       ? 
_citation.details                   ? 
_citation.id                        primary 
_citation.journal_abbrev            'To Be Published' 
_citation.journal_id_ASTM           ? 
_citation.journal_id_CSD            0353 
_citation.journal_id_ISSN           ? 
_citation.journal_full              ? 
_citation.journal_issue             ? 
_citation.journal_volume            ? 
_citation.language                  ? 
_citation.page_first                ? 
_citation.page_last                 ? 
_citation.title                     'Structure of sortase E T196V mutant from Streptomyces avermitilis' 
_citation.year                      ? 
_citation.database_id_CSD           ? 
_citation.pdbx_database_id_DOI      ? 
_citation.pdbx_database_id_PubMed   ? 
_citation.unpublished_flag          ? 
# 
loop_
_citation_author.citation_id 
_citation_author.name 
_citation_author.ordinal 
_citation_author.identifier_ORCID 
primary 'Das, S.'       1 ? 
primary 'Pawale, V.S.'  2 ? 
primary 'Dadireddy, V.' 3 ? 
primary 'Roy, R.P.'     4 ? 
primary 'Ramakumar, S.' 5 ? 
# 
_cell.entry_id           5GO6 
_cell.length_a           84.983 
_cell.length_b           84.983 
_cell.length_c           48.005 
_cell.angle_alpha        90.00 
_cell.angle_beta         90.00 
_cell.angle_gamma        120.00 
_cell.Z_PDB              6 
_cell.pdbx_unique_axis   ? 
# 
_symmetry.entry_id                         5GO6 
_symmetry.space_group_name_H-M             'P 32 2 1' 
_symmetry.pdbx_full_space_group_name_H-M   ? 
_symmetry.cell_setting                     ? 
_symmetry.Int_Tables_number                154 
# 
loop_
_entity.id 
_entity.type 
_entity.src_method 
_entity.pdbx_description 
_entity.formula_weight 
_entity.pdbx_number_of_molecules 
_entity.pdbx_ec 
_entity.pdbx_mutation 
_entity.pdbx_fragment 
_entity.details 
1 polymer     man 'Putative secreted protein' 22326.262 1  ? T196V 'UNP RESIDUES 51-230' ? 
2 non-polymer syn 'SULFATE ION'               96.063    2  ? ?     ?                     ? 
3 water       nat water                       18.015    98 ? ?     ?                     ? 
# 
_entity_name_com.entity_id   1 
_entity_name_com.name        'Sortase E' 
# 
_entity_poly.entity_id                      1 
_entity_poly.type                           'polypeptide(L)' 
_entity_poly.nstd_linkage                   no 
_entity_poly.nstd_monomer                   no 
_entity_poly.pdbx_seq_one_letter_code       
;MGSSHHHHHHSSGLVPRGSHMKGTVRPTAAPGASARTSPEKPAPYTYGKPFAVMYIPRLGFTWNKPVLEGTGTEVLKKGL
GHYANTARLGQKGNFAVAGHRRTYGDPFKDFPKLRHGDEVVLTDGTTWFTYVIDTGPYKTVPTDVEVIDPVPRKSGYERE
GRYLTLVTCEPEWGHSHRLIVWAHLDSTQPVEAGKPEALRR
;
_entity_poly.pdbx_seq_one_letter_code_can   
;MGSSHHHHHHSSGLVPRGSHMKGTVRPTAAPGASARTSPEKPAPYTYGKPFAVMYIPRLGFTWNKPVLEGTGTEVLKKGL
GHYANTARLGQKGNFAVAGHRRTYGDPFKDFPKLRHGDEVVLTDGTTWFTYVIDTGPYKTVPTDVEVIDPVPRKSGYERE
GRYLTLVTCEPEWGHSHRLIVWAHLDSTQPVEAGKPEALRR
;
_entity_poly.pdbx_strand_id                 A 
_entity_poly.pdbx_target_identifier         ? 
# 
loop_
_entity_poly_seq.entity_id 
_entity_poly_seq.num 
_entity_poly_seq.mon_id 
_entity_poly_seq.hetero 
1 1   MET n 
1 2   GLY n 
1 3   SER n 
1 4   SER n 
1 5   HIS n 
1 6   HIS n 
1 7   HIS n 
1 8   HIS n 
1 9   HIS n 
1 10  HIS n 
1 11  SER n 
1 12  SER n 
1 13  GLY n 
1 14  LEU n 
1 15  VAL n 
1 16  PRO n 
1 17  ARG n 
1 18  GLY n 
1 19  SER n 
1 20  HIS n 
1 21  MET n 
1 22  LYS n 
1 23  GLY n 
1 24  THR n 
1 25  VAL n 
1 26  ARG n 
1 27  PRO n 
1 28  THR n 
1 29  ALA n 
1 30  ALA n 
1 31  PRO n 
1 32  GLY n 
1 33  ALA n 
1 34  SER n 
1 35  ALA n 
1 36  ARG n 
1 37  THR n 
1 38  SER n 
1 39  PRO n 
1 40  GLU n 
1 41  LYS n 
1 42  PRO n 
1 43  ALA n 
1 44  PRO n 
1 45  TYR n 
1 46  THR n 
1 47  TYR n 
1 48  GLY n 
1 49  LYS n 
1 50  PRO n 
1 51  PHE n 
1 52  ALA n 
1 53  VAL n 
1 54  MET n 
1 55  TYR n 
1 56  ILE n 
1 57  PRO n 
1 58  ARG n 
1 59  LEU n 
1 60  GLY n 
1 61  PHE n 
1 62  THR n 
1 63  TRP n 
1 64  ASN n 
1 65  LYS n 
1 66  PRO n 
1 67  VAL n 
1 68  LEU n 
1 69  GLU n 
1 70  GLY n 
1 71  THR n 
1 72  GLY n 
1 73  THR n 
1 74  GLU n 
1 75  VAL n 
1 76  LEU n 
1 77  LYS n 
1 78  LYS n 
1 79  GLY n 
1 80  LEU n 
1 81  GLY n 
1 82  HIS n 
1 83  TYR n 
1 84  ALA n 
1 85  ASN n 
1 86  THR n 
1 87  ALA n 
1 88  ARG n 
1 89  LEU n 
1 90  GLY n 
1 91  GLN n 
1 92  LYS n 
1 93  GLY n 
1 94  ASN n 
1 95  PHE n 
1 96  ALA n 
1 97  VAL n 
1 98  ALA n 
1 99  GLY n 
1 100 HIS n 
1 101 ARG n 
1 102 ARG n 
1 103 THR n 
1 104 TYR n 
1 105 GLY n 
1 106 ASP n 
1 107 PRO n 
1 108 PHE n 
1 109 LYS n 
1 110 ASP n 
1 111 PHE n 
1 112 PRO n 
1 113 LYS n 
1 114 LEU n 
1 115 ARG n 
1 116 HIS n 
1 117 GLY n 
1 118 ASP n 
1 119 GLU n 
1 120 VAL n 
1 121 VAL n 
1 122 LEU n 
1 123 THR n 
1 124 ASP n 
1 125 GLY n 
1 126 THR n 
1 127 THR n 
1 128 TRP n 
1 129 PHE n 
1 130 THR n 
1 131 TYR n 
1 132 VAL n 
1 133 ILE n 
1 134 ASP n 
1 135 THR n 
1 136 GLY n 
1 137 PRO n 
1 138 TYR n 
1 139 LYS n 
1 140 THR n 
1 141 VAL n 
1 142 PRO n 
1 143 THR n 
1 144 ASP n 
1 145 VAL n 
1 146 GLU n 
1 147 VAL n 
1 148 ILE n 
1 149 ASP n 
1 150 PRO n 
1 151 VAL n 
1 152 PRO n 
1 153 ARG n 
1 154 LYS n 
1 155 SER n 
1 156 GLY n 
1 157 TYR n 
1 158 GLU n 
1 159 ARG n 
1 160 GLU n 
1 161 GLY n 
1 162 ARG n 
1 163 TYR n 
1 164 LEU n 
1 165 THR n 
1 166 LEU n 
1 167 VAL n 
1 168 THR n 
1 169 CYS n 
1 170 GLU n 
1 171 PRO n 
1 172 GLU n 
1 173 TRP n 
1 174 GLY n 
1 175 HIS n 
1 176 SER n 
1 177 HIS n 
1 178 ARG n 
1 179 LEU n 
1 180 ILE n 
1 181 VAL n 
1 182 TRP n 
1 183 ALA n 
1 184 HIS n 
1 185 LEU n 
1 186 ASP n 
1 187 SER n 
1 188 THR n 
1 189 GLN n 
1 190 PRO n 
1 191 VAL n 
1 192 GLU n 
1 193 ALA n 
1 194 GLY n 
1 195 LYS n 
1 196 PRO n 
1 197 GLU n 
1 198 ALA n 
1 199 LEU n 
1 200 ARG n 
1 201 ARG n 
# 
_entity_src_gen.entity_id                          1 
_entity_src_gen.pdbx_src_id                        1 
_entity_src_gen.pdbx_alt_source_flag               sample 
_entity_src_gen.pdbx_seq_type                      'Biological sequence' 
_entity_src_gen.pdbx_beg_seq_num                   1 
_entity_src_gen.pdbx_end_seq_num                   201 
_entity_src_gen.gene_src_common_name               ? 
_entity_src_gen.gene_src_genus                     ? 
_entity_src_gen.pdbx_gene_src_gene                 SAVERM_4333 
_entity_src_gen.gene_src_species                   ? 
_entity_src_gen.gene_src_strain                    
'ATCC 31267 / DSM 46492 / JCM 5070 / NBRC 14893 / NCIMB 12804 / NRRL 8165 / MA-4680' 
_entity_src_gen.gene_src_tissue                    ? 
_entity_src_gen.gene_src_tissue_fraction           ? 
_entity_src_gen.gene_src_details                   ? 
_entity_src_gen.pdbx_gene_src_fragment             ? 
_entity_src_gen.pdbx_gene_src_scientific_name      
'Streptomyces avermitilis (strain ATCC 31267 / DSM 46492 / JCM 5070 / NBRC 14893 / NCIMB 12804 / NRRL 8165 / MA-4680)' 
_entity_src_gen.pdbx_gene_src_ncbi_taxonomy_id     227882 
_entity_src_gen.pdbx_gene_src_variant              ? 
_entity_src_gen.pdbx_gene_src_cell_line            ? 
_entity_src_gen.pdbx_gene_src_atcc                 'ATCC 31267D5' 
_entity_src_gen.pdbx_gene_src_organ                ? 
_entity_src_gen.pdbx_gene_src_organelle            ? 
_entity_src_gen.pdbx_gene_src_cell                 ? 
_entity_src_gen.pdbx_gene_src_cellular_location    ? 
_entity_src_gen.host_org_common_name               ? 
_entity_src_gen.pdbx_host_org_scientific_name      'Escherichia coli' 
_entity_src_gen.pdbx_host_org_ncbi_taxonomy_id     562 
_entity_src_gen.host_org_genus                     ? 
_entity_src_gen.pdbx_host_org_gene                 ? 
_entity_src_gen.pdbx_host_org_organ                ? 
_entity_src_gen.host_org_species                   ? 
_entity_src_gen.pdbx_host_org_tissue               ? 
_entity_src_gen.pdbx_host_org_tissue_fraction      ? 
_entity_src_gen.pdbx_host_org_strain               BL21-CodonPlus-RP 
_entity_src_gen.pdbx_host_org_variant              ? 
_entity_src_gen.pdbx_host_org_cell_line            ? 
_entity_src_gen.pdbx_host_org_atcc                 ? 
_entity_src_gen.pdbx_host_org_culture_collection   ? 
_entity_src_gen.pdbx_host_org_cell                 ? 
_entity_src_gen.pdbx_host_org_organelle            ? 
_entity_src_gen.pdbx_host_org_cellular_location    ? 
_entity_src_gen.pdbx_host_org_vector_type          plasmid 
_entity_src_gen.pdbx_host_org_vector               ? 
_entity_src_gen.host_org_details                   ? 
_entity_src_gen.expression_system_id               ? 
_entity_src_gen.plasmid_name                       'pET28b(+)' 
_entity_src_gen.plasmid_details                    ? 
_entity_src_gen.pdbx_description                   ? 
# 
_struct_ref.id                         1 
_struct_ref.db_name                    UNP 
_struct_ref.db_code                    Q82FC3_STRAW 
_struct_ref.pdbx_db_accession          Q82FC3 
_struct_ref.pdbx_db_isoform            ? 
_struct_ref.entity_id                  1 
_struct_ref.pdbx_seq_one_letter_code   
;KGTVRPTAAPGASARTSPEKPAPYTYGKPFAVMYIPRLGFTWNKPVLEGTGTEVLKKGLGHYANTARLGQKGNFAVAGHR
RTYGDPFKDFPKLRHGDEVVLTDGTTWFTYVIDTGPYKTVPTDVEVIDPVPRKSGYEREGRYLTLTTCEPEWGHSHRLIV
WAHLDSTQPVEAGKPEALRR
;
_struct_ref.pdbx_align_begin           51 
# 
_struct_ref_seq.align_id                      1 
_struct_ref_seq.ref_id                        1 
_struct_ref_seq.pdbx_PDB_id_code              5GO6 
_struct_ref_seq.pdbx_strand_id                A 
_struct_ref_seq.seq_align_beg                 22 
_struct_ref_seq.pdbx_seq_align_beg_ins_code   ? 
_struct_ref_seq.seq_align_end                 201 
_struct_ref_seq.pdbx_seq_align_end_ins_code   ? 
_struct_ref_seq.pdbx_db_accession             Q82FC3 
_struct_ref_seq.db_align_beg                  51 
_struct_ref_seq.pdbx_db_align_beg_ins_code    ? 
_struct_ref_seq.db_align_end                  230 
_struct_ref_seq.pdbx_db_align_end_ins_code    ? 
_struct_ref_seq.pdbx_auth_seq_align_beg       51 
_struct_ref_seq.pdbx_auth_seq_align_end       230 
# 
loop_
_struct_ref_seq_dif.align_id 
_struct_ref_seq_dif.pdbx_pdb_id_code 
_struct_ref_seq_dif.mon_id 
_struct_ref_seq_dif.pdbx_pdb_strand_id 
_struct_ref_seq_dif.seq_num 
_struct_ref_seq_dif.pdbx_pdb_ins_code 
_struct_ref_seq_dif.pdbx_seq_db_name 
_struct_ref_seq_dif.pdbx_seq_db_accession_code 
_struct_ref_seq_dif.db_mon_id 
_struct_ref_seq_dif.pdbx_seq_db_seq_num 
_struct_ref_seq_dif.details 
_struct_ref_seq_dif.pdbx_auth_seq_num 
_struct_ref_seq_dif.pdbx_ordinal 
1 5GO6 MET A 1   ? UNP Q82FC3 ?   ?   'expression tag'      30  1  
1 5GO6 GLY A 2   ? UNP Q82FC3 ?   ?   'expression tag'      31  2  
1 5GO6 SER A 3   ? UNP Q82FC3 ?   ?   'expression tag'      32  3  
1 5GO6 SER A 4   ? UNP Q82FC3 ?   ?   'expression tag'      33  4  
1 5GO6 HIS A 5   ? UNP Q82FC3 ?   ?   'expression tag'      34  5  
1 5GO6 HIS A 6   ? UNP Q82FC3 ?   ?   'expression tag'      35  6  
1 5GO6 HIS A 7   ? UNP Q82FC3 ?   ?   'expression tag'      36  7  
1 5GO6 HIS A 8   ? UNP Q82FC3 ?   ?   'expression tag'      37  8  
1 5GO6 HIS A 9   ? UNP Q82FC3 ?   ?   'expression tag'      38  9  
1 5GO6 HIS A 10  ? UNP Q82FC3 ?   ?   'expression tag'      39  10 
1 5GO6 SER A 11  ? UNP Q82FC3 ?   ?   'expression tag'      40  11 
1 5GO6 SER A 12  ? UNP Q82FC3 ?   ?   'expression tag'      41  12 
1 5GO6 GLY A 13  ? UNP Q82FC3 ?   ?   'expression tag'      42  13 
1 5GO6 LEU A 14  ? UNP Q82FC3 ?   ?   'expression tag'      43  14 
1 5GO6 VAL A 15  ? UNP Q82FC3 ?   ?   'expression tag'      44  15 
1 5GO6 PRO A 16  ? UNP Q82FC3 ?   ?   'expression tag'      45  16 
1 5GO6 ARG A 17  ? UNP Q82FC3 ?   ?   'expression tag'      46  17 
1 5GO6 GLY A 18  ? UNP Q82FC3 ?   ?   'expression tag'      47  18 
1 5GO6 SER A 19  ? UNP Q82FC3 ?   ?   'expression tag'      48  19 
1 5GO6 HIS A 20  ? UNP Q82FC3 ?   ?   'expression tag'      49  20 
1 5GO6 MET A 21  ? UNP Q82FC3 ?   ?   'expression tag'      50  21 
1 5GO6 VAL A 167 ? UNP Q82FC3 THR 196 'engineered mutation' 196 22 
# 
loop_
_chem_comp.id 
_chem_comp.type 
_chem_comp.mon_nstd_flag 
_chem_comp.name 
_chem_comp.pdbx_synonyms 
_chem_comp.formula 
_chem_comp.formula_weight 
ALA 'L-peptide linking' y ALANINE         ? 'C3 H7 N O2'     89.093  
ARG 'L-peptide linking' y ARGININE        ? 'C6 H15 N4 O2 1' 175.209 
ASN 'L-peptide linking' y ASPARAGINE      ? 'C4 H8 N2 O3'    132.118 
ASP 'L-peptide linking' y 'ASPARTIC ACID' ? 'C4 H7 N O4'     133.103 
CYS 'L-peptide linking' y CYSTEINE        ? 'C3 H7 N O2 S'   121.158 
GLN 'L-peptide linking' y GLUTAMINE       ? 'C5 H10 N2 O3'   146.144 
GLU 'L-peptide linking' y 'GLUTAMIC ACID' ? 'C5 H9 N O4'     147.129 
GLY 'peptide linking'   y GLYCINE         ? 'C2 H5 N O2'     75.067  
HIS 'L-peptide linking' y HISTIDINE       ? 'C6 H10 N3 O2 1' 156.162 
HOH non-polymer         . WATER           ? 'H2 O'           18.015  
ILE 'L-peptide linking' y ISOLEUCINE      ? 'C6 H13 N O2'    131.173 
LEU 'L-peptide linking' y LEUCINE         ? 'C6 H13 N O2'    131.173 
LYS 'L-peptide linking' y LYSINE          ? 'C6 H15 N2 O2 1' 147.195 
MET 'L-peptide linking' y METHIONINE      ? 'C5 H11 N O2 S'  149.211 
PHE 'L-peptide linking' y PHENYLALANINE   ? 'C9 H11 N O2'    165.189 
PRO 'L-peptide linking' y PROLINE         ? 'C5 H9 N O2'     115.130 
SER 'L-peptide linking' y SERINE          ? 'C3 H7 N O3'     105.093 
SO4 non-polymer         . 'SULFATE ION'   ? 'O4 S -2'        96.063  
THR 'L-peptide linking' y THREONINE       ? 'C4 H9 N O3'     119.119 
TRP 'L-peptide linking' y TRYPTOPHAN      ? 'C11 H12 N2 O2'  204.225 
TYR 'L-peptide linking' y TYROSINE        ? 'C9 H11 N O3'    181.189 
VAL 'L-peptide linking' y VALINE          ? 'C5 H11 N O2'    117.146 
# 
_exptl.absorpt_coefficient_mu     ? 
_exptl.absorpt_correction_T_max   ? 
_exptl.absorpt_correction_T_min   ? 
_exptl.absorpt_correction_type    ? 
_exptl.absorpt_process_details    ? 
_exptl.entry_id                   5GO6 
_exptl.crystals_number            1 
_exptl.details                    ? 
_exptl.method                     'X-RAY DIFFRACTION' 
_exptl.method_details             ? 
# 
_exptl_crystal.colour                      ? 
_exptl_crystal.density_diffrn              ? 
_exptl_crystal.density_Matthews            2.25 
_exptl_crystal.density_method              ? 
_exptl_crystal.density_percent_sol         45.25 
_exptl_crystal.description                 ? 
_exptl_crystal.F_000                       ? 
_exptl_crystal.id                          1 
_exptl_crystal.preparation                 ? 
_exptl_crystal.size_max                    ? 
_exptl_crystal.size_mid                    ? 
_exptl_crystal.size_min                    ? 
_exptl_crystal.size_rad                    ? 
_exptl_crystal.colour_lustre               ? 
_exptl_crystal.colour_modifier             ? 
_exptl_crystal.colour_primary              ? 
_exptl_crystal.density_meas                ? 
_exptl_crystal.density_meas_esd            ? 
_exptl_crystal.density_meas_gt             ? 
_exptl_crystal.density_meas_lt             ? 
_exptl_crystal.density_meas_temp           ? 
_exptl_crystal.density_meas_temp_esd       ? 
_exptl_crystal.density_meas_temp_gt        ? 
_exptl_crystal.density_meas_temp_lt        ? 
_exptl_crystal.pdbx_crystal_image_url      ? 
_exptl_crystal.pdbx_crystal_image_format   ? 
_exptl_crystal.pdbx_mosaicity              ? 
_exptl_crystal.pdbx_mosaicity_esd          ? 
# 
_exptl_crystal_grow.apparatus       ? 
_exptl_crystal_grow.atmosphere      ? 
_exptl_crystal_grow.crystal_id      1 
_exptl_crystal_grow.details         ? 
_exptl_crystal_grow.method          'VAPOR DIFFUSION, HANGING DROP' 
_exptl_crystal_grow.method_ref      ? 
_exptl_crystal_grow.pH              3.75 
_exptl_crystal_grow.pressure        ? 
_exptl_crystal_grow.pressure_esd    ? 
_exptl_crystal_grow.seeding         ? 
_exptl_crystal_grow.seeding_ref     ? 
_exptl_crystal_grow.temp            293 
_exptl_crystal_grow.temp_details    ? 
_exptl_crystal_grow.temp_esd        ? 
_exptl_crystal_grow.time            ? 
_exptl_crystal_grow.pdbx_details    '1.6M ammonium sulfate, 0.1M citric acid pH 3.75' 
_exptl_crystal_grow.pdbx_pH_range   ? 
# 
_diffrn.ambient_environment    ? 
_diffrn.ambient_temp           100 
_diffrn.ambient_temp_details   ? 
_diffrn.ambient_temp_esd       ? 
_diffrn.crystal_id             1 
_diffrn.crystal_support        ? 
_diffrn.crystal_treatment      ? 
_diffrn.details                ? 
_diffrn.id                     1 
_diffrn.ambient_pressure       ? 
_diffrn.ambient_pressure_esd   ? 
_diffrn.ambient_pressure_gt    ? 
_diffrn.ambient_pressure_lt    ? 
_diffrn.ambient_temp_gt        ? 
_diffrn.ambient_temp_lt        ? 
# 
_diffrn_detector.details                      'bent collimating mirror and toroid' 
_diffrn_detector.detector                     CCD 
_diffrn_detector.diffrn_id                    1 
_diffrn_detector.type                         'MARMOSAIC 225 mm CCD' 
_diffrn_detector.area_resol_mean              ? 
_diffrn_detector.dtime                        ? 
_diffrn_detector.pdbx_frames_total            ? 
_diffrn_detector.pdbx_collection_time_total   ? 
_diffrn_detector.pdbx_collection_date         2015-04-15 
# 
_diffrn_radiation.collimation                      ? 
_diffrn_radiation.diffrn_id                        1 
_diffrn_radiation.filter_edge                      ? 
_diffrn_radiation.inhomogeneity                    ? 
_diffrn_radiation.monochromator                    'SI(111)' 
_diffrn_radiation.polarisn_norm                    ? 
_diffrn_radiation.polarisn_ratio                   ? 
_diffrn_radiation.probe                            ? 
_diffrn_radiation.type                             ? 
_diffrn_radiation.xray_symbol                      ? 
_diffrn_radiation.wavelength_id                    1 
_diffrn_radiation.pdbx_monochromatic_or_laue_m_l   M 
_diffrn_radiation.pdbx_wavelength_list             ? 
_diffrn_radiation.pdbx_wavelength                  ? 
_diffrn_radiation.pdbx_diffrn_protocol             'SINGLE WAVELENGTH' 
_diffrn_radiation.pdbx_analyzer                    ? 
_diffrn_radiation.pdbx_scattering_type             x-ray 
# 
_diffrn_radiation_wavelength.id           1 
_diffrn_radiation_wavelength.wavelength   0.95372 
_diffrn_radiation_wavelength.wt           1.0 
# 
_diffrn_source.current                     ? 
_diffrn_source.details                     ? 
_diffrn_source.diffrn_id                   1 
_diffrn_source.power                       ? 
_diffrn_source.size                        ? 
_diffrn_source.source                      SYNCHROTRON 
_diffrn_source.target                      ? 
_diffrn_source.type                        'ESRF BEAMLINE BM14' 
_diffrn_source.voltage                     ? 
_diffrn_source.take-off_angle              ? 
_diffrn_source.pdbx_wavelength_list        0.95372 
_diffrn_source.pdbx_wavelength             ? 
_diffrn_source.pdbx_synchrotron_beamline   BM14 
_diffrn_source.pdbx_synchrotron_site       ESRF 
# 
_reflns.B_iso_Wilson_estimate            34.0 
_reflns.entry_id                         5GO6 
_reflns.data_reduction_details           ? 
_reflns.data_reduction_method            ? 
_reflns.d_resolution_high                1.70 
_reflns.d_resolution_low                 50.00 
_reflns.details                          ? 
_reflns.limit_h_max                      ? 
_reflns.limit_h_min                      ? 
_reflns.limit_k_max                      ? 
_reflns.limit_k_min                      ? 
_reflns.limit_l_max                      ? 
_reflns.limit_l_min                      ? 
_reflns.number_all                       ? 
_reflns.number_obs                       22502 
_reflns.observed_criterion               ? 
_reflns.observed_criterion_F_max         ? 
_reflns.observed_criterion_F_min         ? 
_reflns.observed_criterion_I_max         ? 
_reflns.observed_criterion_I_min         ? 
_reflns.observed_criterion_sigma_F       ? 
_reflns.observed_criterion_sigma_I       ? 
_reflns.percent_possible_obs             99.9 
_reflns.R_free_details                   ? 
_reflns.Rmerge_F_all                     ? 
_reflns.Rmerge_F_obs                     ? 
_reflns.Friedel_coverage                 ? 
_reflns.number_gt                        ? 
_reflns.threshold_expression             ? 
_reflns.pdbx_redundancy                  12.2 
_reflns.pdbx_Rmerge_I_obs                0.065 
_reflns.pdbx_Rmerge_I_all                ? 
_reflns.pdbx_Rsym_value                  ? 
_reflns.pdbx_netI_over_av_sigmaI         ? 
_reflns.pdbx_netI_over_sigmaI            39.1 
_reflns.pdbx_res_netI_over_av_sigmaI_2   ? 
_reflns.pdbx_res_netI_over_sigmaI_2      ? 
_reflns.pdbx_chi_squared                 ? 
_reflns.pdbx_scaling_rejects             ? 
_reflns.pdbx_d_res_high_opt              ? 
_reflns.pdbx_d_res_low_opt               ? 
_reflns.pdbx_d_res_opt_method            ? 
_reflns.phase_calculation_details        ? 
_reflns.pdbx_Rrim_I_all                  ? 
_reflns.pdbx_Rpim_I_all                  ? 
_reflns.pdbx_d_opt                       ? 
_reflns.pdbx_number_measured_all         ? 
_reflns.pdbx_diffrn_id                   1 
_reflns.pdbx_ordinal                     1 
_reflns.pdbx_CC_half                     0.982 
_reflns.pdbx_R_split                     ? 
# 
_reflns_shell.d_res_high                  1.70 
_reflns_shell.d_res_low                   1.73 
_reflns_shell.meanI_over_sigI_all         ? 
_reflns_shell.meanI_over_sigI_obs         2.77 
_reflns_shell.number_measured_all         ? 
_reflns_shell.number_measured_obs         ? 
_reflns_shell.number_possible             ? 
_reflns_shell.number_unique_all           ? 
_reflns_shell.number_unique_obs           ? 
_reflns_shell.percent_possible_all        100 
_reflns_shell.percent_possible_obs        ? 
_reflns_shell.Rmerge_F_all                ? 
_reflns_shell.Rmerge_F_obs                ? 
_reflns_shell.Rmerge_I_all                ? 
_reflns_shell.Rmerge_I_obs                ? 
_reflns_shell.meanI_over_sigI_gt          ? 
_reflns_shell.meanI_over_uI_all           ? 
_reflns_shell.meanI_over_uI_gt            ? 
_reflns_shell.number_measured_gt          ? 
_reflns_shell.number_unique_gt            ? 
_reflns_shell.percent_possible_gt         ? 
_reflns_shell.Rmerge_F_gt                 ? 
_reflns_shell.Rmerge_I_gt                 ? 
_reflns_shell.pdbx_redundancy             10.7 
_reflns_shell.pdbx_Rsym_value             ? 
_reflns_shell.pdbx_chi_squared            ? 
_reflns_shell.pdbx_netI_over_sigmaI_all   ? 
_reflns_shell.pdbx_netI_over_sigmaI_obs   ? 
_reflns_shell.pdbx_Rrim_I_all             ? 
_reflns_shell.pdbx_Rpim_I_all             ? 
_reflns_shell.pdbx_rejects                ? 
_reflns_shell.pdbx_ordinal                1 
_reflns_shell.pdbx_diffrn_id              1 
_reflns_shell.pdbx_CC_half                0.877 
_reflns_shell.pdbx_R_split                ? 
# 
_refine.pdbx_refine_id                           'X-RAY DIFFRACTION' 
_refine.entry_id                                 5GO6 
_refine.pdbx_diffrn_id                           1 
_refine.pdbx_TLS_residual_ADP_flag               ? 
_refine.ls_number_reflns_obs                     21161 
_refine.ls_number_reflns_all                     ? 
_refine.pdbx_ls_sigma_I                          ? 
_refine.pdbx_ls_sigma_F                          ? 
_refine.pdbx_data_cutoff_high_absF               ? 
_refine.pdbx_data_cutoff_low_absF                ? 
_refine.pdbx_data_cutoff_high_rms_absF           ? 
_refine.ls_d_res_low                             50.01 
_refine.ls_d_res_high                            1.70 
_refine.ls_percent_reflns_obs                    99.87 
_refine.ls_R_factor_obs                          0.17435 
_refine.ls_R_factor_all                          ? 
_refine.ls_R_factor_R_work                       0.17277 
_refine.ls_R_factor_R_free                       0.20600 
_refine.ls_R_factor_R_free_error                 ? 
_refine.ls_R_factor_R_free_error_details         ? 
_refine.ls_percent_reflns_R_free                 5.0 
_refine.ls_number_reflns_R_free                  1106 
_refine.ls_number_parameters                     ? 
_refine.ls_number_restraints                     ? 
_refine.occupancy_min                            ? 
_refine.occupancy_max                            ? 
_refine.correlation_coeff_Fo_to_Fc               0.970 
_refine.correlation_coeff_Fo_to_Fc_free          0.961 
_refine.B_iso_mean                               33.081 
_refine.aniso_B[1][1]                            0.66 
_refine.aniso_B[2][2]                            0.66 
_refine.aniso_B[3][3]                            -2.13 
_refine.aniso_B[1][2]                            0.33 
_refine.aniso_B[1][3]                            -0.00 
_refine.aniso_B[2][3]                            0.00 
_refine.solvent_model_details                    MASK 
_refine.solvent_model_param_ksol                 ? 
_refine.solvent_model_param_bsol                 ? 
_refine.pdbx_solvent_vdw_probe_radii             1.20 
_refine.pdbx_solvent_ion_probe_radii             0.80 
_refine.pdbx_solvent_shrinkage_radii             0.80 
_refine.pdbx_ls_cross_valid_method               THROUGHOUT 
_refine.details                                  'HYDROGENS HAVE BEEN ADDED IN THE RIDING POSITIONS' 
_refine.pdbx_starting_model                      5GO5 
_refine.pdbx_method_to_determine_struct          'MOLECULAR REPLACEMENT' 
_refine.pdbx_isotropic_thermal_model             ? 
_refine.pdbx_stereochemistry_target_values       'MAXIMUM LIKELIHOOD' 
_refine.pdbx_stereochem_target_val_spec_case     ? 
_refine.pdbx_R_Free_selection_details            RANDOM 
_refine.pdbx_overall_ESU_R                       0.086 
_refine.pdbx_overall_ESU_R_Free                  0.089 
_refine.overall_SU_ML                            0.059 
_refine.pdbx_overall_phase_error                 ? 
_refine.overall_SU_B                             1.783 
_refine.overall_SU_R_Cruickshank_DPI             ? 
_refine.pdbx_overall_SU_R_free_Cruickshank_DPI   ? 
_refine.pdbx_overall_SU_R_Blow_DPI               ? 
_refine.pdbx_overall_SU_R_free_Blow_DPI          ? 
# 
_refine_hist.pdbx_refine_id                   'X-RAY DIFFRACTION' 
_refine_hist.cycle_id                         LAST 
_refine_hist.pdbx_number_atoms_protein        1187 
_refine_hist.pdbx_number_atoms_nucleic_acid   0 
_refine_hist.pdbx_number_atoms_ligand         10 
_refine_hist.number_atoms_solvent             98 
_refine_hist.number_atoms_total               1295 
_refine_hist.d_res_high                       1.70 
_refine_hist.d_res_low                        50.01 
# 
loop_
_refine_ls_restr.type 
_refine_ls_restr.dev_ideal 
_refine_ls_restr.dev_ideal_target 
_refine_ls_restr.weight 
_refine_ls_restr.number 
_refine_ls_restr.pdbx_refine_id 
_refine_ls_restr.pdbx_restraint_function 
r_bond_refined_d             0.019  0.019  ? 1246 'X-RAY DIFFRACTION' ? 
r_bond_other_d               0.002  0.020  ? 1168 'X-RAY DIFFRACTION' ? 
r_angle_refined_deg          1.895  1.962  ? 1698 'X-RAY DIFFRACTION' ? 
r_angle_other_deg            0.989  3.000  ? 2689 'X-RAY DIFFRACTION' ? 
r_dihedral_angle_1_deg       6.405  5.000  ? 152  'X-RAY DIFFRACTION' ? 
r_dihedral_angle_2_deg       34.353 22.037 ? 54   'X-RAY DIFFRACTION' ? 
r_dihedral_angle_3_deg       11.434 15.000 ? 195  'X-RAY DIFFRACTION' ? 
r_dihedral_angle_4_deg       15.345 15.000 ? 10   'X-RAY DIFFRACTION' ? 
r_chiral_restr               0.111  0.200  ? 184  'X-RAY DIFFRACTION' ? 
r_gen_planes_refined         0.012  0.021  ? 1375 'X-RAY DIFFRACTION' ? 
r_gen_planes_other           0.001  0.020  ? 293  'X-RAY DIFFRACTION' ? 
r_nbd_refined                ?      ?      ? ?    'X-RAY DIFFRACTION' ? 
r_nbd_other                  ?      ?      ? ?    'X-RAY DIFFRACTION' ? 
r_nbtor_refined              ?      ?      ? ?    'X-RAY DIFFRACTION' ? 
r_nbtor_other                ?      ?      ? ?    'X-RAY DIFFRACTION' ? 
r_xyhbond_nbd_refined        ?      ?      ? ?    'X-RAY DIFFRACTION' ? 
r_xyhbond_nbd_other          ?      ?      ? ?    'X-RAY DIFFRACTION' ? 
r_metal_ion_refined          ?      ?      ? ?    'X-RAY DIFFRACTION' ? 
r_metal_ion_other            ?      ?      ? ?    'X-RAY DIFFRACTION' ? 
r_symmetry_vdw_refined       ?      ?      ? ?    'X-RAY DIFFRACTION' ? 
r_symmetry_vdw_other         ?      ?      ? ?    'X-RAY DIFFRACTION' ? 
r_symmetry_hbond_refined     ?      ?      ? ?    'X-RAY DIFFRACTION' ? 
r_symmetry_hbond_other       ?      ?      ? ?    'X-RAY DIFFRACTION' ? 
r_symmetry_metal_ion_refined ?      ?      ? ?    'X-RAY DIFFRACTION' ? 
r_symmetry_metal_ion_other   ?      ?      ? ?    'X-RAY DIFFRACTION' ? 
r_mcbond_it                  2.850  2.906  ? 602  'X-RAY DIFFRACTION' ? 
r_mcbond_other               2.779  2.900  ? 601  'X-RAY DIFFRACTION' ? 
r_mcangle_it                 3.906  4.329  ? 750  'X-RAY DIFFRACTION' ? 
r_mcangle_other              3.904  4.335  ? 751  'X-RAY DIFFRACTION' ? 
r_scbond_it                  4.301  3.490  ? 644  'X-RAY DIFFRACTION' ? 
r_scbond_other               4.227  3.464  ? 637  'X-RAY DIFFRACTION' ? 
r_scangle_it                 ?      ?      ? ?    'X-RAY DIFFRACTION' ? 
r_scangle_other              6.420  4.961  ? 935  'X-RAY DIFFRACTION' ? 
r_long_range_B_refined       8.303  35.518 ? 1386 'X-RAY DIFFRACTION' ? 
r_long_range_B_other         8.164  34.689 ? 1350 'X-RAY DIFFRACTION' ? 
r_rigid_bond_restr           ?      ?      ? ?    'X-RAY DIFFRACTION' ? 
r_sphericity_free            ?      ?      ? ?    'X-RAY DIFFRACTION' ? 
r_sphericity_bonded          ?      ?      ? ?    'X-RAY DIFFRACTION' ? 
# 
_refine_ls_shell.pdbx_refine_id                   'X-RAY DIFFRACTION' 
_refine_ls_shell.pdbx_total_number_of_bins_used   20 
_refine_ls_shell.d_res_high                       1.700 
_refine_ls_shell.d_res_low                        1.744 
_refine_ls_shell.number_reflns_R_work             1548 
_refine_ls_shell.R_factor_R_work                  0.220 
_refine_ls_shell.percent_reflns_obs               99.94 
_refine_ls_shell.R_factor_R_free                  0.297 
_refine_ls_shell.R_factor_R_free_error            ? 
_refine_ls_shell.percent_reflns_R_free            ? 
_refine_ls_shell.number_reflns_R_free             80 
_refine_ls_shell.number_reflns_all                ? 
_refine_ls_shell.R_factor_all                     ? 
_refine_ls_shell.R_factor_obs                     ? 
_refine_ls_shell.number_reflns_obs                ? 
# 
_struct.entry_id                     5GO6 
_struct.title                        'Structure of sortase E T196V mutant from Streptomyces avermitilis' 
_struct.pdbx_model_details           ? 
_struct.pdbx_formula_weight          ? 
_struct.pdbx_formula_weight_method   ? 
_struct.pdbx_model_type_details      ? 
_struct.pdbx_CASP_flag               N 
# 
_struct_keywords.entry_id        5GO6 
_struct_keywords.text            'beta barrel, sortase-fold, cysteine transpeptidase, T196V mutant, HYDROLASE' 
_struct_keywords.pdbx_keywords   HYDROLASE 
# 
loop_
_struct_asym.id 
_struct_asym.pdbx_blank_PDB_chainid_flag 
_struct_asym.pdbx_modified 
_struct_asym.entity_id 
_struct_asym.details 
A N N 1 ? 
B N N 2 ? 
C N N 2 ? 
D N N 3 ? 
# 
loop_
_struct_conf.conf_type_id 
_struct_conf.id 
_struct_conf.pdbx_PDB_helix_id 
_struct_conf.beg_label_comp_id 
_struct_conf.beg_label_asym_id 
_struct_conf.beg_label_seq_id 
_struct_conf.pdbx_beg_PDB_ins_code 
_struct_conf.end_label_comp_id 
_struct_conf.end_label_asym_id 
_struct_conf.end_label_seq_id 
_struct_conf.pdbx_end_PDB_ins_code 
_struct_conf.beg_auth_comp_id 
_struct_conf.beg_auth_asym_id 
_struct_conf.beg_auth_seq_id 
_struct_conf.end_auth_comp_id 
_struct_conf.end_auth_asym_id 
_struct_conf.end_auth_seq_id 
_struct_conf.pdbx_PDB_helix_class 
_struct_conf.details 
_struct_conf.pdbx_PDB_helix_length 
HELX_P HELX_P1 AA1 ILE A 56  ? GLY A 60  ? ILE A 85  GLY A 89  5 ? 5 
HELX_P HELX_P2 AA2 GLY A 72  ? LYS A 77  ? GLY A 101 LYS A 106 1 ? 6 
HELX_P HELX_P3 AA3 ASP A 110 ? LEU A 114 ? ASP A 139 LEU A 143 5 ? 5 
HELX_P HELX_P4 AA4 ASP A 144 ? ASP A 149 ? ASP A 173 ASP A 178 5 ? 6 
HELX_P HELX_P5 AA5 PRO A 152 ? GLY A 156 ? PRO A 181 GLY A 185 5 ? 5 
HELX_P HELX_P6 AA6 GLU A 192 ? GLY A 194 ? GLU A 221 GLY A 223 5 ? 3 
HELX_P HELX_P7 AA7 PRO A 196 ? ARG A 200 ? PRO A 225 ARG A 229 5 ? 5 
# 
_struct_conf_type.id          HELX_P 
_struct_conf_type.criteria    ? 
_struct_conf_type.reference   ? 
# 
_struct_mon_prot_cis.pdbx_id                1 
_struct_mon_prot_cis.label_comp_id          GLY 
_struct_mon_prot_cis.label_seq_id           136 
_struct_mon_prot_cis.label_asym_id          A 
_struct_mon_prot_cis.label_alt_id           . 
_struct_mon_prot_cis.pdbx_PDB_ins_code      ? 
_struct_mon_prot_cis.auth_comp_id           GLY 
_struct_mon_prot_cis.auth_seq_id            165 
_struct_mon_prot_cis.auth_asym_id           A 
_struct_mon_prot_cis.pdbx_label_comp_id_2   PRO 
_struct_mon_prot_cis.pdbx_label_seq_id_2    137 
_struct_mon_prot_cis.pdbx_label_asym_id_2   A 
_struct_mon_prot_cis.pdbx_PDB_ins_code_2    ? 
_struct_mon_prot_cis.pdbx_auth_comp_id_2    PRO 
_struct_mon_prot_cis.pdbx_auth_seq_id_2     166 
_struct_mon_prot_cis.pdbx_auth_asym_id_2    A 
_struct_mon_prot_cis.pdbx_PDB_model_num     1 
_struct_mon_prot_cis.pdbx_omega_angle       3.82 
# 
_struct_sheet.id               AA1 
_struct_sheet.type             ? 
_struct_sheet.number_strands   9 
_struct_sheet.details          ? 
# 
loop_
_struct_sheet_order.sheet_id 
_struct_sheet_order.range_id_1 
_struct_sheet_order.range_id_2 
_struct_sheet_order.offset 
_struct_sheet_order.sense 
AA1 1 2 ? anti-parallel 
AA1 2 3 ? parallel      
AA1 3 4 ? anti-parallel 
AA1 4 5 ? parallel      
AA1 5 6 ? anti-parallel 
AA1 6 7 ? anti-parallel 
AA1 7 8 ? anti-parallel 
AA1 8 9 ? anti-parallel 
# 
loop_
_struct_sheet_range.sheet_id 
_struct_sheet_range.id 
_struct_sheet_range.beg_label_comp_id 
_struct_sheet_range.beg_label_asym_id 
_struct_sheet_range.beg_label_seq_id 
_struct_sheet_range.pdbx_beg_PDB_ins_code 
_struct_sheet_range.end_label_comp_id 
_struct_sheet_range.end_label_asym_id 
_struct_sheet_range.end_label_seq_id 
_struct_sheet_range.pdbx_end_PDB_ins_code 
_struct_sheet_range.beg_auth_comp_id 
_struct_sheet_range.beg_auth_asym_id 
_struct_sheet_range.beg_auth_seq_id 
_struct_sheet_range.end_auth_comp_id 
_struct_sheet_range.end_auth_asym_id 
_struct_sheet_range.end_auth_seq_id 
AA1 1 PRO A 50  ? TYR A 55  ? PRO A 79  TYR A 84  
AA1 2 LYS A 65  ? GLU A 69  ? LYS A 94  GLU A 98  
AA1 3 LEU A 80  ? HIS A 82  ? LEU A 109 HIS A 111 
AA1 4 GLY A 93  ? GLY A 99  ? GLY A 122 GLY A 128 
AA1 5 ARG A 162 ? THR A 168 ? ARG A 191 THR A 197 
AA1 6 ARG A 178 ? PRO A 190 ? ARG A 207 PRO A 219 
AA1 7 THR A 127 ? THR A 140 ? THR A 156 THR A 169 
AA1 8 GLU A 119 ? THR A 123 ? GLU A 148 THR A 152 
AA1 9 PRO A 50  ? TYR A 55  ? PRO A 79  TYR A 84  
# 
loop_
_pdbx_struct_sheet_hbond.sheet_id 
_pdbx_struct_sheet_hbond.range_id_1 
_pdbx_struct_sheet_hbond.range_id_2 
_pdbx_struct_sheet_hbond.range_1_label_atom_id 
_pdbx_struct_sheet_hbond.range_1_label_comp_id 
_pdbx_struct_sheet_hbond.range_1_label_asym_id 
_pdbx_struct_sheet_hbond.range_1_label_seq_id 
_pdbx_struct_sheet_hbond.range_1_PDB_ins_code 
_pdbx_struct_sheet_hbond.range_1_auth_atom_id 
_pdbx_struct_sheet_hbond.range_1_auth_comp_id 
_pdbx_struct_sheet_hbond.range_1_auth_asym_id 
_pdbx_struct_sheet_hbond.range_1_auth_seq_id 
_pdbx_struct_sheet_hbond.range_2_label_atom_id 
_pdbx_struct_sheet_hbond.range_2_label_comp_id 
_pdbx_struct_sheet_hbond.range_2_label_asym_id 
_pdbx_struct_sheet_hbond.range_2_label_seq_id 
_pdbx_struct_sheet_hbond.range_2_PDB_ins_code 
_pdbx_struct_sheet_hbond.range_2_auth_atom_id 
_pdbx_struct_sheet_hbond.range_2_auth_comp_id 
_pdbx_struct_sheet_hbond.range_2_auth_asym_id 
_pdbx_struct_sheet_hbond.range_2_auth_seq_id 
AA1 1 2 N MET A 54  ? N MET A 83  O LYS A 65  ? O LYS A 94  
AA1 2 3 N LEU A 68  ? N LEU A 97  O HIS A 82  ? O HIS A 111 
AA1 3 4 N GLY A 81  ? N GLY A 110 O ALA A 98  ? O ALA A 127 
AA1 4 5 N PHE A 95  ? N PHE A 124 O TYR A 163 ? O TYR A 192 
AA1 5 6 N LEU A 164 ? N LEU A 193 O ALA A 183 ? O ALA A 212 
AA1 6 7 O GLN A 189 ? O GLN A 218 N TRP A 128 ? N TRP A 157 
AA1 7 8 O PHE A 129 ? O PHE A 158 N LEU A 122 ? N LEU A 151 
AA1 8 9 O VAL A 121 ? O VAL A 150 N TYR A 55  ? N TYR A 84  
# 
loop_
_struct_site.id 
_struct_site.pdbx_evidence_code 
_struct_site.pdbx_auth_asym_id 
_struct_site.pdbx_auth_comp_id 
_struct_site.pdbx_auth_seq_id 
_struct_site.pdbx_auth_ins_code 
_struct_site.pdbx_num_residues 
_struct_site.details 
AC1 Software A SO4 301 ? 5 'binding site for residue SO4 A 301' 
AC2 Software A SO4 302 ? 6 'binding site for residue SO4 A 302' 
# 
loop_
_struct_site_gen.id 
_struct_site_gen.site_id 
_struct_site_gen.pdbx_num_res 
_struct_site_gen.label_comp_id 
_struct_site_gen.label_asym_id 
_struct_site_gen.label_seq_id 
_struct_site_gen.pdbx_auth_ins_code 
_struct_site_gen.auth_comp_id 
_struct_site_gen.auth_asym_id 
_struct_site_gen.auth_seq_id 
_struct_site_gen.label_atom_id 
_struct_site_gen.label_alt_id 
_struct_site_gen.symmetry 
_struct_site_gen.details 
1  AC1 5 HIS A 100 ? HIS A 129 . ? 1_555 ? 
2  AC1 5 ARG A 101 ? ARG A 130 . ? 1_555 ? 
3  AC1 5 ARG A 102 ? ARG A 131 . ? 1_555 ? 
4  AC1 5 THR A 103 ? THR A 132 . ? 1_555 ? 
5  AC1 5 CYS A 169 ? CYS A 198 . ? 1_555 ? 
6  AC2 6 GLY A 60  ? GLY A 89  . ? 2_454 ? 
7  AC2 6 PHE A 61  ? PHE A 90  . ? 2_454 ? 
8  AC2 6 LYS A 92  ? LYS A 121 . ? 1_555 ? 
9  AC2 6 ARG A 162 ? ARG A 191 . ? 1_555 ? 
10 AC2 6 HOH D .   ? HOH A 402 . ? 1_555 ? 
11 AC2 6 HOH D .   ? HOH A 436 . ? 1_555 ? 
# 
_atom_sites.entry_id                    5GO6 
_atom_sites.fract_transf_matrix[1][1]   0.01181240 
_atom_sites.fract_transf_matrix[1][2]   -0.00432338 
_atom_sites.fract_transf_matrix[1][3]   0.00513774 
_atom_sites.fract_transf_matrix[2][1]   0.00968783 
_atom_sites.fract_transf_matrix[2][2]   -0.00471746 
_atom_sites.fract_transf_matrix[2][3]   -0.00827636 
_atom_sites.fract_transf_matrix[3][1]   0.00782004 
_atom_sites.fract_transf_matrix[3][2]   0.01922305 
_atom_sites.fract_transf_matrix[3][3]   -0.00180329 
_atom_sites.fract_transf_vector[1]      -0.446258 
_atom_sites.fract_transf_vector[2]      -0.172409 
_atom_sites.fract_transf_vector[3]      -0.051480 
# 
loop_
_atom_type.symbol 
C 
N 
O 
S 
# 
loop_
_atom_site.group_PDB 
_atom_site.id 
_atom_site.type_symbol 
_atom_site.label_atom_id 
_atom_site.label_alt_id 
_atom_site.label_comp_id 
_atom_site.label_asym_id 
_atom_site.label_entity_id 
_atom_site.label_seq_id 
_atom_site.pdbx_PDB_ins_code 
_atom_site.Cartn_x 
_atom_site.Cartn_y 
_atom_site.Cartn_z 
_atom_site.occupancy 
_atom_site.B_iso_or_equiv 
_atom_site.pdbx_formal_charge 
_atom_site.auth_seq_id 
_atom_site.auth_comp_id 
_atom_site.auth_asym_id 
_atom_site.auth_atom_id 
_atom_site.pdbx_PDB_model_num 
ATOM   1    N N   . TYR A 1 45  ? 1.166   5.050   -15.677 1.00 41.19 ? 74  TYR A N   1 
ATOM   2    C CA  . TYR A 1 45  ? 1.111   6.177   -14.696 1.00 36.51 ? 74  TYR A CA  1 
ATOM   3    C C   . TYR A 1 45  ? 2.248   7.122   -14.944 1.00 37.78 ? 74  TYR A C   1 
ATOM   4    O O   . TYR A 1 45  ? 3.375   6.699   -15.157 1.00 36.71 ? 74  TYR A O   1 
ATOM   5    C CB  . TYR A 1 45  ? 1.318   5.657   -13.279 1.00 34.34 ? 74  TYR A CB  1 
ATOM   6    C CG  . TYR A 1 45  ? 0.297   4.710   -12.693 1.00 28.20 ? 74  TYR A CG  1 
ATOM   7    C CD1 . TYR A 1 45  ? -1.086  4.848   -12.909 1.00 29.78 ? 74  TYR A CD1 1 
ATOM   8    C CD2 . TYR A 1 45  ? 0.699   3.688   -11.822 1.00 30.19 ? 74  TYR A CD2 1 
ATOM   9    C CE1 . TYR A 1 45  ? -2.005  3.993   -12.330 1.00 30.13 ? 74  TYR A CE1 1 
ATOM   10   C CE2 . TYR A 1 45  ? -0.240  2.836   -11.243 1.00 29.56 ? 74  TYR A CE2 1 
ATOM   11   C CZ  . TYR A 1 45  ? -1.552  2.993   -11.478 1.00 27.52 ? 74  TYR A CZ  1 
ATOM   12   O OH  . TYR A 1 45  ? -2.469  2.195   -10.869 1.00 28.47 ? 74  TYR A OH  1 
ATOM   13   N N   . THR A 1 46  ? 2.011   8.401   -14.795 1.00 35.31 ? 75  THR A N   1 
ATOM   14   C CA  . THR A 1 46  ? 3.023   9.392   -15.041 1.00 36.96 ? 75  THR A CA  1 
ATOM   15   C C   . THR A 1 46  ? 3.944   9.538   -13.871 1.00 34.87 ? 75  THR A C   1 
ATOM   16   O O   . THR A 1 46  ? 3.518   9.773   -12.752 1.00 29.04 ? 75  THR A O   1 
ATOM   17   C CB  . THR A 1 46  ? 2.339   10.717  -15.390 1.00 37.64 ? 75  THR A CB  1 
ATOM   18   O OG1 . THR A 1 46  ? 1.505   10.443  -16.505 1.00 39.56 ? 75  THR A OG1 1 
ATOM   19   C CG2 . THR A 1 46  ? 3.319   11.770  -15.776 1.00 38.89 ? 75  THR A CG2 1 
ATOM   20   N N   . TYR A 1 47  ? 5.242   9.448   -14.120 1.00 33.24 ? 76  TYR A N   1 
ATOM   21   C CA  . TYR A 1 47  ? 6.217   9.515   -13.064 1.00 30.94 ? 76  TYR A CA  1 
ATOM   22   C C   . TYR A 1 47  ? 6.089   10.762  -12.246 1.00 34.02 ? 76  TYR A C   1 
ATOM   23   O O   . TYR A 1 47  ? 6.034   11.862  -12.778 1.00 33.62 ? 76  TYR A O   1 
ATOM   24   C CB  . TYR A 1 47  ? 7.673   9.390   -13.602 1.00 33.42 ? 76  TYR A CB  1 
ATOM   25   C CG  . TYR A 1 47  ? 8.650   9.221   -12.486 1.00 27.67 ? 76  TYR A CG  1 
ATOM   26   C CD1 . TYR A 1 47  ? 9.188   10.297  -11.812 1.00 33.18 ? 76  TYR A CD1 1 
ATOM   27   C CD2 . TYR A 1 47  ? 9.022   7.957   -12.058 1.00 31.06 ? 76  TYR A CD2 1 
ATOM   28   C CE1 . TYR A 1 47  ? 10.041  10.119  -10.722 1.00 30.02 ? 76  TYR A CE1 1 
ATOM   29   C CE2 . TYR A 1 47  ? 9.871   7.788   -11.002 1.00 29.77 ? 76  TYR A CE2 1 
ATOM   30   C CZ  . TYR A 1 47  ? 10.374  8.841   -10.333 1.00 30.51 ? 76  TYR A CZ  1 
ATOM   31   O OH  . TYR A 1 47  ? 11.210  8.569   -9.253  1.00 40.71 ? 76  TYR A OH  1 
ATOM   32   N N   . GLY A 1 48  ? 6.092   10.599  -10.934 1.00 29.73 ? 77  GLY A N   1 
ATOM   33   C CA  . GLY A 1 48  ? 6.075   11.672  -9.960  1.00 30.37 ? 77  GLY A CA  1 
ATOM   34   C C   . GLY A 1 48  ? 4.730   12.334  -9.730  1.00 28.00 ? 77  GLY A C   1 
ATOM   35   O O   . GLY A 1 48  ? 4.709   13.283  -8.997  1.00 33.77 ? 77  GLY A O   1 
ATOM   36   N N   . LYS A 1 49  ? 3.674   11.846  -10.373 1.00 27.46 ? 78  LYS A N   1 
ATOM   37   C CA  . LYS A 1 49  ? 2.347   12.452  -10.295 1.00 29.19 ? 78  LYS A CA  1 
ATOM   38   C C   . LYS A 1 49  ? 1.442   11.531  -9.458  1.00 28.83 ? 78  LYS A C   1 
ATOM   39   O O   . LYS A 1 49  ? 1.563   10.330  -9.510  1.00 26.00 ? 78  LYS A O   1 
ATOM   40   C CB  . LYS A 1 49  ? 1.711   12.638  -11.626 1.00 32.60 ? 78  LYS A CB  1 
ATOM   41   C CG  . LYS A 1 49  ? 2.444   13.625  -12.550 1.00 38.60 ? 78  LYS A CG  1 
ATOM   42   C CD  . LYS A 1 49  ? 2.648   14.937  -11.866 1.00 41.15 ? 78  LYS A CD  1 
ATOM   43   C CE  . LYS A 1 49  ? 2.904   16.055  -12.861 1.00 54.23 ? 78  LYS A CE  1 
ATOM   44   N NZ  . LYS A 1 49  ? 3.576   17.179  -12.114 1.00 55.75 ? 78  LYS A NZ  1 
ATOM   45   N N   . PRO A 1 50  ? 0.518   12.124  -8.726  1.00 25.56 ? 79  PRO A N   1 
ATOM   46   C CA  . PRO A 1 50  ? -0.501  11.295  -8.048  1.00 24.46 ? 79  PRO A CA  1 
ATOM   47   C C   . PRO A 1 50  ? -1.452  10.584  -8.942  1.00 24.75 ? 79  PRO A C   1 
ATOM   48   O O   . PRO A 1 50  ? -1.930  11.116  -9.960  1.00 26.90 ? 79  PRO A O   1 
ATOM   49   C CB  . PRO A 1 50  ? -1.251  12.314  -7.177  1.00 27.67 ? 79  PRO A CB  1 
ATOM   50   C CG  . PRO A 1 50  ? -1.091  13.601  -7.869  1.00 31.31 ? 79  PRO A CG  1 
ATOM   51   C CD  . PRO A 1 50  ? 0.261   13.592  -8.560  1.00 30.75 ? 79  PRO A CD  1 
ATOM   52   N N   . PHE A 1 51  ? -1.781  9.322   -8.604  1.00 21.82 ? 80  PHE A N   1 
ATOM   53   C CA  . PHE A 1 51  ? -2.718  8.538   -9.383  1.00 22.17 ? 80  PHE A CA  1 
ATOM   54   C C   . PHE A 1 51  ? -3.810  7.884   -8.515  1.00 23.35 ? 80  PHE A C   1 
ATOM   55   O O   . PHE A 1 51  ? -4.737  7.276   -9.061  1.00 23.10 ? 80  PHE A O   1 
ATOM   56   C CB  . PHE A 1 51  ? -2.034  7.446   -10.232 1.00 23.09 ? 80  PHE A CB  1 
ATOM   57   C CG  . PHE A 1 51  ? -1.323  6.374   -9.426  1.00 20.28 ? 80  PHE A CG  1 
ATOM   58   C CD1 . PHE A 1 51  ? -2.024  5.257   -8.972  1.00 21.97 ? 80  PHE A CD1 1 
ATOM   59   C CD2 . PHE A 1 51  ? 0.010   6.500   -9.086  1.00 22.75 ? 80  PHE A CD2 1 
ATOM   60   C CE1 . PHE A 1 51  ? -1.387  4.285   -8.194  1.00 24.06 ? 80  PHE A CE1 1 
ATOM   61   C CE2 . PHE A 1 51  ? 0.637   5.563   -8.309  1.00 23.76 ? 80  PHE A CE2 1 
ATOM   62   C CZ  . PHE A 1 51  ? -0.057  4.447   -7.839  1.00 25.17 ? 80  PHE A CZ  1 
ATOM   63   N N   . ALA A 1 52  ? -3.613  7.953   -7.216  1.00 21.29 ? 81  ALA A N   1 
ATOM   64   C CA  . ALA A 1 52  ? -4.560  7.353   -6.278  1.00 19.13 ? 81  ALA A CA  1 
ATOM   65   C C   . ALA A 1 52  ? -4.468  8.014   -4.916  1.00 19.98 ? 81  ALA A C   1 
ATOM   66   O O   . ALA A 1 52  ? -3.557  8.792   -4.627  1.00 20.52 ? 81  ALA A O   1 
ATOM   67   C CB  . ALA A 1 52  ? -4.308  5.851   -6.155  1.00 20.38 ? 81  ALA A CB  1 
ATOM   68   N N   . VAL A 1 53  ? -5.495  7.748   -4.088  1.00 18.88 ? 82  VAL A N   1 
ATOM   69   C CA  . VAL A 1 53  ? -5.516  8.139   -2.683  1.00 19.59 ? 82  VAL A CA  1 
ATOM   70   C C   . VAL A 1 53  ? -5.729  6.921   -1.825  1.00 19.51 ? 82  VAL A C   1 
ATOM   71   O O   . VAL A 1 53  ? -6.529  6.071   -2.178  1.00 19.91 ? 82  VAL A O   1 
ATOM   72   C CB  . VAL A 1 53  ? -6.616  9.183   -2.351  1.00 21.56 ? 82  VAL A CB  1 
ATOM   73   C CG1 . VAL A 1 53  ? -6.609  9.622   -0.938  1.00 23.10 ? 82  VAL A CG1 1 
ATOM   74   C CG2 . VAL A 1 53  ? -6.516  10.393  -3.275  1.00 24.72 ? 82  VAL A CG2 1 
ATOM   75   N N   . MET A 1 54  ? -4.926  6.802   -0.774  1.00 18.11 ? 83  MET A N   1 
ATOM   76   C CA  . MET A 1 54  ? -4.967  5.699   0.149   1.00 18.90 ? 83  MET A CA  1 
ATOM   77   C C   . MET A 1 54  ? -5.593  6.150   1.486   1.00 19.86 ? 83  MET A C   1 
ATOM   78   O O   . MET A 1 54  ? -5.320  7.262   1.967   1.00 19.92 ? 83  MET A O   1 
ATOM   79   C CB  . MET A 1 54  ? -3.584  5.183   0.421   1.00 20.94 ? 83  MET A CB  1 
ATOM   80   C CG  . MET A 1 54  ? -3.544  3.849   1.133   1.00 22.02 ? 83  MET A CG  1 
ATOM   81   S SD  . MET A 1 54  ? -1.901  3.255   1.558   1.00 22.12 ? 83  MET A SD  1 
ATOM   82   C CE  . MET A 1 54  ? -1.287  2.782   -0.054  1.00 20.61 ? 83  MET A CE  1 
ATOM   83   N N   . TYR A 1 55  ? -6.369  5.225   2.052   1.00 17.99 ? 84  TYR A N   1 
ATOM   84   C CA  . TYR A 1 55  ? -7.019  5.367   3.341   1.00 19.70 ? 84  TYR A CA  1 
ATOM   85   C C   . TYR A 1 55  ? -6.755  4.105   4.121   1.00 21.54 ? 84  TYR A C   1 
ATOM   86   O O   . TYR A 1 55  ? -6.827  3.022   3.594   1.00 20.83 ? 84  TYR A O   1 
ATOM   87   C CB  . TYR A 1 55  ? -8.520  5.518   3.193   1.00 19.32 ? 84  TYR A CB  1 
ATOM   88   C CG  . TYR A 1 55  ? -8.955  6.709   2.424   1.00 17.42 ? 84  TYR A CG  1 
ATOM   89   C CD1 . TYR A 1 55  ? -8.995  6.716   1.001   1.00 18.57 ? 84  TYR A CD1 1 
ATOM   90   C CD2 . TYR A 1 55  ? -9.233  7.917   3.081   1.00 20.83 ? 84  TYR A CD2 1 
ATOM   91   C CE1 . TYR A 1 55  ? -9.384  7.805   0.306   1.00 18.34 ? 84  TYR A CE1 1 
ATOM   92   C CE2 . TYR A 1 55  ? -9.572  9.024   2.376   1.00 21.54 ? 84  TYR A CE2 1 
ATOM   93   C CZ  . TYR A 1 55  ? -9.650  9.003   0.992   1.00 20.46 ? 84  TYR A CZ  1 
ATOM   94   O OH  . TYR A 1 55  ? -10.034 10.112  0.259   1.00 22.54 ? 84  TYR A OH  1 
ATOM   95   N N   . ILE A 1 56  ? -6.400  4.227   5.379   1.00 21.00 ? 85  ILE A N   1 
ATOM   96   C CA  . ILE A 1 56  ? -6.175  3.049   6.267   1.00 21.17 ? 85  ILE A CA  1 
ATOM   97   C C   . ILE A 1 56  ? -6.881  3.359   7.609   1.00 23.33 ? 85  ILE A C   1 
ATOM   98   O O   . ILE A 1 56  ? -6.344  4.106   8.367   1.00 24.32 ? 85  ILE A O   1 
ATOM   99   C CB  . ILE A 1 56  ? -4.678  2.816   6.518   1.00 22.18 ? 85  ILE A CB  1 
ATOM   100  C CG1 . ILE A 1 56  ? -3.935  2.590   5.192   1.00 22.28 ? 85  ILE A CG1 1 
ATOM   101  C CG2 . ILE A 1 56  ? -4.498  1.560   7.377   1.00 23.47 ? 85  ILE A CG2 1 
ATOM   102  C CD1 . ILE A 1 56  ? -2.432  2.425   5.268   1.00 24.58 ? 85  ILE A CD1 1 
ATOM   103  N N   . PRO A 1 57  ? -8.044  2.775   7.805   1.00 23.63 ? 86  PRO A N   1 
ATOM   104  C CA  . PRO A 1 57  ? -8.839  3.108   9.017   1.00 26.27 ? 86  PRO A CA  1 
ATOM   105  C C   . PRO A 1 57  ? -8.069  2.936   10.315  1.00 27.84 ? 86  PRO A C   1 
ATOM   106  O O   . PRO A 1 57  ? -8.154  3.762   11.190  1.00 28.16 ? 86  PRO A O   1 
ATOM   107  C CB  . PRO A 1 57  ? -10.029 2.186   8.867   1.00 26.18 ? 86  PRO A CB  1 
ATOM   108  C CG  . PRO A 1 57  ? -10.288 2.106   7.395   1.00 29.33 ? 86  PRO A CG  1 
ATOM   109  C CD  . PRO A 1 57  ? -8.896  2.118   6.794   1.00 24.81 ? 86  PRO A CD  1 
ATOM   110  N N   . ARG A 1 58  ? -7.183  1.943   10.396  1.00 24.83 ? 87  ARG A N   1 
ATOM   111  C CA  . ARG A 1 58  ? -6.378  1.748   11.582  1.00 27.02 ? 87  ARG A CA  1 
ATOM   112  C C   . ARG A 1 58  ? -5.496  2.926   11.929  1.00 31.72 ? 87  ARG A C   1 
ATOM   113  O O   . ARG A 1 58  ? -5.167  3.118   13.091  1.00 29.85 ? 87  ARG A O   1 
ATOM   114  C CB  . ARG A 1 58  ? -5.526  0.463   11.426  1.00 27.01 ? 87  ARG A CB  1 
ATOM   115  C CG  . ARG A 1 58  ? -4.499  0.173   12.523  1.00 28.87 ? 87  ARG A CG  1 
ATOM   116  C CD  . ARG A 1 58  ? -5.190  -0.216  13.833  1.00 32.22 ? 87  ARG A CD  1 
ATOM   117  N NE  . ARG A 1 58  ? -5.845  -1.493  13.685  1.00 36.67 ? 87  ARG A NE  1 
ATOM   118  C CZ  . ARG A 1 58  ? -6.680  -2.005  14.601  1.00 41.34 ? 87  ARG A CZ  1 
ATOM   119  N NH1 . ARG A 1 58  ? -6.934  -1.347  15.746  1.00 41.52 ? 87  ARG A NH1 1 
ATOM   120  N NH2 . ARG A 1 58  ? -7.257  -3.168  14.362  1.00 40.53 ? 87  ARG A NH2 1 
ATOM   121  N N   . LEU A 1 59  ? -5.058  3.727   10.920  1.00 26.18 ? 88  LEU A N   1 
ATOM   122  C CA  . LEU A 1 59  ? -4.150  4.810   11.153  1.00 27.30 ? 88  LEU A CA  1 
ATOM   123  C C   . LEU A 1 59  ? -4.938  6.117   11.427  1.00 28.53 ? 88  LEU A C   1 
ATOM   124  O O   . LEU A 1 59  ? -4.327  7.154   11.585  1.00 32.19 ? 88  LEU A O   1 
ATOM   125  C CB  . LEU A 1 59  ? -3.220  4.978   9.975   1.00 29.15 ? 88  LEU A CB  1 
ATOM   126  C CG  . LEU A 1 59  ? -2.317  3.771   9.640   1.00 29.64 ? 88  LEU A CG  1 
ATOM   127  C CD1 . LEU A 1 59  ? -1.314  4.103   8.547   1.00 30.65 ? 88  LEU A CD1 1 
ATOM   128  C CD2 . LEU A 1 59  ? -1.601  3.253   10.918  1.00 31.56 ? 88  LEU A CD2 1 
ATOM   129  N N   . GLY A 1 60  ? -6.256  6.055   11.422  1.00 28.35 ? 89  GLY A N   1 
ATOM   130  C CA  . GLY A 1 60  ? -7.151  7.171   11.733  1.00 30.86 ? 89  GLY A CA  1 
ATOM   131  C C   . GLY A 1 60  ? -8.228  7.363   10.698  1.00 34.00 ? 89  GLY A C   1 
ATOM   132  O O   . GLY A 1 60  ? -7.973  7.249   9.472   1.00 26.25 ? 89  GLY A O   1 
ATOM   133  N N   . PHE A 1 61  ? -9.437  7.773   11.103  1.00 28.17 ? 90  PHE A N   1 
ATOM   134  C CA  . PHE A 1 61  ? -10.484 8.112   10.126  1.00 26.94 ? 90  PHE A CA  1 
ATOM   135  C C   . PHE A 1 61  ? -10.084 9.186   9.127   1.00 26.41 ? 90  PHE A C   1 
ATOM   136  O O   . PHE A 1 61  ? -10.464 9.137   7.954   1.00 27.55 ? 90  PHE A O   1 
ATOM   137  C CB  . PHE A 1 61  ? -11.764 8.586   10.847  1.00 31.25 ? 90  PHE A CB  1 
ATOM   138  C CG  . PHE A 1 61  ? -12.879 8.920   9.935   1.00 30.36 ? 90  PHE A CG  1 
ATOM   139  C CD1 . PHE A 1 61  ? -13.543 7.906   9.256   1.00 33.00 ? 90  PHE A CD1 1 
ATOM   140  C CD2 . PHE A 1 61  ? -13.201 10.260  9.628   1.00 32.31 ? 90  PHE A CD2 1 
ATOM   141  C CE1 . PHE A 1 61  ? -14.587 8.198   8.365   1.00 38.60 ? 90  PHE A CE1 1 
ATOM   142  C CE2 . PHE A 1 61  ? -14.231 10.546  8.735   1.00 32.50 ? 90  PHE A CE2 1 
ATOM   143  C CZ  . PHE A 1 61  ? -14.922 9.519   8.092   1.00 37.29 ? 90  PHE A CZ  1 
ATOM   144  N N   . THR A 1 62  ? -9.318  10.168  9.572   1.00 26.05 ? 91  THR A N   1 
ATOM   145  C CA  . THR A 1 62  ? -8.916  11.252  8.671   1.00 23.48 ? 91  THR A CA  1 
ATOM   146  C C   . THR A 1 62  ? -7.569  10.978  7.968   1.00 24.84 ? 91  THR A C   1 
ATOM   147  O O   . THR A 1 62  ? -7.062  11.900  7.288   1.00 28.91 ? 91  THR A O   1 
ATOM   148  C CB  . THR A 1 62  ? -8.807  12.582  9.358   1.00 26.27 ? 91  THR A CB  1 
ATOM   149  O OG1 . THR A 1 62  ? -7.725  12.594  10.314  1.00 27.05 ? 91  THR A OG1 1 
ATOM   150  C CG2 . THR A 1 62  ? -10.161 12.876  10.092  1.00 27.77 ? 91  THR A CG2 1 
ATOM   151  N N   . TRP A 1 63  ? -6.952  9.807   8.174   1.00 22.64 ? 92  TRP A N   1 
ATOM   152  C CA  . TRP A 1 63  ? -5.693  9.527   7.455   1.00 23.81 ? 92  TRP A CA  1 
ATOM   153  C C   . TRP A 1 63  ? -5.990  9.315   5.996   1.00 21.85 ? 92  TRP A C   1 
ATOM   154  O O   . TRP A 1 63  ? -6.812  8.506   5.616   1.00 22.90 ? 92  TRP A O   1 
ATOM   155  C CB  . TRP A 1 63  ? -5.015  8.351   8.040   1.00 23.64 ? 92  TRP A CB  1 
ATOM   156  C CG  . TRP A 1 63  ? -3.625  8.078   7.649   1.00 23.48 ? 92  TRP A CG  1 
ATOM   157  C CD1 . TRP A 1 63  ? -2.504  8.289   8.417   1.00 25.28 ? 92  TRP A CD1 1 
ATOM   158  C CD2 . TRP A 1 63  ? -3.184  7.364   6.486   1.00 20.87 ? 92  TRP A CD2 1 
ATOM   159  N NE1 . TRP A 1 63  ? -1.386  7.779   7.779   1.00 25.21 ? 92  TRP A NE1 1 
ATOM   160  C CE2 . TRP A 1 63  ? -1.774  7.160   6.625   1.00 24.10 ? 92  TRP A CE2 1 
ATOM   161  C CE3 . TRP A 1 63  ? -3.833  6.829   5.375   1.00 22.71 ? 92  TRP A CE3 1 
ATOM   162  C CZ2 . TRP A 1 63  ? -1.005  6.487   5.662   1.00 26.49 ? 92  TRP A CZ2 1 
ATOM   163  C CZ3 . TRP A 1 63  ? -3.057  6.171   4.412   1.00 22.58 ? 92  TRP A CZ3 1 
ATOM   164  C CH2 . TRP A 1 63  ? -1.672  5.982   4.580   1.00 23.74 ? 92  TRP A CH2 1 
ATOM   165  N N   . ASN A 1 64  ? -5.307  10.092  5.149   1.00 21.64 ? 93  ASN A N   1 
ATOM   166  C CA  . ASN A 1 64  ? -5.587  10.093  3.739   1.00 22.61 ? 93  ASN A CA  1 
ATOM   167  C C   . ASN A 1 64  ? -4.331  10.582  3.039   1.00 24.20 ? 93  ASN A C   1 
ATOM   168  O O   . ASN A 1 64  ? -3.823  11.660  3.325   1.00 24.02 ? 93  ASN A O   1 
ATOM   169  C CB  . ASN A 1 64  ? -6.809  10.947  3.379   1.00 24.31 ? 93  ASN A CB  1 
ATOM   170  C CG  . ASN A 1 64  ? -6.586  12.450  3.489   1.00 23.86 ? 93  ASN A CG  1 
ATOM   171  O OD1 . ASN A 1 64  ? -6.437  13.128  2.491   1.00 23.89 ? 93  ASN A OD1 1 
ATOM   172  N ND2 . ASN A 1 64  ? -6.604  12.987  4.687   1.00 26.38 ? 93  ASN A ND2 1 
ATOM   173  N N   . LYS A 1 65  ? -3.788  9.775   2.155   1.00 20.91 ? 94  LYS A N   1 
ATOM   174  C CA  . LYS A 1 65  ? -2.516  10.129  1.538   1.00 20.44 ? 94  LYS A CA  1 
ATOM   175  C C   . LYS A 1 65  ? -2.530  9.906   0.040   1.00 21.21 ? 94  LYS A C   1 
ATOM   176  O O   . LYS A 1 65  ? -3.092  8.919   -0.439  1.00 21.20 ? 94  LYS A O   1 
ATOM   177  C CB  . LYS A 1 65  ? -1.363  9.318   2.129   1.00 22.27 ? 94  LYS A CB  1 
ATOM   178  C CG  . LYS A 1 65  ? -1.151  9.352   3.614   1.00 22.42 ? 94  LYS A CG  1 
ATOM   179  C CD  . LYS A 1 65  ? -0.758  10.719  4.163   1.00 26.18 ? 94  LYS A CD  1 
ATOM   180  C CE  . LYS A 1 65  ? -0.956  10.647  5.686   1.00 30.73 ? 94  LYS A CE  1 
ATOM   181  N NZ  . LYS A 1 65  ? -0.779  12.030  6.144   1.00 33.00 ? 94  LYS A NZ  1 
ATOM   182  N N   . PRO A 1 66  ? -1.950  10.821  -0.752  1.00 22.33 ? 95  PRO A N   1 
ATOM   183  C CA  . PRO A 1 66  ? -1.837  10.604  -2.177  1.00 20.38 ? 95  PRO A CA  1 
ATOM   184  C C   . PRO A 1 66  ? -0.744  9.571   -2.423  1.00 20.18 ? 95  PRO A C   1 
ATOM   185  O O   . PRO A 1 66  ? 0.224   9.499   -1.677  1.00 21.50 ? 95  PRO A O   1 
ATOM   186  C CB  . PRO A 1 66  ? -1.404  11.967  -2.716  1.00 20.72 ? 95  PRO A CB  1 
ATOM   187  C CG  . PRO A 1 66  ? -0.680  12.605  -1.612  1.00 22.80 ? 95  PRO A CG  1 
ATOM   188  C CD  . PRO A 1 66  ? -1.236  12.046  -0.328  1.00 22.56 ? 95  PRO A CD  1 
ATOM   189  N N   . VAL A 1 67  ? -0.960  8.775   -3.471  1.00 20.17 ? 96  VAL A N   1 
ATOM   190  C CA  . VAL A 1 67  ? 0.010   7.806   -3.937  1.00 20.45 ? 96  VAL A CA  1 
ATOM   191  C C   . VAL A 1 67  ? 0.488   8.290   -5.305  1.00 20.49 ? 96  VAL A C   1 
ATOM   192  O O   . VAL A 1 67  ? -0.301  8.538   -6.167  1.00 20.25 ? 96  VAL A O   1 
ATOM   193  C CB  . VAL A 1 67  ? -0.556  6.401   -4.057  1.00 22.08 ? 96  VAL A CB  1 
ATOM   194  C CG1 . VAL A 1 67  ? 0.565   5.428   -4.364  1.00 23.58 ? 96  VAL A CG1 1 
ATOM   195  C CG2 . VAL A 1 67  ? -1.270  6.020   -2.781  1.00 22.91 ? 96  VAL A CG2 1 
ATOM   196  N N   . LEU A 1 68  ? 1.789   8.464   -5.417  1.00 20.89 ? 97  LEU A N   1 
ATOM   197  C CA  . LEU A 1 68  ? 2.436   8.989   -6.634  1.00 23.87 ? 97  LEU A CA  1 
ATOM   198  C C   . LEU A 1 68  ? 3.240   7.911   -7.252  1.00 23.57 ? 97  LEU A C   1 
ATOM   199  O O   . LEU A 1 68  ? 3.642   6.951   -6.566  1.00 22.84 ? 97  LEU A O   1 
ATOM   200  C CB  . LEU A 1 68  ? 3.418   10.141  -6.261  1.00 25.60 ? 97  LEU A CB  1 
ATOM   201  C CG  . LEU A 1 68  ? 2.690   11.407  -5.750  1.00 27.50 ? 97  LEU A CG  1 
ATOM   202  C CD1 . LEU A 1 68  ? 2.304   11.290  -4.254  1.00 30.84 ? 97  LEU A CD1 1 
ATOM   203  C CD2 . LEU A 1 68  ? 3.622   12.584  -5.931  1.00 33.33 ? 97  LEU A CD2 1 
ATOM   204  N N   . GLU A 1 69  ? 3.499   8.056   -8.556  1.00 22.76 ? 98  GLU A N   1 
ATOM   205  C CA  . GLU A 1 69  ? 4.285   7.066   -9.273  1.00 24.57 ? 98  GLU A CA  1 
ATOM   206  C C   . GLU A 1 69  ? 5.767   7.271   -9.021  1.00 25.81 ? 98  GLU A C   1 
ATOM   207  O O   . GLU A 1 69  ? 6.308   8.366   -9.194  1.00 27.18 ? 98  GLU A O   1 
ATOM   208  C CB  . GLU A 1 69  ? 3.920   7.105   -10.760 1.00 25.51 ? 98  GLU A CB  1 
ATOM   209  C CG  . GLU A 1 69  ? 4.748   6.149   -11.684 1.00 29.40 ? 98  GLU A CG  1 
ATOM   210  C CD  . GLU A 1 69  ? 4.488   4.695   -11.421 1.00 34.54 ? 98  GLU A CD  1 
ATOM   211  O OE1 . GLU A 1 69  ? 3.975   4.292   -10.363 1.00 31.19 ? 98  GLU A OE1 1 
ATOM   212  O OE2 . GLU A 1 69  ? 4.751   3.889   -12.330 1.00 35.81 ? 98  GLU A OE2 1 
ATOM   213  N N   . GLY A 1 70  ? 6.434   6.225   -8.624  1.00 24.94 ? 99  GLY A N   1 
ATOM   214  C CA  . GLY A 1 70  ? 7.848   6.288   -8.307  1.00 26.86 ? 99  GLY A CA  1 
ATOM   215  C C   . GLY A 1 70  ? 8.216   6.316   -6.874  1.00 30.24 ? 99  GLY A C   1 
ATOM   216  O O   . GLY A 1 70  ? 7.376   6.590   -5.983  1.00 26.00 ? 99  GLY A O   1 
ATOM   217  N N   . THR A 1 71  ? 9.482   6.004   -6.584  1.00 28.01 ? 100 THR A N   1 
ATOM   218  C CA  . THR A 1 71  ? 9.906   5.905   -5.217  1.00 28.55 ? 100 THR A CA  1 
ATOM   219  C C   . THR A 1 71  ? 11.214  6.697   -5.009  1.00 31.15 ? 100 THR A C   1 
ATOM   220  O O   . THR A 1 71  ? 11.856  6.493   -4.034  1.00 34.88 ? 100 THR A O   1 
ATOM   221  C CB  . THR A 1 71  ? 10.063  4.474   -4.685  1.00 32.85 ? 100 THR A CB  1 
ATOM   222  O OG1 . THR A 1 71  ? 10.888  3.682   -5.580  1.00 33.25 ? 100 THR A OG1 1 
ATOM   223  C CG2 . THR A 1 71  ? 8.715   3.782   -4.557  1.00 29.75 ? 100 THR A CG2 1 
ATOM   224  N N   . GLY A 1 72  ? 11.465  7.641   -5.881  1.00 32.35 ? 101 GLY A N   1 
ATOM   225  C CA  . GLY A 1 72  ? 12.619  8.510   -5.721  1.00 36.50 ? 101 GLY A CA  1 
ATOM   226  C C   . GLY A 1 72  ? 12.437  9.453   -4.575  1.00 36.55 ? 101 GLY A C   1 
ATOM   227  O O   . GLY A 1 72  ? 11.322  9.767   -4.095  1.00 34.14 ? 101 GLY A O   1 
ATOM   228  N N   . THR A 1 73  ? 13.560  9.994   -4.131  1.00 38.24 ? 102 THR A N   1 
ATOM   229  C CA  . THR A 1 73  ? 13.523  10.823  -2.935  1.00 38.90 ? 102 THR A CA  1 
ATOM   230  C C   . THR A 1 73  ? 12.566  12.031  -3.078  1.00 38.82 ? 102 THR A C   1 
ATOM   231  O O   . THR A 1 73  ? 11.829  12.366  -2.163  1.00 36.02 ? 102 THR A O   1 
ATOM   232  C CB  . THR A 1 73  ? 14.974  11.245  -2.565  1.00 41.78 ? 102 THR A CB  1 
ATOM   233  O OG1 . THR A 1 73  ? 15.456  12.024  -3.613  1.00 49.03 ? 102 THR A OG1 1 
ATOM   234  C CG2 . THR A 1 73  ? 15.853  10.074  -2.397  1.00 41.46 ? 102 THR A CG2 1 
ATOM   235  N N   . GLU A 1 74  ? 12.486  12.632  -4.253  1.00 36.64 ? 103 GLU A N   1 
ATOM   236  C CA  . GLU A 1 74  ? 11.561  13.752  -4.510  1.00 42.63 ? 103 GLU A CA  1 
ATOM   237  C C   . GLU A 1 74  ? 10.080  13.364  -4.441  1.00 41.33 ? 103 GLU A C   1 
ATOM   238  O O   . GLU A 1 74  ? 9.211   14.190  -4.082  1.00 39.88 ? 103 GLU A O   1 
ATOM   239  C CB  . GLU A 1 74  ? 11.830  14.364  -5.906  1.00 52.84 ? 103 GLU A CB  1 
ATOM   240  C CG  . GLU A 1 74  ? 11.390  13.551  -7.168  1.00 63.87 ? 103 GLU A CG  1 
ATOM   241  C CD  . GLU A 1 74  ? 12.191  12.240  -7.434  1.00 70.27 ? 103 GLU A CD  1 
ATOM   242  O OE1 . GLU A 1 74  ? 13.316  12.077  -6.885  1.00 69.24 ? 103 GLU A OE1 1 
ATOM   243  O OE2 . GLU A 1 74  ? 11.708  11.366  -8.211  1.00 67.63 ? 103 GLU A OE2 1 
ATOM   244  N N   . VAL A 1 75  ? 9.779   12.146  -4.899  1.00 34.44 ? 104 VAL A N   1 
ATOM   245  C CA  . VAL A 1 75  ? 8.361   11.678  -4.889  1.00 33.04 ? 104 VAL A CA  1 
ATOM   246  C C   . VAL A 1 75  ? 7.893   11.508  -3.440  1.00 28.20 ? 104 VAL A C   1 
ATOM   247  O O   . VAL A 1 75  ? 6.773   11.894  -3.087  1.00 33.18 ? 104 VAL A O   1 
ATOM   248  C CB  . VAL A 1 75  ? 8.199   10.349  -5.673  1.00 32.61 ? 104 VAL A CB  1 
ATOM   249  C CG1 . VAL A 1 75  ? 6.752   9.882   -5.615  1.00 29.67 ? 104 VAL A CG1 1 
ATOM   250  C CG2 . VAL A 1 75  ? 8.628   10.510  -7.127  1.00 39.17 ? 104 VAL A CG2 1 
ATOM   251  N N   . LEU A 1 76  ? 8.714   10.873  -2.634  1.00 27.26 ? 105 LEU A N   1 
ATOM   252  C CA  . LEU A 1 76  ? 8.398   10.541  -1.289  1.00 31.69 ? 105 LEU A CA  1 
ATOM   253  C C   . LEU A 1 76  ? 8.287   11.725  -0.341  1.00 36.34 ? 105 LEU A C   1 
ATOM   254  O O   . LEU A 1 76  ? 7.726   11.583  0.757   1.00 32.91 ? 105 LEU A O   1 
ATOM   255  C CB  . LEU A 1 76  ? 9.353   9.512   -0.753  1.00 32.22 ? 105 LEU A CB  1 
ATOM   256  C CG  . LEU A 1 76  ? 9.402   8.144   -1.455  1.00 36.73 ? 105 LEU A CG  1 
ATOM   257  C CD1 . LEU A 1 76  ? 10.455  7.202   -0.894  1.00 40.61 ? 105 LEU A CD1 1 
ATOM   258  C CD2 . LEU A 1 76  ? 7.991   7.557   -1.337  1.00 35.97 ? 105 LEU A CD2 1 
ATOM   259  N N   . LYS A 1 77  ? 8.793   12.899  -0.759  1.00 35.60 ? 106 LYS A N   1 
ATOM   260  C CA  . LYS A 1 77  ? 8.457   14.141  -0.047  1.00 35.45 ? 106 LYS A CA  1 
ATOM   261  C C   . LYS A 1 77  ? 7.044   14.577  -0.173  1.00 38.30 ? 106 LYS A C   1 
ATOM   262  O O   . LYS A 1 77  ? 6.571   15.274  0.688   1.00 39.51 ? 106 LYS A O   1 
ATOM   263  C CB  . LYS A 1 77  ? 9.329   15.305  -0.547  1.00 40.94 ? 106 LYS A CB  1 
ATOM   264  C CG  . LYS A 1 77  ? 10.745  15.078  -0.199  1.00 45.82 ? 106 LYS A CG  1 
ATOM   265  C CD  . LYS A 1 77  ? 11.573  16.322  -0.469  1.00 53.84 ? 106 LYS A CD  1 
ATOM   266  C CE  . LYS A 1 77  ? 13.039  15.963  -0.280  1.00 55.65 ? 106 LYS A CE  1 
ATOM   267  N NZ  . LYS A 1 77  ? 13.901  16.989  -0.906  1.00 60.15 ? 106 LYS A NZ  1 
ATOM   268  N N   . LYS A 1 78  ? 6.372   14.188  -1.248  1.00 32.09 ? 107 LYS A N   1 
ATOM   269  C CA  . LYS A 1 78  ? 5.057   14.631  -1.564  1.00 34.74 ? 107 LYS A CA  1 
ATOM   270  C C   . LYS A 1 78  ? 3.948   13.683  -1.111  1.00 30.96 ? 107 LYS A C   1 
ATOM   271  O O   . LYS A 1 78  ? 2.783   14.026  -1.161  1.00 32.33 ? 107 LYS A O   1 
ATOM   272  C CB  . LYS A 1 78  ? 4.944   14.827  -3.057  1.00 37.01 ? 107 LYS A CB  1 
ATOM   273  C CG  . LYS A 1 78  ? 5.943   15.821  -3.618  1.00 44.78 ? 107 LYS A CG  1 
ATOM   274  C CD  . LYS A 1 78  ? 5.849   15.881  -5.130  1.00 45.80 ? 107 LYS A CD  1 
ATOM   275  C CE  . LYS A 1 78  ? 6.729   16.983  -5.709  1.00 54.26 ? 107 LYS A CE  1 
ATOM   276  N NZ  . LYS A 1 78  ? 6.467   17.158  -7.180  1.00 59.10 ? 107 LYS A NZ  1 
ATOM   277  N N   . GLY A 1 79  ? 4.305   12.442  -0.810  1.00 29.83 ? 108 GLY A N   1 
ATOM   278  C CA  . GLY A 1 79  ? 3.276   11.424  -0.498  1.00 28.94 ? 108 GLY A CA  1 
ATOM   279  C C   . GLY A 1 79  ? 3.875   10.026  -0.484  1.00 27.03 ? 108 GLY A C   1 
ATOM   280  O O   . GLY A 1 79  ? 5.067   9.824   -0.447  1.00 26.35 ? 108 GLY A O   1 
ATOM   281  N N   . LEU A 1 80  ? 3.006   9.049   -0.646  1.00 23.73 ? 109 LEU A N   1 
ATOM   282  C CA  . LEU A 1 80  ? 3.445   7.681   -0.745  1.00 22.92 ? 109 LEU A CA  1 
ATOM   283  C C   . LEU A 1 80  ? 3.898   7.454   -2.184  1.00 21.34 ? 109 LEU A C   1 
ATOM   284  O O   . LEU A 1 80  ? 3.402   8.097   -3.110  1.00 23.93 ? 109 LEU A O   1 
ATOM   285  C CB  . LEU A 1 80  ? 2.265   6.755   -0.434  1.00 22.15 ? 109 LEU A CB  1 
ATOM   286  C CG  . LEU A 1 80  ? 1.697   7.041   0.950   1.00 24.00 ? 109 LEU A CG  1 
ATOM   287  C CD1 . LEU A 1 80  ? 0.522   6.103   1.178   1.00 24.53 ? 109 LEU A CD1 1 
ATOM   288  C CD2 . LEU A 1 80  ? 2.705   6.834   2.019   1.00 23.56 ? 109 LEU A CD2 1 
ATOM   289  N N   . GLY A 1 81  ? 4.826   6.535   -2.356  1.00 19.93 ? 110 GLY A N   1 
ATOM   290  C CA  . GLY A 1 81  ? 5.369   6.207   -3.700  1.00 22.35 ? 110 GLY A CA  1 
ATOM   291  C C   . GLY A 1 81  ? 5.140   4.759   -4.127  1.00 21.42 ? 110 GLY A C   1 
ATOM   292  O O   . GLY A 1 81  ? 5.447   3.831   -3.409  1.00 23.43 ? 110 GLY A O   1 
ATOM   293  N N   . HIS A 1 82  ? 4.565   4.582   -5.319  1.00 20.79 ? 111 HIS A N   1 
ATOM   294  C CA  . HIS A 1 82  ? 4.412   3.293   -5.903  1.00 21.07 ? 111 HIS A CA  1 
ATOM   295  C C   . HIS A 1 82  ? 5.717   2.897   -6.642  1.00 20.54 ? 111 HIS A C   1 
ATOM   296  O O   . HIS A 1 82  ? 6.214   3.669   -7.475  1.00 23.48 ? 111 HIS A O   1 
ATOM   297  C CB  . HIS A 1 82  ? 3.302   3.356   -6.920  1.00 22.88 ? 111 HIS A CB  1 
ATOM   298  C CG  . HIS A 1 82  ? 3.087   2.103   -7.678  1.00 21.71 ? 111 HIS A CG  1 
ATOM   299  N ND1 . HIS A 1 82  ? 3.161   2.055   -9.062  1.00 25.33 ? 111 HIS A ND1 1 
ATOM   300  C CD2 . HIS A 1 82  ? 2.755   0.858   -7.266  1.00 22.16 ? 111 HIS A CD2 1 
ATOM   301  C CE1 . HIS A 1 82  ? 2.941   0.820   -9.466  1.00 23.77 ? 111 HIS A CE1 1 
ATOM   302  N NE2 . HIS A 1 82  ? 2.656   0.080   -8.412  1.00 26.21 ? 111 HIS A NE2 1 
ATOM   303  N N   . TYR A 1 83  ? 6.214   1.736   -6.289  1.00 23.23 ? 112 TYR A N   1 
ATOM   304  C CA  . TYR A 1 83  ? 7.407   1.134   -7.019  1.00 22.92 ? 112 TYR A CA  1 
ATOM   305  C C   . TYR A 1 83  ? 6.978   0.932   -8.452  1.00 23.93 ? 112 TYR A C   1 
ATOM   306  O O   . TYR A 1 83  ? 6.023   0.197   -8.751  1.00 22.46 ? 112 TYR A O   1 
ATOM   307  C CB  . TYR A 1 83  ? 7.794   -0.161  -6.343  1.00 22.81 ? 112 TYR A CB  1 
ATOM   308  C CG  . TYR A 1 83  ? 8.478   0.007   -5.073  1.00 23.21 ? 112 TYR A CG  1 
ATOM   309  C CD1 . TYR A 1 83  ? 9.859   0.191   -5.015  1.00 27.59 ? 112 TYR A CD1 1 
ATOM   310  C CD2 . TYR A 1 83  ? 7.773   -0.059  -3.851  1.00 22.80 ? 112 TYR A CD2 1 
ATOM   311  C CE1 . TYR A 1 83  ? 10.474  0.316   -3.807  1.00 27.52 ? 112 TYR A CE1 1 
ATOM   312  C CE2 . TYR A 1 83  ? 8.381   0.112   -2.664  1.00 23.97 ? 112 TYR A CE2 1 
ATOM   313  C CZ  . TYR A 1 83  ? 9.762   0.227   -2.647  1.00 27.59 ? 112 TYR A CZ  1 
ATOM   314  O OH  . TYR A 1 83  ? 10.461  0.368   -1.477  1.00 31.41 ? 112 TYR A OH  1 
ATOM   315  N N   . ALA A 1 84  ? 7.657   1.604   -9.396  1.00 24.69 ? 113 ALA A N   1 
ATOM   316  C CA  . ALA A 1 84  ? 7.084   1.745   -10.725 1.00 25.20 ? 113 ALA A CA  1 
ATOM   317  C C   . ALA A 1 84  ? 7.201   0.456   -11.587 1.00 25.86 ? 113 ALA A C   1 
ATOM   318  O O   . ALA A 1 84  ? 6.539   0.328   -12.621 1.00 30.54 ? 113 ALA A O   1 
ATOM   319  C CB  . ALA A 1 84  ? 7.791   2.924   -11.422 1.00 25.70 ? 113 ALA A CB  1 
ATOM   320  N N   . ASN A 1 85  ? 8.050   -0.452  -11.138 1.00 24.31 ? 114 ASN A N   1 
ATOM   321  C CA  . ASN A 1 85  ? 8.187   -1.787  -11.743 1.00 29.99 ? 114 ASN A CA  1 
ATOM   322  C C   . ASN A 1 85  ? 7.175   -2.808  -11.247 1.00 30.41 ? 114 ASN A C   1 
ATOM   323  O O   . ASN A 1 85  ? 7.256   -3.958  -11.629 1.00 31.37 ? 114 ASN A O   1 
ATOM   324  C CB  . ASN A 1 85  ? 9.571   -2.326  -11.438 1.00 33.28 ? 114 ASN A CB  1 
ATOM   325  C CG  . ASN A 1 85  ? 9.789   -2.560  -9.956  1.00 39.93 ? 114 ASN A CG  1 
ATOM   326  O OD1 . ASN A 1 85  ? 9.630   -1.625  -9.121  1.00 35.68 ? 114 ASN A OD1 1 
ATOM   327  N ND2 . ASN A 1 85  ? 10.162  -3.803  -9.588  1.00 44.29 ? 114 ASN A ND2 1 
ATOM   328  N N   . THR A 1 86  ? 6.274   -2.422  -10.323 1.00 26.35 ? 115 THR A N   1 
ATOM   329  C CA  . THR A 1 86  ? 5.318   -3.349  -9.772  1.00 25.14 ? 115 THR A CA  1 
ATOM   330  C C   . THR A 1 86  ? 3.912   -3.132  -10.344 1.00 22.40 ? 115 THR A C   1 
ATOM   331  O O   . THR A 1 86  ? 3.639   -2.180  -11.087 1.00 25.53 ? 115 THR A O   1 
ATOM   332  C CB  . THR A 1 86  ? 5.301   -3.342  -8.235  1.00 24.18 ? 115 THR A CB  1 
ATOM   333  O OG1 . THR A 1 86  ? 4.697   -2.134  -7.715  1.00 22.29 ? 115 THR A OG1 1 
ATOM   334  C CG2 . THR A 1 86  ? 6.714   -3.480  -7.659  1.00 21.79 ? 115 THR A CG2 1 
ATOM   335  N N   . ALA A 1 87  ? 2.961   -3.998  -9.994  1.00 20.75 ? 116 ALA A N   1 
ATOM   336  C CA  . ALA A 1 87  ? 1.649   -3.976  -10.630 1.00 22.44 ? 116 ALA A CA  1 
ATOM   337  C C   . ALA A 1 87  ? 0.892   -2.698  -10.342 1.00 22.77 ? 116 ALA A C   1 
ATOM   338  O O   . ALA A 1 87  ? 1.112   -2.077  -9.299  1.00 23.07 ? 116 ALA A O   1 
ATOM   339  C CB  . ALA A 1 87  ? 0.855   -5.117  -10.126 1.00 25.57 ? 116 ALA A CB  1 
ATOM   340  N N   . ARG A 1 88  ? -0.006  -2.356  -11.250 1.00 24.49 ? 117 ARG A N   1 
ATOM   341  C CA  . ARG A 1 88  ? -0.894  -1.217  -11.081 1.00 23.99 ? 117 ARG A CA  1 
ATOM   342  C C   . ARG A 1 88  ? -1.965  -1.591  -10.086 1.00 22.77 ? 117 ARG A C   1 
ATOM   343  O O   . ARG A 1 88  ? -2.154  -2.730  -9.711  1.00 23.45 ? 117 ARG A O   1 
ATOM   344  C CB  . ARG A 1 88  ? -1.487  -0.809  -12.437 1.00 28.87 ? 117 ARG A CB  1 
ATOM   345  C CG  . ARG A 1 88  ? -0.417  -0.291  -13.391 1.00 36.44 ? 117 ARG A CG  1 
ATOM   346  C CD  . ARG A 1 88  ? -0.936  -0.246  -14.846 1.00 42.06 ? 117 ARG A CD  1 
ATOM   347  N NE  . ARG A 1 88  ? -2.139  0.581   -14.964 1.00 47.56 ? 117 ARG A NE  1 
ATOM   348  C CZ  . ARG A 1 88  ? -2.149  1.899   -15.206 1.00 57.05 ? 117 ARG A CZ  1 
ATOM   349  N NH1 . ARG A 1 88  ? -1.018  2.601   -15.365 1.00 60.39 ? 117 ARG A NH1 1 
ATOM   350  N NH2 . ARG A 1 88  ? -3.308  2.539   -15.281 1.00 49.03 ? 117 ARG A NH2 1 
ATOM   351  N N   . LEU A 1 89  ? -2.690  -0.568  -9.658  1.00 23.37 ? 118 LEU A N   1 
ATOM   352  C CA  . LEU A 1 89  ? -3.668  -0.766  -8.604  1.00 22.75 ? 118 LEU A CA  1 
ATOM   353  C C   . LEU A 1 89  ? -4.731  -1.725  -9.026  1.00 23.82 ? 118 LEU A C   1 
ATOM   354  O O   . LEU A 1 89  ? -5.280  -1.656  -10.123 1.00 27.45 ? 118 LEU A O   1 
ATOM   355  C CB  . LEU A 1 89  ? -4.186  0.615   -8.260  1.00 23.91 ? 118 LEU A CB  1 
ATOM   356  C CG  . LEU A 1 89  ? -5.291  0.723   -7.257  1.00 24.54 ? 118 LEU A CG  1 
ATOM   357  C CD1 . LEU A 1 89  ? -4.828  0.193   -5.915  1.00 23.67 ? 118 LEU A CD1 1 
ATOM   358  C CD2 . LEU A 1 89  ? -5.645  2.197   -7.195  1.00 24.19 ? 118 LEU A CD2 1 
ATOM   359  N N   . GLY A 1 90  ? -4.971  -2.739  -8.203  1.00 22.09 ? 119 GLY A N   1 
ATOM   360  C CA  . GLY A 1 90  ? -5.944  -3.744  -8.461  1.00 21.42 ? 119 GLY A CA  1 
ATOM   361  C C   . GLY A 1 90  ? -5.544  -4.945  -9.297  1.00 22.88 ? 119 GLY A C   1 
ATOM   362  O O   . GLY A 1 90  ? -6.282  -5.918  -9.391  1.00 25.14 ? 119 GLY A O   1 
ATOM   363  N N   . GLN A 1 91  ? -4.348  -4.854  -9.857  1.00 22.72 ? 120 GLN A N   1 
ATOM   364  C CA  . GLN A 1 91  ? -3.934  -5.833  -10.878 1.00 23.28 ? 120 GLN A CA  1 
ATOM   365  C C   . GLN A 1 91  ? -3.300  -7.040  -10.271 1.00 24.65 ? 120 GLN A C   1 
ATOM   366  O O   . GLN A 1 91  ? -2.863  -7.103  -9.088  1.00 22.70 ? 120 GLN A O   1 
ATOM   367  C CB  . GLN A 1 91  ? -3.020  -5.147  -11.919 1.00 28.33 ? 120 GLN A CB  1 
ATOM   368  C CG  . GLN A 1 91  ? -3.707  -4.067  -12.738 1.00 32.74 ? 120 GLN A CG  1 
ATOM   369  C CD  . GLN A 1 91  ? -4.982  -4.555  -13.404 1.00 43.19 ? 120 GLN A CD  1 
ATOM   370  O OE1 . GLN A 1 91  ? -4.967  -5.432  -14.264 1.00 57.95 ? 120 GLN A OE1 1 
ATOM   371  N NE2 . GLN A 1 91  ? -6.111  -4.021  -12.952 1.00 53.87 ? 120 GLN A NE2 1 
ATOM   372  N N   . LYS A 1 92  ? -3.224  -8.087  -11.094 1.00 25.81 ? 121 LYS A N   1 
ATOM   373  C CA  . LYS A 1 92  ? -2.565  -9.263  -10.660 1.00 25.19 ? 121 LYS A CA  1 
ATOM   374  C C   . LYS A 1 92  ? -1.115  -8.896  -10.503 1.00 22.57 ? 121 LYS A C   1 
ATOM   375  O O   . LYS A 1 92  ? -0.526  -8.236  -11.340 1.00 25.72 ? 121 LYS A O   1 
ATOM   376  C CB  . LYS A 1 92  ? -2.684  -10.398 -11.719 1.00 28.17 ? 121 LYS A CB  1 
ATOM   377  C CG  . LYS A 1 92  ? -4.092  -10.911 -11.782 1.00 30.43 ? 121 LYS A CG  1 
ATOM   378  C CD  . LYS A 1 92  ? -4.305  -11.927 -12.883 1.00 37.76 ? 121 LYS A CD  1 
ATOM   379  C CE  . LYS A 1 92  ? -5.686  -12.530 -12.733 1.00 43.39 ? 121 LYS A CE  1 
ATOM   380  N NZ  . LYS A 1 92  ? -5.977  -13.563 -13.771 1.00 50.46 ? 121 LYS A NZ  1 
ATOM   381  N N   . GLY A 1 93  ? -0.507  -9.415  -9.454  1.00 23.58 ? 122 GLY A N   1 
ATOM   382  C CA  . GLY A 1 93  ? 0.854   -9.087  -9.110  1.00 22.27 ? 122 GLY A CA  1 
ATOM   383  C C   . GLY A 1 93  ? 0.881   -8.509  -7.696  1.00 22.61 ? 122 GLY A C   1 
ATOM   384  O O   . GLY A 1 93  ? 0.099   -8.930  -6.822  1.00 23.74 ? 122 GLY A O   1 
ATOM   385  N N   . ASN A 1 94  ? 1.747   -7.562  -7.506  1.00 20.50 ? 123 ASN A N   1 
ATOM   386  C CA  . ASN A 1 94  ? 1.982   -6.958  -6.186  1.00 21.44 ? 123 ASN A CA  1 
ATOM   387  C C   . ASN A 1 94  ? 2.121   -5.452  -6.319  1.00 24.05 ? 123 ASN A C   1 
ATOM   388  O O   . ASN A 1 94  ? 3.123   -4.964  -6.814  1.00 24.35 ? 123 ASN A O   1 
ATOM   389  C CB  . ASN A 1 94  ? 3.216   -7.582  -5.558  1.00 22.79 ? 123 ASN A CB  1 
ATOM   390  C CG  . ASN A 1 94  ? 3.457   -7.120  -4.158  1.00 26.73 ? 123 ASN A CG  1 
ATOM   391  O OD1 . ASN A 1 94  ? 2.660   -6.345  -3.607  1.00 24.14 ? 123 ASN A OD1 1 
ATOM   392  N ND2 . ASN A 1 94  ? 4.546   -7.578  -3.556  1.00 22.66 ? 123 ASN A ND2 1 
ATOM   393  N N   . PHE A 1 95  ? 1.064   -4.694  -5.959  1.00 20.22 ? 124 PHE A N   1 
ATOM   394  C CA  . PHE A 1 95  ? 1.075   -3.273  -5.963  1.00 19.29 ? 124 PHE A CA  1 
ATOM   395  C C   . PHE A 1 95  ? 1.788   -2.780  -4.731  1.00 20.05 ? 124 PHE A C   1 
ATOM   396  O O   . PHE A 1 95  ? 1.275   -2.827  -3.618  1.00 20.70 ? 124 PHE A O   1 
ATOM   397  C CB  . PHE A 1 95  ? -0.394  -2.797  -5.993  1.00 21.26 ? 124 PHE A CB  1 
ATOM   398  C CG  . PHE A 1 95  ? -0.590  -1.308  -5.939  1.00 20.66 ? 124 PHE A CG  1 
ATOM   399  C CD1 . PHE A 1 95  ? -0.417  -0.511  -7.033  1.00 20.66 ? 124 PHE A CD1 1 
ATOM   400  C CD2 . PHE A 1 95  ? -0.986  -0.706  -4.730  1.00 21.36 ? 124 PHE A CD2 1 
ATOM   401  C CE1 . PHE A 1 95  ? -0.630  0.864   -6.924  1.00 22.97 ? 124 PHE A CE1 1 
ATOM   402  C CE2 . PHE A 1 95  ? -1.172  0.656   -4.631  1.00 23.28 ? 124 PHE A CE2 1 
ATOM   403  C CZ  . PHE A 1 95  ? -0.989  1.446   -5.732  1.00 22.96 ? 124 PHE A CZ  1 
ATOM   404  N N   . ALA A 1 96  ? 3.023   -2.321  -4.943  1.00 19.70 ? 125 ALA A N   1 
ATOM   405  C CA  . ALA A 1 96  ? 3.898   -2.019  -3.812  1.00 22.26 ? 125 ALA A CA  1 
ATOM   406  C C   . ALA A 1 96  ? 4.088   -0.517  -3.652  1.00 20.81 ? 125 ALA A C   1 
ATOM   407  O O   . ALA A 1 96  ? 4.299   0.241   -4.623  1.00 19.64 ? 125 ALA A O   1 
ATOM   408  C CB  . ALA A 1 96  ? 5.254   -2.680  -3.977  1.00 23.22 ? 125 ALA A CB  1 
ATOM   409  N N   . VAL A 1 97  ? 4.056   -0.081  -2.385  1.00 19.36 ? 126 VAL A N   1 
ATOM   410  C CA  . VAL A 1 97  ? 4.076   1.339   -2.024  1.00 20.17 ? 126 VAL A CA  1 
ATOM   411  C C   . VAL A 1 97  ? 4.973   1.571   -0.840  1.00 20.55 ? 126 VAL A C   1 
ATOM   412  O O   . VAL A 1 97  ? 4.883   0.841   0.150   1.00 23.33 ? 126 VAL A O   1 
ATOM   413  C CB  . VAL A 1 97  ? 2.634   1.828   -1.617  1.00 21.18 ? 126 VAL A CB  1 
ATOM   414  C CG1 . VAL A 1 97  ? 2.618   3.261   -1.167  1.00 23.59 ? 126 VAL A CG1 1 
ATOM   415  C CG2 . VAL A 1 97  ? 1.697   1.664   -2.771  1.00 23.82 ? 126 VAL A CG2 1 
ATOM   416  N N   . ALA A 1 98  ? 5.814   2.590   -0.951  1.00 21.22 ? 127 ALA A N   1 
ATOM   417  C CA  . ALA A 1 98  ? 6.692   3.016   0.118   1.00 22.91 ? 127 ALA A CA  1 
ATOM   418  C C   . ALA A 1 98  ? 6.201   4.311   0.739   1.00 21.82 ? 127 ALA A C   1 
ATOM   419  O O   . ALA A 1 98  ? 5.633   5.174   0.061   1.00 22.35 ? 127 ALA A O   1 
ATOM   420  C CB  . ALA A 1 98  ? 8.077   3.256   -0.476  1.00 24.26 ? 127 ALA A CB  1 
ATOM   421  N N   . GLY A 1 99  ? 6.590   4.504   1.986   1.00 23.76 ? 128 GLY A N   1 
ATOM   422  C CA  . GLY A 1 99  ? 6.300   5.781   2.672   1.00 26.04 ? 128 GLY A CA  1 
ATOM   423  C C   . GLY A 1 99  ? 7.194   6.012   3.879   1.00 26.82 ? 128 GLY A C   1 
ATOM   424  O O   . GLY A 1 99  ? 7.646   5.076   4.531   1.00 27.58 ? 128 GLY A O   1 
ATOM   425  N N   . HIS A 1 100 ? 7.411   7.287   4.168   1.00 25.45 ? 129 HIS A N   1 
ATOM   426  C CA  . HIS A 1 100 ? 8.175   7.664   5.349   1.00 29.26 ? 129 HIS A CA  1 
ATOM   427  C C   . HIS A 1 100 ? 7.474   7.440   6.684   1.00 28.47 ? 129 HIS A C   1 
ATOM   428  O O   . HIS A 1 100 ? 6.256   7.608   6.844   1.00 25.82 ? 129 HIS A O   1 
ATOM   429  C CB  . HIS A 1 100 ? 8.588   9.164   5.242   1.00 30.08 ? 129 HIS A CB  1 
ATOM   430  C CG  . HIS A 1 100 ? 9.614   9.454   4.194   1.00 33.09 ? 129 HIS A CG  1 
ATOM   431  N ND1 . HIS A 1 100 ? 10.910  8.972   4.255   1.00 36.34 ? 129 HIS A ND1 1 
ATOM   432  C CD2 . HIS A 1 100 ? 9.549   10.206  3.076   1.00 30.02 ? 129 HIS A CD2 1 
ATOM   433  C CE1 . HIS A 1 100 ? 11.593  9.411   3.208   1.00 32.87 ? 129 HIS A CE1 1 
ATOM   434  N NE2 . HIS A 1 100 ? 10.801  10.178  2.488   1.00 37.32 ? 129 HIS A NE2 1 
ATOM   435  N N   . ARG A 1 101 ? 8.284   7.119   7.692   1.00 31.74 ? 130 ARG A N   1 
ATOM   436  C CA  . ARG A 1 101 ? 7.790   6.994   9.036   1.00 34.35 ? 130 ARG A CA  1 
ATOM   437  C C   . ARG A 1 101 ? 7.935   8.259   9.824   1.00 37.25 ? 130 ARG A C   1 
ATOM   438  O O   . ARG A 1 101 ? 7.059   8.550   10.593  1.00 35.99 ? 130 ARG A O   1 
ATOM   439  C CB  . ARG A 1 101 ? 8.539   5.966   9.789   1.00 42.31 ? 130 ARG A CB  1 
ATOM   440  C CG  . ARG A 1 101 ? 8.267   4.589   9.317   1.00 45.60 ? 130 ARG A CG  1 
ATOM   441  C CD  . ARG A 1 101 ? 8.712   3.645   10.377  1.00 47.58 ? 130 ARG A CD  1 
ATOM   442  N NE  . ARG A 1 101 ? 7.906   3.787   11.576  1.00 48.90 ? 130 ARG A NE  1 
ATOM   443  C CZ  . ARG A 1 101 ? 8.132   3.074   12.666  1.00 52.90 ? 130 ARG A CZ  1 
ATOM   444  N NH1 . ARG A 1 101 ? 9.109   2.187   12.680  1.00 46.85 ? 130 ARG A NH1 1 
ATOM   445  N NH2 . ARG A 1 101 ? 7.363   3.223   13.733  1.00 59.59 ? 130 ARG A NH2 1 
ATOM   446  N N   . ARG A 1 102 ? 9.057   8.964   9.651   1.00 40.95 ? 131 ARG A N   1 
ATOM   447  C CA  . ARG A 1 102 ? 9.453   10.072  10.605  1.00 48.48 ? 131 ARG A CA  1 
ATOM   448  C C   . ARG A 1 102 ? 9.747   11.401  9.962   1.00 52.03 ? 131 ARG A C   1 
ATOM   449  O O   . ARG A 1 102 ? 10.083  12.343  10.678  1.00 55.32 ? 131 ARG A O   1 
ATOM   450  C CB  . ARG A 1 102 ? 10.701  9.695   11.422  1.00 51.36 ? 131 ARG A CB  1 
ATOM   451  C CG  . ARG A 1 102 ? 10.623  8.353   12.114  1.00 64.40 ? 131 ARG A CG  1 
ATOM   452  C CD  . ARG A 1 102 ? 11.924  7.970   12.828  1.00 73.99 ? 131 ARG A CD  1 
ATOM   453  N NE  . ARG A 1 102 ? 11.591  7.037   13.912  1.00 83.92 ? 131 ARG A NE  1 
ATOM   454  C CZ  . ARG A 1 102 ? 11.643  5.701   13.864  1.00 80.50 ? 131 ARG A CZ  1 
ATOM   455  N NH1 . ARG A 1 102 ? 12.085  5.042   12.787  1.00 75.43 ? 131 ARG A NH1 1 
ATOM   456  N NH2 . ARG A 1 102 ? 11.265  5.013   14.943  1.00 85.11 ? 131 ARG A NH2 1 
ATOM   457  N N   . THR A 1 103 ? 9.640   11.492  8.640   1.00 46.89 ? 132 THR A N   1 
ATOM   458  C CA  . THR A 1 103 ? 9.858   12.739  7.929   1.00 44.47 ? 132 THR A CA  1 
ATOM   459  C C   . THR A 1 103 ? 8.735   12.966  6.954   1.00 46.91 ? 132 THR A C   1 
ATOM   460  O O   . THR A 1 103 ? 7.915   12.067  6.712   1.00 40.43 ? 132 THR A O   1 
ATOM   461  C CB  . THR A 1 103 ? 11.215  12.732  7.195   1.00 52.68 ? 132 THR A CB  1 
ATOM   462  O OG1 . THR A 1 103 ? 11.348  11.580  6.340   1.00 46.10 ? 132 THR A OG1 1 
ATOM   463  C CG2 . THR A 1 103 ? 12.341  12.683  8.217   1.00 49.27 ? 132 THR A CG2 1 
ATOM   464  N N   . TYR A 1 104 ? 8.663   14.182  6.445   1.00 41.21 ? 133 TYR A N   1 
ATOM   465  C CA  . TYR A 1 104 ? 7.709   14.535  5.377   1.00 44.49 ? 133 TYR A CA  1 
ATOM   466  C C   . TYR A 1 104 ? 6.241   14.154  5.643   1.00 46.59 ? 133 TYR A C   1 
ATOM   467  O O   . TYR A 1 104 ? 5.545   13.566  4.814   1.00 39.73 ? 133 TYR A O   1 
ATOM   468  C CB  . TYR A 1 104 ? 8.262   13.992  4.035   1.00 45.01 ? 133 TYR A CB  1 
ATOM   469  C CG  . TYR A 1 104 ? 9.563   14.689  3.726   1.00 47.69 ? 133 TYR A CG  1 
ATOM   470  C CD1 . TYR A 1 104 ? 9.555   16.012  3.265   1.00 54.71 ? 133 TYR A CD1 1 
ATOM   471  C CD2 . TYR A 1 104 ? 10.796  14.087  3.991   1.00 51.78 ? 133 TYR A CD2 1 
ATOM   472  C CE1 . TYR A 1 104 ? 10.738  16.693  3.009   1.00 56.00 ? 133 TYR A CE1 1 
ATOM   473  C CE2 . TYR A 1 104 ? 11.992  14.772  3.741   1.00 54.02 ? 133 TYR A CE2 1 
ATOM   474  C CZ  . TYR A 1 104 ? 11.940  16.074  3.266   1.00 56.84 ? 133 TYR A CZ  1 
ATOM   475  O OH  . TYR A 1 104 ? 13.076  16.785  3.006   1.00 67.33 ? 133 TYR A OH  1 
ATOM   476  N N   . GLY A 1 105 ? 5.738   14.547  6.802   1.00 39.96 ? 134 GLY A N   1 
ATOM   477  C CA  . GLY A 1 105 ? 4.359   14.276  7.122   1.00 40.76 ? 134 GLY A CA  1 
ATOM   478  C C   . GLY A 1 105 ? 4.223   12.988  7.875   1.00 34.76 ? 134 GLY A C   1 
ATOM   479  O O   . GLY A 1 105 ? 3.156   12.740  8.370   1.00 36.80 ? 134 GLY A O   1 
ATOM   480  N N   . ASP A 1 106 ? 5.282   12.182  8.011   1.00 33.42 ? 135 ASP A N   1 
ATOM   481  C CA  . ASP A 1 106 ? 5.239   10.950  8.839   1.00 33.66 ? 135 ASP A CA  1 
ATOM   482  C C   . ASP A 1 106 ? 4.007   10.054  8.517   1.00 28.38 ? 135 ASP A C   1 
ATOM   483  O O   . ASP A 1 106 ? 3.339   9.552   9.420   1.00 30.59 ? 135 ASP A O   1 
ATOM   484  C CB  . ASP A 1 106 ? 5.118   11.275  10.354  1.00 40.13 ? 135 ASP A CB  1 
ATOM   485  C CG  . ASP A 1 106 ? 6.219   12.180  10.895  1.00 49.14 ? 135 ASP A CG  1 
ATOM   486  O OD1 . ASP A 1 106 ? 7.136   12.596  10.167  1.00 46.05 ? 135 ASP A OD1 1 
ATOM   487  O OD2 . ASP A 1 106 ? 6.145   12.438  12.114  1.00 60.25 ? 135 ASP A OD2 1 
ATOM   488  N N   . PRO A 1 107 ? 3.754   9.783   7.215   1.00 28.15 ? 136 PRO A N   1 
ATOM   489  C CA  . PRO A 1 107 ? 2.518   9.036   6.932   1.00 28.00 ? 136 PRO A CA  1 
ATOM   490  C C   . PRO A 1 107 ? 2.465   7.682   7.567   1.00 26.49 ? 136 PRO A C   1 
ATOM   491  O O   . PRO A 1 107 ? 1.391   7.229   8.027   1.00 27.30 ? 136 PRO A O   1 
ATOM   492  C CB  . PRO A 1 107 ? 2.472   8.971   5.382   1.00 27.79 ? 136 PRO A CB  1 
ATOM   493  C CG  . PRO A 1 107 ? 3.886   9.179   4.946   1.00 27.80 ? 136 PRO A CG  1 
ATOM   494  C CD  . PRO A 1 107 ? 4.459   10.146  5.999   1.00 27.77 ? 136 PRO A CD  1 
ATOM   495  N N   . PHE A 1 108 ? 3.605   6.991   7.642   1.00 25.57 ? 137 PHE A N   1 
ATOM   496  C CA  . PHE A 1 108 ? 3.639   5.683   8.237   1.00 24.31 ? 137 PHE A CA  1 
ATOM   497  C C   . PHE A 1 108 ? 4.191   5.676   9.681   1.00 27.66 ? 137 PHE A C   1 
ATOM   498  O O   . PHE A 1 108 ? 4.656   4.649   10.163  1.00 28.74 ? 137 PHE A O   1 
ATOM   499  C CB  . PHE A 1 108 ? 4.461   4.734   7.334   1.00 27.12 ? 137 PHE A CB  1 
ATOM   500  C CG  . PHE A 1 108 ? 3.754   4.301   6.078   1.00 26.16 ? 137 PHE A CG  1 
ATOM   501  C CD1 . PHE A 1 108 ? 2.368   4.341   5.975   1.00 26.60 ? 137 PHE A CD1 1 
ATOM   502  C CD2 . PHE A 1 108 ? 4.486   3.716   5.052   1.00 25.47 ? 137 PHE A CD2 1 
ATOM   503  C CE1 . PHE A 1 108 ? 1.727   3.892   4.847   1.00 27.70 ? 137 PHE A CE1 1 
ATOM   504  C CE2 . PHE A 1 108 ? 3.853   3.287   3.916   1.00 27.40 ? 137 PHE A CE2 1 
ATOM   505  C CZ  . PHE A 1 108 ? 2.479   3.347   3.821   1.00 24.44 ? 137 PHE A CZ  1 
ATOM   506  N N   . LYS A 1 109 ? 4.091   6.795   10.384  1.00 30.99 ? 138 LYS A N   1 
ATOM   507  C CA  . LYS A 1 109 ? 4.489   6.840   11.818  1.00 34.59 ? 138 LYS A CA  1 
ATOM   508  C C   . LYS A 1 109 ? 3.957   5.704   12.671  1.00 36.02 ? 138 LYS A C   1 
ATOM   509  O O   . LYS A 1 109 ? 4.727   5.098   13.456  1.00 36.25 ? 138 LYS A O   1 
ATOM   510  C CB  . LYS A 1 109 ? 3.946   8.112   12.444  1.00 37.01 ? 138 LYS A CB  1 
ATOM   511  C CG  . LYS A 1 109 ? 4.375   8.313   13.912  1.00 43.46 ? 138 LYS A CG  1 
ATOM   512  C CD  . LYS A 1 109 ? 4.141   9.747   14.363  1.00 48.86 ? 138 LYS A CD  1 
ATOM   513  C CE  . LYS A 1 109 ? 2.661   10.112  14.442  1.00 54.81 ? 138 LYS A CE  1 
ATOM   514  N NZ  . LYS A 1 109 ? 1.945   9.475   15.592  1.00 64.44 ? 138 LYS A NZ  1 
ATOM   515  N N   . ASP A 1 110 ? 2.662   5.400   12.518  1.00 31.20 ? 139 ASP A N   1 
ATOM   516  C CA  . ASP A 1 110 ? 2.024   4.351   13.328  1.00 31.44 ? 139 ASP A CA  1 
ATOM   517  C C   . ASP A 1 110 ? 1.883   2.977   12.663  1.00 26.75 ? 139 ASP A C   1 
ATOM   518  O O   . ASP A 1 110 ? 1.042   2.158   13.024  1.00 27.49 ? 139 ASP A O   1 
ATOM   519  C CB  . ASP A 1 110 ? 0.652   4.811   13.777  1.00 35.34 ? 139 ASP A CB  1 
ATOM   520  C CG  . ASP A 1 110 ? 0.694   5.986   14.727  1.00 43.92 ? 139 ASP A CG  1 
ATOM   521  O OD1 . ASP A 1 110 ? 1.573   6.051   15.597  1.00 44.69 ? 139 ASP A OD1 1 
ATOM   522  O OD2 . ASP A 1 110 ? -0.173  6.852   14.558  1.00 47.65 ? 139 ASP A OD2 1 
ATOM   523  N N   . PHE A 1 111 ? 2.777   2.711   11.711  1.00 30.13 ? 140 PHE A N   1 
ATOM   524  C CA  . PHE A 1 111 ? 2.829   1.441   11.007  1.00 29.41 ? 140 PHE A CA  1 
ATOM   525  C C   . PHE A 1 111 ? 2.798   0.234   11.939  1.00 30.46 ? 140 PHE A C   1 
ATOM   526  O O   . PHE A 1 111 ? 2.084   -0.737  11.696  1.00 28.34 ? 140 PHE A O   1 
ATOM   527  C CB  . PHE A 1 111 ? 4.080   1.416   10.152  1.00 29.90 ? 140 PHE A CB  1 
ATOM   528  C CG  . PHE A 1 111 ? 4.041   0.460   8.977   1.00 28.78 ? 140 PHE A CG  1 
ATOM   529  C CD1 . PHE A 1 111 ? 3.662   0.921   7.726   1.00 28.17 ? 140 PHE A CD1 1 
ATOM   530  C CD2 . PHE A 1 111 ? 4.493   -0.827  9.094   1.00 29.65 ? 140 PHE A CD2 1 
ATOM   531  C CE1 . PHE A 1 111 ? 3.726   0.069   6.623   1.00 27.54 ? 140 PHE A CE1 1 
ATOM   532  C CE2 . PHE A 1 111 ? 4.557   -1.696  7.974   1.00 28.86 ? 140 PHE A CE2 1 
ATOM   533  C CZ  . PHE A 1 111 ? 4.154   -1.226  6.751   1.00 27.83 ? 140 PHE A CZ  1 
ATOM   534  N N   . PRO A 1 112 ? 3.536   0.291   13.083  1.00 32.99 ? 141 PRO A N   1 
ATOM   535  C CA  . PRO A 1 112 ? 3.430   -0.887  13.948  1.00 35.23 ? 141 PRO A CA  1 
ATOM   536  C C   . PRO A 1 112 ? 2.073   -1.268  14.490  1.00 32.88 ? 141 PRO A C   1 
ATOM   537  O O   . PRO A 1 112 ? 1.912   -2.390  14.900  1.00 35.80 ? 141 PRO A O   1 
ATOM   538  C CB  . PRO A 1 112 ? 4.428   -0.584  15.107  1.00 34.20 ? 141 PRO A CB  1 
ATOM   539  C CG  . PRO A 1 112 ? 5.346   0.468   14.569  1.00 35.49 ? 141 PRO A CG  1 
ATOM   540  C CD  . PRO A 1 112 ? 4.527   1.259   13.564  1.00 38.46 ? 141 PRO A CD  1 
ATOM   541  N N   . LYS A 1 113 ? 1.089   -0.377  14.439  1.00 30.83 ? 142 LYS A N   1 
ATOM   542  C CA  . LYS A 1 113 ? -0.287  -0.669  14.813  1.00 34.29 ? 142 LYS A CA  1 
ATOM   543  C C   . LYS A 1 113 ? -1.056  -1.526  13.819  1.00 30.89 ? 142 LYS A C   1 
ATOM   544  O O   . LYS A 1 113 ? -2.146  -2.035  14.139  1.00 31.30 ? 142 LYS A O   1 
ATOM   545  C CB  . LYS A 1 113 ? -1.055  0.630   15.075  1.00 37.01 ? 142 LYS A CB  1 
ATOM   546  C CG  . LYS A 1 113 ? -0.349  1.461   16.121  1.00 47.05 ? 142 LYS A CG  1 
ATOM   547  C CD  . LYS A 1 113 ? -1.216  2.547   16.707  1.00 60.92 ? 142 LYS A CD  1 
ATOM   548  C CE  . LYS A 1 113 ? -0.623  2.961   18.055  1.00 70.28 ? 142 LYS A CE  1 
ATOM   549  N NZ  . LYS A 1 113 ? -1.158  4.260   18.546  1.00 77.03 ? 142 LYS A NZ  1 
ATOM   550  N N   . LEU A 1 114 ? -0.566  -1.642  12.593  1.00 29.39 ? 143 LEU A N   1 
ATOM   551  C CA  . LEU A 1 114 ? -1.313  -2.426  11.621  1.00 27.68 ? 143 LEU A CA  1 
ATOM   552  C C   . LEU A 1 114 ? -1.391  -3.905  12.030  1.00 29.34 ? 143 LEU A C   1 
ATOM   553  O O   . LEU A 1 114 ? -0.425  -4.386  12.584  1.00 30.70 ? 143 LEU A O   1 
ATOM   554  C CB  . LEU A 1 114 ? -0.663  -2.315  10.257  1.00 24.30 ? 143 LEU A CB  1 
ATOM   555  C CG  . LEU A 1 114 ? -0.661  -0.940  9.653   1.00 25.78 ? 143 LEU A CG  1 
ATOM   556  C CD1 . LEU A 1 114 ? 0.307   -0.921  8.431   1.00 27.49 ? 143 LEU A CD1 1 
ATOM   557  C CD2 . LEU A 1 114 ? -2.074  -0.501  9.294   1.00 27.48 ? 143 LEU A CD2 1 
ATOM   558  N N   . ARG A 1 115 ? -2.547  -4.526  11.832  1.00 30.57 ? 144 ARG A N   1 
ATOM   559  C CA  . ARG A 1 115 ? -2.844  -5.914  12.272  1.00 35.59 ? 144 ARG A CA  1 
ATOM   560  C C   . ARG A 1 115 ? -3.355  -6.723  11.068  1.00 32.12 ? 144 ARG A C   1 
ATOM   561  O O   . ARG A 1 115 ? -3.969  -6.179  10.159  1.00 25.31 ? 144 ARG A O   1 
ATOM   562  C CB  . ARG A 1 115 ? -3.955  -5.871  13.344  1.00 37.64 ? 144 ARG A CB  1 
ATOM   563  C CG  . ARG A 1 115 ? -3.603  -5.213  14.671  1.00 40.01 ? 144 ARG A CG  1 
ATOM   564  C CD  . ARG A 1 115 ? -4.824  -4.697  15.420  1.00 46.41 ? 144 ARG A CD  1 
ATOM   565  N N   . HIS A 1 116 ? -3.256  -8.058  11.114  1.00 30.45 ? 145 HIS A N   1 
ATOM   566  C CA  . HIS A 1 116 ? -3.966  -8.921  10.187  1.00 27.30 ? 145 HIS A CA  1 
ATOM   567  C C   . HIS A 1 116 ? -5.433  -8.560  10.222  1.00 32.94 ? 145 HIS A C   1 
ATOM   568  O O   . HIS A 1 116 ? -6.006  -8.349  11.318  1.00 30.90 ? 145 HIS A O   1 
ATOM   569  C CB  . HIS A 1 116 ? -3.796  -10.415 10.569  1.00 33.54 ? 145 HIS A CB  1 
ATOM   570  C CG  . HIS A 1 116 ? -2.352  -10.858 10.615  1.00 45.00 ? 145 HIS A CG  1 
ATOM   571  N ND1 . HIS A 1 116 ? -1.967  -12.140 10.990  1.00 52.12 ? 145 HIS A ND1 1 
ATOM   572  C CD2 . HIS A 1 116 ? -1.190  -10.175 10.380  1.00 46.13 ? 145 HIS A CD2 1 
ATOM   573  C CE1 . HIS A 1 116 ? -0.643  -12.223 10.986  1.00 50.23 ? 145 HIS A CE1 1 
ATOM   574  N NE2 . HIS A 1 116 ? -0.149  -11.040 10.639  1.00 50.97 ? 145 HIS A NE2 1 
ATOM   575  N N   . GLY A 1 117 ? -6.043  -8.454  9.052   1.00 27.21 ? 146 GLY A N   1 
ATOM   576  C CA  . GLY A 1 117 ? -7.424  -8.148  8.885   1.00 28.79 ? 146 GLY A CA  1 
ATOM   577  C C   . GLY A 1 117 ? -7.688  -6.652  8.698   1.00 27.85 ? 146 GLY A C   1 
ATOM   578  O O   . GLY A 1 117 ? -8.755  -6.299  8.261   1.00 26.01 ? 146 GLY A O   1 
ATOM   579  N N   . ASP A 1 118 ? -6.721  -5.786  8.985   1.00 25.06 ? 147 ASP A N   1 
ATOM   580  C CA  . ASP A 1 118 ? -6.896  -4.339  8.751   1.00 25.37 ? 147 ASP A CA  1 
ATOM   581  C C   . ASP A 1 118 ? -6.986  -4.058  7.216   1.00 25.57 ? 147 ASP A C   1 
ATOM   582  O O   . ASP A 1 118 ? -6.267  -4.700  6.398   1.00 24.88 ? 147 ASP A O   1 
ATOM   583  C CB  . ASP A 1 118 ? -5.783  -3.558  9.359   1.00 26.86 ? 147 ASP A CB  1 
ATOM   584  C CG  . ASP A 1 118 ? -5.878  -3.431  10.913  1.00 30.37 ? 147 ASP A CG  1 
ATOM   585  O OD1 . ASP A 1 118 ? -6.932  -3.742  11.497  1.00 34.11 ? 147 ASP A OD1 1 
ATOM   586  O OD2 . ASP A 1 118 ? -4.864  -2.996  11.518  1.00 30.15 ? 147 ASP A OD2 1 
ATOM   587  N N   . GLU A 1 119 ? -7.846  -3.102  6.873   1.00 23.04 ? 148 GLU A N   1 
ATOM   588  C CA  A GLU A 1 119 ? -8.127  -2.765  5.493   0.50 24.10 ? 148 GLU A CA  1 
ATOM   589  C CA  B GLU A 1 119 ? -8.140  -2.768  5.488   0.50 23.93 ? 148 GLU A CA  1 
ATOM   590  C C   . GLU A 1 119 ? -7.245  -1.615  5.038   1.00 24.23 ? 148 GLU A C   1 
ATOM   591  O O   . GLU A 1 119 ? -6.916  -0.712  5.823   1.00 22.87 ? 148 GLU A O   1 
ATOM   592  C CB  A GLU A 1 119 ? -9.598  -2.445  5.322   0.50 27.35 ? 148 GLU A CB  1 
ATOM   593  C CB  B GLU A 1 119 ? -9.626  -2.449  5.288   0.50 27.11 ? 148 GLU A CB  1 
ATOM   594  C CG  A GLU A 1 119 ? -10.433 -3.674  5.704   0.50 30.84 ? 148 GLU A CG  1 
ATOM   595  C CG  B GLU A 1 119 ? -10.490 -3.729  5.212   0.50 29.80 ? 148 GLU A CG  1 
ATOM   596  C CD  A GLU A 1 119 ? -11.773 -3.728  5.030   0.50 38.35 ? 148 GLU A CD  1 
ATOM   597  C CD  B GLU A 1 119 ? -11.997 -3.460  5.344   0.50 37.92 ? 148 GLU A CD  1 
ATOM   598  O OE1 A GLU A 1 119 ? -12.310 -2.631  4.670   0.50 40.39 ? 148 GLU A OE1 1 
ATOM   599  O OE1 B GLU A 1 119 ? -12.433 -3.077  6.427   0.50 36.75 ? 148 GLU A OE1 1 
ATOM   600  O OE2 A GLU A 1 119 ? -12.249 -4.876  4.852   0.50 37.98 ? 148 GLU A OE2 1 
ATOM   601  O OE2 B GLU A 1 119 ? -12.748 -3.619  4.351   0.50 46.26 ? 148 GLU A OE2 1 
ATOM   602  N N   . VAL A 1 120 ? -6.848  -1.690  3.774   1.00 21.27 ? 149 VAL A N   1 
ATOM   603  C CA  . VAL A 1 120 ? -6.094  -0.639  3.079   1.00 21.03 ? 149 VAL A CA  1 
ATOM   604  C C   . VAL A 1 120 ? -6.943  -0.355  1.863   1.00 21.68 ? 149 VAL A C   1 
ATOM   605  O O   . VAL A 1 120 ? -7.133  -1.221  1.004   1.00 21.11 ? 149 VAL A O   1 
ATOM   606  C CB  . VAL A 1 120 ? -4.685  -1.080  2.656   1.00 22.43 ? 149 VAL A CB  1 
ATOM   607  C CG1 . VAL A 1 120 ? -3.967  0.032   1.905   1.00 23.51 ? 149 VAL A CG1 1 
ATOM   608  C CG2 . VAL A 1 120 ? -3.885  -1.472  3.885   1.00 25.07 ? 149 VAL A CG2 1 
ATOM   609  N N   . VAL A 1 121 ? -7.435  0.872   1.730   1.00 19.97 ? 150 VAL A N   1 
ATOM   610  C CA  . VAL A 1 121 ? -8.443  1.194   0.727   1.00 19.17 ? 150 VAL A CA  1 
ATOM   611  C C   . VAL A 1 121 ? -7.889  2.275   -0.205  1.00 19.21 ? 150 VAL A C   1 
ATOM   612  O O   . VAL A 1 121 ? -7.276  3.257   0.309   1.00 20.94 ? 150 VAL A O   1 
ATOM   613  C CB  . VAL A 1 121 ? -9.690  1.746   1.433   1.00 22.29 ? 150 VAL A CB  1 
ATOM   614  C CG1 . VAL A 1 121 ? -10.712 2.145   0.450   1.00 23.81 ? 150 VAL A CG1 1 
ATOM   615  C CG2 . VAL A 1 121 ? -10.284 0.692   2.328   1.00 22.79 ? 150 VAL A CG2 1 
ATOM   616  N N   . LEU A 1 122 ? -8.009  2.086   -1.492  1.00 19.93 ? 151 LEU A N   1 
ATOM   617  C CA  . LEU A 1 122 ? -7.546  3.070   -2.451  1.00 20.32 ? 151 LEU A CA  1 
ATOM   618  C C   . LEU A 1 122 ? -8.608  3.414   -3.428  1.00 20.73 ? 151 LEU A C   1 
ATOM   619  O O   . LEU A 1 122 ? -9.435  2.581   -3.812  1.00 20.07 ? 151 LEU A O   1 
ATOM   620  C CB  . LEU A 1 122 ? -6.326  2.582   -3.212  1.00 22.79 ? 151 LEU A CB  1 
ATOM   621  C CG  . LEU A 1 122 ? -5.055  2.374   -2.337  1.00 22.68 ? 151 LEU A CG  1 
ATOM   622  C CD1 . LEU A 1 122 ? -4.782  0.950   -1.961  1.00 24.18 ? 151 LEU A CD1 1 
ATOM   623  C CD2 . LEU A 1 122 ? -3.852  2.987   -3.051  1.00 23.32 ? 151 LEU A CD2 1 
ATOM   624  N N   . THR A 1 123 ? -8.591  4.668   -3.851  1.00 19.53 ? 152 THR A N   1 
ATOM   625  C CA  . THR A 1 123 ? -9.376  5.114   -5.002  1.00 20.92 ? 152 THR A CA  1 
ATOM   626  C C   . THR A 1 123 ? -8.469  5.659   -6.079  1.00 21.13 ? 152 THR A C   1 
ATOM   627  O O   . THR A 1 123 ? -7.495  6.333   -5.756  1.00 22.14 ? 152 THR A O   1 
ATOM   628  C CB  . THR A 1 123 ? -10.424 6.182   -4.671  1.00 23.39 ? 152 THR A CB  1 
ATOM   629  O OG1 . THR A 1 123 ? -11.102 6.615   -5.866  1.00 27.63 ? 152 THR A OG1 1 
ATOM   630  C CG2 . THR A 1 123 ? -9.830  7.345   -3.865  1.00 24.41 ? 152 THR A CG2 1 
ATOM   631  N N   . ASP A 1 124 ? -8.794  5.303   -7.308  1.00 21.83 ? 153 ASP A N   1 
ATOM   632  C CA  . ASP A 1 124 ? -8.144  5.885   -8.510  1.00 23.89 ? 153 ASP A CA  1 
ATOM   633  C C   . ASP A 1 124 ? -9.045  6.902   -9.203  1.00 24.74 ? 153 ASP A C   1 
ATOM   634  O O   . ASP A 1 124 ? -8.769  7.330   -10.360 1.00 27.20 ? 153 ASP A O   1 
ATOM   635  C CB  . ASP A 1 124 ? -7.702  4.798   -9.468  1.00 24.73 ? 153 ASP A CB  1 
ATOM   636  C CG  . ASP A 1 124 ? -8.859  4.020   -10.081 1.00 26.57 ? 153 ASP A CG  1 
ATOM   637  O OD1 . ASP A 1 124 ? -10.007 4.356   -9.796  1.00 25.66 ? 153 ASP A OD1 1 
ATOM   638  O OD2 . ASP A 1 124 ? -8.640  2.990   -10.800 1.00 28.69 ? 153 ASP A OD2 1 
ATOM   639  N N   . GLY A 1 125 ? -10.112 7.267   -8.541  1.00 25.11 ? 154 GLY A N   1 
ATOM   640  C CA  . GLY A 1 125 ? -11.112 8.196   -9.131  1.00 27.19 ? 154 GLY A CA  1 
ATOM   641  C C   . GLY A 1 125 ? -12.309 7.516   -9.773  1.00 28.32 ? 154 GLY A C   1 
ATOM   642  O O   . GLY A 1 125 ? -13.353 8.144   -9.948  1.00 29.98 ? 154 GLY A O   1 
ATOM   643  N N   . THR A 1 126 ? -12.148 6.254   -10.130 1.00 26.41 ? 155 THR A N   1 
ATOM   644  C CA  . THR A 1 126 ? -13.180 5.448   -10.759 1.00 27.52 ? 155 THR A CA  1 
ATOM   645  C C   . THR A 1 126 ? -13.654 4.318   -9.852  1.00 27.98 ? 155 THR A C   1 
ATOM   646  O O   . THR A 1 126 ? -14.891 4.047   -9.761  1.00 25.16 ? 155 THR A O   1 
ATOM   647  C CB  . THR A 1 126 ? -12.668 4.894   -12.069 1.00 30.53 ? 155 THR A CB  1 
ATOM   648  O OG1 . THR A 1 126 ? -12.372 5.988   -12.927 1.00 34.98 ? 155 THR A OG1 1 
ATOM   649  C CG2 . THR A 1 126 ? -13.729 4.001   -12.766 1.00 32.31 ? 155 THR A CG2 1 
ATOM   650  N N   . THR A 1 127 ? -12.696 3.610   -9.221  1.00 24.05 ? 156 THR A N   1 
ATOM   651  C CA  . THR A 1 127 ? -12.969 2.446   -8.409  1.00 21.63 ? 156 THR A CA  1 
ATOM   652  C C   . THR A 1 127 ? -12.329 2.552   -7.061  1.00 23.00 ? 156 THR A C   1 
ATOM   653  O O   . THR A 1 127 ? -11.218 3.151   -6.923  1.00 21.45 ? 156 THR A O   1 
ATOM   654  C CB  . THR A 1 127 ? -12.403 1.200   -9.155  1.00 23.92 ? 156 THR A CB  1 
ATOM   655  O OG1 . THR A 1 127 ? -12.997 1.137   -10.489 1.00 29.68 ? 156 THR A OG1 1 
ATOM   656  C CG2 . THR A 1 127 ? -12.664 -0.093  -8.484  1.00 25.87 ? 156 THR A CG2 1 
ATOM   657  N N   . TRP A 1 128 ? -13.056 2.058   -6.067  1.00 20.05 ? 157 TRP A N   1 
ATOM   658  C CA  . TRP A 1 128 ? -12.564 1.824   -4.733  1.00 19.55 ? 157 TRP A CA  1 
ATOM   659  C C   . TRP A 1 128 ? -12.069 0.403   -4.642  1.00 22.20 ? 157 TRP A C   1 
ATOM   660  O O   . TRP A 1 128 ? -12.824 -0.536  -4.938  1.00 22.64 ? 157 TRP A O   1 
ATOM   661  C CB  . TRP A 1 128 ? -13.664 1.962   -3.711  1.00 21.76 ? 157 TRP A CB  1 
ATOM   662  C CG  . TRP A 1 128 ? -14.116 3.387   -3.471  1.00 21.58 ? 157 TRP A CG  1 
ATOM   663  C CD1 . TRP A 1 128 ? -15.309 3.976   -3.871  1.00 24.04 ? 157 TRP A CD1 1 
ATOM   664  C CD2 . TRP A 1 128 ? -13.404 4.381   -2.708  1.00 22.86 ? 157 TRP A CD2 1 
ATOM   665  N NE1 . TRP A 1 128 ? -15.369 5.288   -3.350  1.00 23.12 ? 157 TRP A NE1 1 
ATOM   666  C CE2 . TRP A 1 128 ? -14.210 5.563   -2.695  1.00 23.90 ? 157 TRP A CE2 1 
ATOM   667  C CE3 . TRP A 1 128 ? -12.161 4.403   -2.072  1.00 22.58 ? 157 TRP A CE3 1 
ATOM   668  C CZ2 . TRP A 1 128 ? -13.818 6.727   -2.021  1.00 25.25 ? 157 TRP A CZ2 1 
ATOM   669  C CZ3 . TRP A 1 128 ? -11.802 5.554   -1.366  1.00 23.79 ? 157 TRP A CZ3 1 
ATOM   670  C CH2 . TRP A 1 128 ? -12.626 6.679   -1.362  1.00 25.92 ? 157 TRP A CH2 1 
ATOM   671  N N   . PHE A 1 129 ? -10.814 0.253   -4.215  1.00 18.42 ? 158 PHE A N   1 
ATOM   672  C CA  . PHE A 1 129 ? -10.131 -1.061  -4.039  1.00 20.11 ? 158 PHE A CA  1 
ATOM   673  C C   . PHE A 1 129 ? -9.938  -1.258  -2.559  1.00 20.75 ? 158 PHE A C   1 
ATOM   674  O O   . PHE A 1 129 ? -9.288  -0.456  -1.879  1.00 22.20 ? 158 PHE A O   1 
ATOM   675  C CB  . PHE A 1 129 ? -8.772  -1.127  -4.780  1.00 18.49 ? 158 PHE A CB  1 
ATOM   676  C CG  . PHE A 1 129 ? -8.850  -0.896  -6.262  1.00 21.12 ? 158 PHE A CG  1 
ATOM   677  C CD1 . PHE A 1 129 ? -8.922  0.383   -6.760  1.00 21.84 ? 158 PHE A CD1 1 
ATOM   678  C CD2 . PHE A 1 129 ? -8.955  -1.947  -7.132  1.00 22.37 ? 158 PHE A CD2 1 
ATOM   679  C CE1 . PHE A 1 129 ? -8.985  0.625   -8.114  1.00 24.06 ? 158 PHE A CE1 1 
ATOM   680  C CE2 . PHE A 1 129 ? -9.016  -1.713  -8.472  1.00 24.64 ? 158 PHE A CE2 1 
ATOM   681  C CZ  . PHE A 1 129 ? -9.072  -0.449  -8.954  1.00 22.44 ? 158 PHE A CZ  1 
ATOM   682  N N   . THR A 1 130 ? -10.516 -2.334  -1.997  1.00 20.09 ? 159 THR A N   1 
ATOM   683  C CA  . THR A 1 130 ? -10.273 -2.697  -0.638  1.00 19.38 ? 159 THR A CA  1 
ATOM   684  C C   . THR A 1 130 ? -9.367  -3.901  -0.492  1.00 21.61 ? 159 THR A C   1 
ATOM   685  O O   . THR A 1 130 ? -9.761  -4.963  -0.913  1.00 21.39 ? 159 THR A O   1 
ATOM   686  C CB  . THR A 1 130 ? -11.575 -3.025  0.085   1.00 23.18 ? 159 THR A CB  1 
ATOM   687  O OG1 . THR A 1 130 ? -12.419 -1.845  0.098   1.00 22.54 ? 159 THR A OG1 1 
ATOM   688  C CG2 . THR A 1 130 ? -11.312 -3.440  1.414   1.00 23.80 ? 159 THR A CG2 1 
ATOM   689  N N   . TYR A 1 131 ? -8.174  -3.689  0.042   1.00 20.15 ? 160 TYR A N   1 
ATOM   690  C CA  . TYR A 1 131 ? -7.212  -4.729  0.348   1.00 19.76 ? 160 TYR A CA  1 
ATOM   691  C C   . TYR A 1 131 ? -7.276  -5.031  1.812   1.00 21.69 ? 160 TYR A C   1 
ATOM   692  O O   . TYR A 1 131 ? -7.594  -4.172  2.664   1.00 21.53 ? 160 TYR A O   1 
ATOM   693  C CB  . TYR A 1 131 ? -5.798  -4.282  -0.022  1.00 19.13 ? 160 TYR A CB  1 
ATOM   694  C CG  . TYR A 1 131 ? -5.498  -4.139  -1.487  1.00 17.92 ? 160 TYR A CG  1 
ATOM   695  C CD1 . TYR A 1 131 ? -5.808  -3.001  -2.228  1.00 19.51 ? 160 TYR A CD1 1 
ATOM   696  C CD2 . TYR A 1 131 ? -4.942  -5.206  -2.186  1.00 19.01 ? 160 TYR A CD2 1 
ATOM   697  C CE1 . TYR A 1 131 ? -5.477  -2.900  -3.591  1.00 20.36 ? 160 TYR A CE1 1 
ATOM   698  C CE2 . TYR A 1 131 ? -4.576  -5.114  -3.497  1.00 19.32 ? 160 TYR A CE2 1 
ATOM   699  C CZ  . TYR A 1 131 ? -4.831  -3.975  -4.217  1.00 20.18 ? 160 TYR A CZ  1 
ATOM   700  O OH  . TYR A 1 131 ? -4.551  -3.865  -5.538  1.00 20.57 ? 160 TYR A OH  1 
ATOM   701  N N   . VAL A 1 132 ? -6.964  -6.272  2.156   1.00 22.11 ? 161 VAL A N   1 
ATOM   702  C CA  . VAL A 1 132 ? -6.958  -6.726  3.567   1.00 22.03 ? 161 VAL A CA  1 
ATOM   703  C C   . VAL A 1 132 ? -5.590  -7.331  3.905   1.00 21.63 ? 161 VAL A C   1 
ATOM   704  O O   . VAL A 1 132 ? -5.088  -8.182  3.181   1.00 22.27 ? 161 VAL A O   1 
ATOM   705  C CB  . VAL A 1 132 ? -8.036  -7.754  3.799   1.00 25.23 ? 161 VAL A CB  1 
ATOM   706  C CG1 . VAL A 1 132 ? -7.951  -8.286  5.214   1.00 29.52 ? 161 VAL A CG1 1 
ATOM   707  C CG2 . VAL A 1 132 ? -9.399  -7.159  3.534   1.00 25.79 ? 161 VAL A CG2 1 
ATOM   708  N N   . ILE A 1 133 ? -5.033  -6.843  4.987   1.00 23.40 ? 162 ILE A N   1 
ATOM   709  C CA  . ILE A 1 133 ? -3.702  -7.257  5.437   1.00 23.39 ? 162 ILE A CA  1 
ATOM   710  C C   . ILE A 1 133 ? -3.722  -8.709  5.924   1.00 25.12 ? 162 ILE A C   1 
ATOM   711  O O   . ILE A 1 133 ? -4.584  -9.092  6.716   1.00 25.96 ? 162 ILE A O   1 
ATOM   712  C CB  . ILE A 1 133 ? -3.147  -6.313  6.534   1.00 21.78 ? 162 ILE A CB  1 
ATOM   713  C CG1 . ILE A 1 133 ? -2.883  -4.915  5.960   1.00 23.00 ? 162 ILE A CG1 1 
ATOM   714  C CG2 . ILE A 1 133 ? -1.890  -6.888  7.119   1.00 21.92 ? 162 ILE A CG2 1 
ATOM   715  C CD1 . ILE A 1 133 ? -2.540  -3.854  6.944   1.00 26.59 ? 162 ILE A CD1 1 
ATOM   716  N N   . ASP A 1 134 ? -2.817  -9.519  5.362   1.00 22.71 ? 163 ASP A N   1 
ATOM   717  C CA  . ASP A 1 134 ? -2.633  -10.896 5.783   1.00 24.80 ? 163 ASP A CA  1 
ATOM   718  C C   . ASP A 1 134 ? -1.410  -11.165 6.633   1.00 29.96 ? 163 ASP A C   1 
ATOM   719  O O   . ASP A 1 134 ? -1.399  -12.129 7.433   1.00 31.06 ? 163 ASP A O   1 
ATOM   720  C CB  . ASP A 1 134 ? -2.552  -11.806 4.567   1.00 25.71 ? 163 ASP A CB  1 
ATOM   721  C CG  . ASP A 1 134 ? -3.814  -11.815 3.756   1.00 29.48 ? 163 ASP A CG  1 
ATOM   722  O OD1 . ASP A 1 134 ? -4.888  -12.152 4.285   1.00 32.69 ? 163 ASP A OD1 1 
ATOM   723  O OD2 . ASP A 1 134 ? -3.781  -11.420 2.571   1.00 29.50 ? 163 ASP A OD2 1 
ATOM   724  N N   . THR A 1 135 ? -0.339  -10.450 6.363   1.00 27.04 ? 164 THR A N   1 
ATOM   725  C CA  . THR A 1 135 ? 0.937   -10.740 6.993   1.00 28.73 ? 164 THR A CA  1 
ATOM   726  C C   . THR A 1 135 ? 1.635   -9.473  7.358   1.00 30.63 ? 164 THR A C   1 
ATOM   727  O O   . THR A 1 135 ? 1.645   -8.520  6.575   1.00 26.90 ? 164 THR A O   1 
ATOM   728  C CB  . THR A 1 135 ? 1.821   -11.512 5.989   1.00 30.42 ? 164 THR A CB  1 
ATOM   729  O OG1 . THR A 1 135 ? 1.088   -12.633 5.565   1.00 35.60 ? 164 THR A OG1 1 
ATOM   730  C CG2 . THR A 1 135 ? 3.095   -12.000 6.668   1.00 36.32 ? 164 THR A CG2 1 
ATOM   731  N N   . GLY A 1 136 ? 2.247   -9.466  8.545   1.00 30.70 ? 165 GLY A N   1 
ATOM   732  C CA  . GLY A 1 136 ? 3.037   -8.352  9.029   1.00 30.68 ? 165 GLY A CA  1 
ATOM   733  C C   . GLY A 1 136 ? 2.325   -7.595  10.135  1.00 28.74 ? 165 GLY A C   1 
ATOM   734  O O   . GLY A 1 136 ? 1.217   -7.962  10.513  1.00 32.78 ? 165 GLY A O   1 
ATOM   735  N N   . PRO A 1 137 ? 2.923   -6.529  10.628  1.00 32.42 ? 166 PRO A N   1 
ATOM   736  C CA  . PRO A 1 137 ? 4.190   -5.937  10.164  1.00 30.26 ? 166 PRO A CA  1 
ATOM   737  C C   . PRO A 1 137 ? 5.405   -6.856  10.422  1.00 37.85 ? 166 PRO A C   1 
ATOM   738  O O   . PRO A 1 137 ? 5.506   -7.453  11.492  1.00 32.56 ? 166 PRO A O   1 
ATOM   739  C CB  . PRO A 1 137 ? 4.321   -4.672  11.014  1.00 32.27 ? 166 PRO A CB  1 
ATOM   740  C CG  . PRO A 1 137 ? 2.990   -4.465  11.588  1.00 33.37 ? 166 PRO A CG  1 
ATOM   741  C CD  . PRO A 1 137 ? 2.318   -5.758  11.708  1.00 35.24 ? 166 PRO A CD  1 
ATOM   742  N N   . TYR A 1 138 ? 6.243   -6.986  9.403   1.00 30.27 ? 167 TYR A N   1 
ATOM   743  C CA  . TYR A 1 138 ? 7.430   -7.823  9.370   1.00 31.24 ? 167 TYR A CA  1 
ATOM   744  C C   . TYR A 1 138 ? 8.628   -6.899  9.289   1.00 34.05 ? 167 TYR A C   1 
ATOM   745  O O   . TYR A 1 138 ? 8.695   -6.010  8.439   1.00 29.05 ? 167 TYR A O   1 
ATOM   746  C CB  . TYR A 1 138 ? 7.332   -8.762  8.165   1.00 36.56 ? 167 TYR A CB  1 
ATOM   747  C CG  . TYR A 1 138 ? 8.566   -9.598  7.924   1.00 40.97 ? 167 TYR A CG  1 
ATOM   748  C CD1 . TYR A 1 138 ? 8.929   -10.598 8.825   1.00 49.33 ? 167 TYR A CD1 1 
ATOM   749  C CD2 . TYR A 1 138 ? 9.376   -9.395  6.803   1.00 44.53 ? 167 TYR A CD2 1 
ATOM   750  C CE1 . TYR A 1 138 ? 10.072  -11.366 8.621   1.00 49.63 ? 167 TYR A CE1 1 
ATOM   751  C CE2 . TYR A 1 138 ? 10.532  -10.169 6.601   1.00 48.60 ? 167 TYR A CE2 1 
ATOM   752  C CZ  . TYR A 1 138 ? 10.860  -11.146 7.529   1.00 51.59 ? 167 TYR A CZ  1 
ATOM   753  O OH  . TYR A 1 138 ? 11.986  -11.931 7.352   1.00 65.49 ? 167 TYR A OH  1 
ATOM   754  N N   . LYS A 1 139 ? 9.615   -7.103  10.178  1.00 32.76 ? 168 LYS A N   1 
ATOM   755  C CA  . LYS A 1 139 ? 10.860  -6.333  10.129  1.00 34.99 ? 168 LYS A CA  1 
ATOM   756  C C   . LYS A 1 139 ? 11.833  -7.006  9.211   1.00 35.81 ? 168 LYS A C   1 
ATOM   757  O O   . LYS A 1 139 ? 12.068  -8.215  9.349   1.00 39.86 ? 168 LYS A O   1 
ATOM   758  C CB  . LYS A 1 139 ? 11.584  -6.313  11.488  1.00 42.93 ? 168 LYS A CB  1 
ATOM   759  C CG  . LYS A 1 139 ? 11.000  -5.471  12.593  1.00 55.99 ? 168 LYS A CG  1 
ATOM   760  C CD  . LYS A 1 139 ? 11.696  -5.681  13.965  1.00 61.89 ? 168 LYS A CD  1 
ATOM   761  C CE  . LYS A 1 139 ? 13.198  -6.037  13.939  1.00 71.86 ? 168 LYS A CE  1 
ATOM   762  N NZ  . LYS A 1 139 ? 14.113  -5.105  13.199  1.00 76.01 ? 168 LYS A NZ  1 
ATOM   763  N N   . THR A 1 140 ? 12.493  -6.239  8.347   1.00 37.55 ? 169 THR A N   1 
ATOM   764  C CA  . THR A 1 140 ? 13.500  -6.799  7.470   1.00 42.73 ? 169 THR A CA  1 
ATOM   765  C C   . THR A 1 140 ? 14.595  -5.806  7.090   1.00 45.36 ? 169 THR A C   1 
ATOM   766  O O   . THR A 1 140 ? 14.531  -4.639  7.464   1.00 44.64 ? 169 THR A O   1 
ATOM   767  C CB  . THR A 1 140 ? 12.861  -7.382  6.218   1.00 46.85 ? 169 THR A CB  1 
ATOM   768  O OG1 . THR A 1 140 ? 13.835  -8.191  5.523   1.00 52.41 ? 169 THR A OG1 1 
ATOM   769  C CG2 . THR A 1 140 ? 12.330  -6.282  5.316   1.00 44.32 ? 169 THR A CG2 1 
ATOM   770  N N   . VAL A 1 141 ? 15.581  -6.290  6.343   1.00 44.41 ? 170 VAL A N   1 
ATOM   771  C CA  . VAL A 1 141 ? 16.770  -5.497  5.992   1.00 48.52 ? 170 VAL A CA  1 
ATOM   772  C C   . VAL A 1 141 ? 16.442  -4.755  4.698   1.00 44.11 ? 170 VAL A C   1 
ATOM   773  O O   . VAL A 1 141 ? 15.716  -5.287  3.901   1.00 46.08 ? 170 VAL A O   1 
ATOM   774  C CB  . VAL A 1 141 ? 18.057  -6.378  5.860   1.00 47.63 ? 170 VAL A CB  1 
ATOM   775  C CG1 . VAL A 1 141 ? 18.517  -6.854  7.230   1.00 51.83 ? 170 VAL A CG1 1 
ATOM   776  C CG2 . VAL A 1 141 ? 17.877  -7.577  4.930   1.00 49.84 ? 170 VAL A CG2 1 
ATOM   777  N N   . PRO A 1 142 ? 16.999  -3.552  4.465   1.00 50.71 ? 171 PRO A N   1 
ATOM   778  C CA  . PRO A 1 142 ? 16.707  -2.861  3.213   1.00 49.78 ? 171 PRO A CA  1 
ATOM   779  C C   . PRO A 1 142 ? 17.114  -3.586  1.961   1.00 54.07 ? 171 PRO A C   1 
ATOM   780  O O   . PRO A 1 142 ? 16.542  -3.309  0.915   1.00 54.20 ? 171 PRO A O   1 
ATOM   781  C CB  . PRO A 1 142 ? 17.478  -1.548  3.341   1.00 51.88 ? 171 PRO A CB  1 
ATOM   782  C CG  . PRO A 1 142 ? 17.544  -1.320  4.802   1.00 55.89 ? 171 PRO A CG  1 
ATOM   783  C CD  . PRO A 1 142 ? 17.750  -2.683  5.389   1.00 54.33 ? 171 PRO A CD  1 
ATOM   784  N N   . THR A 1 143 ? 18.065  -4.517  2.065   1.00 49.65 ? 172 THR A N   1 
ATOM   785  C CA  . THR A 1 143 ? 18.514  -5.330  0.926   1.00 52.68 ? 172 THR A CA  1 
ATOM   786  C C   . THR A 1 143 ? 17.521  -6.354  0.425   1.00 50.15 ? 172 THR A C   1 
ATOM   787  O O   . THR A 1 143 ? 17.695  -6.892  -0.687  1.00 53.00 ? 172 THR A O   1 
ATOM   788  C CB  . THR A 1 143 ? 19.850  -6.084  1.242   1.00 53.41 ? 172 THR A CB  1 
ATOM   789  O OG1 . THR A 1 143 ? 19.747  -6.842  2.458   1.00 53.11 ? 172 THR A OG1 1 
ATOM   790  C CG2 . THR A 1 143 ? 20.979  -5.096  1.375   1.00 59.03 ? 172 THR A CG2 1 
ATOM   791  N N   . ASP A 1 144 ? 16.481  -6.629  1.222   1.00 51.18 ? 173 ASP A N   1 
ATOM   792  C CA  . ASP A 1 144 ? 15.496  -7.673  0.942   1.00 48.96 ? 173 ASP A CA  1 
ATOM   793  C C   . ASP A 1 144 ? 14.493  -7.035  -0.043  1.00 51.22 ? 173 ASP A C   1 
ATOM   794  O O   . ASP A 1 144 ? 13.417  -6.558  0.349   1.00 54.08 ? 173 ASP A O   1 
ATOM   795  C CB  . ASP A 1 144 ? 14.838  -8.095  2.279   1.00 50.09 ? 173 ASP A CB  1 
ATOM   796  C CG  . ASP A 1 144 ? 13.972  -9.343  2.185   1.00 52.31 ? 173 ASP A CG  1 
ATOM   797  O OD1 . ASP A 1 144 ? 13.790  -9.879  1.086   1.00 46.01 ? 173 ASP A OD1 1 
ATOM   798  O OD2 . ASP A 1 144 ? 13.456  -9.786  3.253   1.00 47.37 ? 173 ASP A OD2 1 
ATOM   799  N N   . VAL A 1 145 ? 14.902  -6.967  -1.309  1.00 45.65 ? 174 VAL A N   1 
ATOM   800  C CA  . VAL A 1 145 ? 14.053  -6.506  -2.384  1.00 43.54 ? 174 VAL A CA  1 
ATOM   801  C C   . VAL A 1 145 ? 12.941  -7.485  -2.760  1.00 41.49 ? 174 VAL A C   1 
ATOM   802  O O   . VAL A 1 145 ? 11.949  -7.081  -3.376  1.00 42.96 ? 174 VAL A O   1 
ATOM   803  C CB  . VAL A 1 145 ? 14.861  -6.121  -3.660  1.00 51.43 ? 174 VAL A CB  1 
ATOM   804  C CG1 . VAL A 1 145 ? 15.765  -4.936  -3.373  1.00 56.75 ? 174 VAL A CG1 1 
ATOM   805  C CG2 . VAL A 1 145 ? 15.637  -7.306  -4.219  1.00 47.64 ? 174 VAL A CG2 1 
ATOM   806  N N   . GLU A 1 146 ? 13.088  -8.760  -2.420  1.00 37.56 ? 175 GLU A N   1 
ATOM   807  C CA  . GLU A 1 146 ? 12.108  -9.789  -2.712  1.00 43.12 ? 175 GLU A CA  1 
ATOM   808  C C   . GLU A 1 146 ? 10.696  -9.425  -2.211  1.00 34.61 ? 175 GLU A C   1 
ATOM   809  O O   . GLU A 1 146 ? 9.747   -9.922  -2.743  1.00 32.58 ? 175 GLU A O   1 
ATOM   810  C CB  . GLU A 1 146 ? 12.564  -11.144 -2.081  1.00 51.07 ? 175 GLU A CB  1 
ATOM   811  C CG  . GLU A 1 146 ? 11.500  -12.118 -1.501  1.00 60.95 ? 175 GLU A CG  1 
ATOM   812  C CD  . GLU A 1 146 ? 11.112  -11.912 -0.012  1.00 64.95 ? 175 GLU A CD  1 
ATOM   813  O OE1 . GLU A 1 146 ? 12.032  -11.764 0.839   1.00 74.76 ? 175 GLU A OE1 1 
ATOM   814  O OE2 . GLU A 1 146 ? 9.881   -11.962 0.324   1.00 53.28 ? 175 GLU A OE2 1 
ATOM   815  N N   . VAL A 1 147 ? 10.607  -8.601  -1.166  1.00 30.54 ? 176 VAL A N   1 
ATOM   816  C CA  . VAL A 1 147 ? 9.333   -8.314  -0.497  1.00 29.71 ? 176 VAL A CA  1 
ATOM   817  C C   . VAL A 1 147 ? 8.363   -7.634  -1.423  1.00 26.25 ? 176 VAL A C   1 
ATOM   818  O O   . VAL A 1 147 ? 7.159   -7.648  -1.101  1.00 27.52 ? 176 VAL A O   1 
ATOM   819  C CB  . VAL A 1 147 ? 9.535   -7.447  0.776   1.00 33.06 ? 176 VAL A CB  1 
ATOM   820  C CG1 . VAL A 1 147 ? 10.350  -8.218  1.818   1.00 39.57 ? 176 VAL A CG1 1 
ATOM   821  C CG2 . VAL A 1 147 ? 10.120  -6.084  0.464   1.00 34.32 ? 176 VAL A CG2 1 
ATOM   822  N N   . ILE A 1 148 ? 8.834   -6.994  -2.485  1.00 24.80 ? 177 ILE A N   1 
ATOM   823  C CA  . ILE A 1 148 ? 7.960   -6.382  -3.478  1.00 24.57 ? 177 ILE A CA  1 
ATOM   824  C C   . ILE A 1 148 ? 7.818   -7.124  -4.820  1.00 24.28 ? 177 ILE A C   1 
ATOM   825  O O   . ILE A 1 148 ? 7.220   -6.619  -5.756  1.00 26.99 ? 177 ILE A O   1 
ATOM   826  C CB  . ILE A 1 148 ? 8.286   -4.913  -3.765  1.00 28.24 ? 177 ILE A CB  1 
ATOM   827  C CG1 . ILE A 1 148 ? 9.665   -4.763  -4.442  1.00 31.21 ? 177 ILE A CG1 1 
ATOM   828  C CG2 . ILE A 1 148 ? 8.250   -4.146  -2.450  1.00 28.80 ? 177 ILE A CG2 1 
ATOM   829  C CD1 . ILE A 1 148 ? 9.946   -3.392  -5.051  1.00 34.17 ? 177 ILE A CD1 1 
ATOM   830  N N   . ASP A 1 149 ? 8.309   -8.367  -4.876  1.00 25.04 ? 178 ASP A N   1 
ATOM   831  C CA  . ASP A 1 149 ? 8.099   -9.193  -6.058  1.00 23.78 ? 178 ASP A CA  1 
ATOM   832  C C   . ASP A 1 149 ? 6.598   -9.606  -6.190  1.00 22.31 ? 178 ASP A C   1 
ATOM   833  O O   . ASP A 1 149 ? 5.787   -9.444  -5.248  1.00 24.62 ? 178 ASP A O   1 
ATOM   834  C CB  . ASP A 1 149 ? 8.942   -10.450 -5.936  1.00 25.80 ? 178 ASP A CB  1 
ATOM   835  C CG  . ASP A 1 149 ? 10.418  -10.228 -6.264  1.00 32.23 ? 178 ASP A CG  1 
ATOM   836  O OD1 . ASP A 1 149 ? 10.768  -9.179  -6.783  1.00 35.90 ? 178 ASP A OD1 1 
ATOM   837  O OD2 . ASP A 1 149 ? 11.206  -11.118 -5.961  1.00 36.77 ? 178 ASP A OD2 1 
ATOM   838  N N   . PRO A 1 150 ? 6.240   -10.165 -7.340  1.00 23.19 ? 179 PRO A N   1 
ATOM   839  C CA  . PRO A 1 150 ? 4.843   -10.424 -7.591  1.00 23.96 ? 179 PRO A CA  1 
ATOM   840  C C   . PRO A 1 150 ? 4.227   -11.415 -6.655  1.00 27.94 ? 179 PRO A C   1 
ATOM   841  O O   . PRO A 1 150 ? 3.041   -11.239 -6.323  1.00 26.69 ? 179 PRO A O   1 
ATOM   842  C CB  . PRO A 1 150 ? 4.824   -10.899 -9.051  1.00 25.61 ? 179 PRO A CB  1 
ATOM   843  C CG  . PRO A 1 150 ? 5.982   -10.232 -9.649  1.00 25.02 ? 179 PRO A CG  1 
ATOM   844  C CD  . PRO A 1 150 ? 7.025   -10.169 -8.608  1.00 23.22 ? 179 PRO A CD  1 
ATOM   845  N N   . VAL A 1 151 ? 5.013   -12.444 -6.229  1.00 23.73 ? 180 VAL A N   1 
ATOM   846  C CA  . VAL A 1 151 ? 4.627   -13.372 -5.189  1.00 24.95 ? 180 VAL A CA  1 
ATOM   847  C C   . VAL A 1 151 ? 5.759   -13.475 -4.188  1.00 28.43 ? 180 VAL A C   1 
ATOM   848  O O   . VAL A 1 151 ? 6.618   -14.370 -4.289  1.00 27.23 ? 180 VAL A O   1 
ATOM   849  C CB  . VAL A 1 151 ? 4.174   -14.774 -5.709  1.00 25.04 ? 180 VAL A CB  1 
ATOM   850  C CG1 . VAL A 1 151 ? 3.716   -15.614 -4.544  1.00 25.48 ? 180 VAL A CG1 1 
ATOM   851  C CG2 . VAL A 1 151 ? 3.124   -14.699 -6.765  1.00 26.04 ? 180 VAL A CG2 1 
ATOM   852  N N   . PRO A 1 152 ? 5.794   -12.605 -3.168  1.00 27.79 ? 181 PRO A N   1 
ATOM   853  C CA  . PRO A 1 152 ? 6.979   -12.550 -2.247  1.00 29.70 ? 181 PRO A CA  1 
ATOM   854  C C   . PRO A 1 152 ? 7.113   -13.767 -1.378  1.00 33.51 ? 181 PRO A C   1 
ATOM   855  O O   . PRO A 1 152 ? 6.128   -14.241 -0.823  1.00 31.29 ? 181 PRO A O   1 
ATOM   856  C CB  . PRO A 1 152 ? 6.679   -11.336 -1.341  1.00 31.01 ? 181 PRO A CB  1 
ATOM   857  C CG  . PRO A 1 152 ? 5.704   -10.549 -2.125  1.00 26.70 ? 181 PRO A CG  1 
ATOM   858  C CD  . PRO A 1 152 ? 4.853   -11.490 -2.907  1.00 28.72 ? 181 PRO A CD  1 
ATOM   859  N N   . ARG A 1 153 ? 8.339   -14.304 -1.259  1.00 37.71 ? 182 ARG A N   1 
ATOM   860  C CA  . ARG A 1 153 ? 8.561   -15.509 -0.480  1.00 42.95 ? 182 ARG A CA  1 
ATOM   861  C C   . ARG A 1 153 ? 8.129   -15.336 0.971   1.00 41.70 ? 182 ARG A C   1 
ATOM   862  O O   . ARG A 1 153 ? 7.534   -16.269 1.537   1.00 42.40 ? 182 ARG A O   1 
ATOM   863  C CB  . ARG A 1 153 ? 10.062  -15.873 -0.554  1.00 54.55 ? 182 ARG A CB  1 
ATOM   864  C CG  . ARG A 1 153 ? 10.510  -17.114 0.195   1.00 65.04 ? 182 ARG A CG  1 
ATOM   865  C CD  . ARG A 1 153 ? 11.949  -17.474 -0.214  1.00 72.14 ? 182 ARG A CD  1 
ATOM   866  N NE  . ARG A 1 153 ? 12.900  -16.438 0.205   1.00 69.36 ? 182 ARG A NE  1 
ATOM   867  C CZ  . ARG A 1 153 ? 13.334  -16.265 1.458   1.00 71.50 ? 182 ARG A CZ  1 
ATOM   868  N NH1 . ARG A 1 153 ? 14.181  -15.278 1.728   1.00 70.13 ? 182 ARG A NH1 1 
ATOM   869  N NH2 . ARG A 1 153 ? 12.920  -17.052 2.452   1.00 68.64 ? 182 ARG A NH2 1 
ATOM   870  N N   . LYS A 1 154 ? 8.359   -14.144 1.555   1.00 34.73 ? 183 LYS A N   1 
ATOM   871  C CA  . LYS A 1 154 ? 8.034   -13.930 2.965   1.00 36.13 ? 183 LYS A CA  1 
ATOM   872  C C   . LYS A 1 154 ? 6.573   -13.532 3.258   1.00 37.56 ? 183 LYS A C   1 
ATOM   873  O O   . LYS A 1 154 ? 6.135   -13.536 4.411   1.00 35.20 ? 183 LYS A O   1 
ATOM   874  C CB  . LYS A 1 154 ? 8.999   -12.928 3.545   1.00 41.43 ? 183 LYS A CB  1 
ATOM   875  C CG  . LYS A 1 154 ? 10.428  -13.505 3.570   1.00 50.17 ? 183 LYS A CG  1 
ATOM   876  C CD  . LYS A 1 154 ? 11.441  -12.467 3.984   1.00 56.39 ? 183 LYS A CD  1 
ATOM   877  C CE  . LYS A 1 154 ? 12.862  -13.016 3.966   1.00 60.10 ? 183 LYS A CE  1 
ATOM   878  N NZ  . LYS A 1 154 ? 13.710  -12.038 4.706   1.00 61.15 ? 183 LYS A NZ  1 
ATOM   879  N N   . SER A 1 155 ? 5.798   -13.301 2.221   1.00 33.00 ? 184 SER A N   1 
ATOM   880  C CA  . SER A 1 155 ? 4.377   -12.960 2.411   1.00 33.22 ? 184 SER A CA  1 
ATOM   881  C C   . SER A 1 155 ? 3.539   -14.108 2.891   1.00 35.14 ? 184 SER A C   1 
ATOM   882  O O   . SER A 1 155 ? 2.501   -13.891 3.426   1.00 35.84 ? 184 SER A O   1 
ATOM   883  C CB  . SER A 1 155 ? 3.767   -12.479 1.101   1.00 29.38 ? 184 SER A CB  1 
ATOM   884  O OG  . SER A 1 155 ? 3.736   -13.517 0.109   1.00 28.68 ? 184 SER A OG  1 
ATOM   885  N N   . GLY A 1 156 ? 3.949   -15.338 2.617   1.00 34.99 ? 185 GLY A N   1 
ATOM   886  C CA  . GLY A 1 156 ? 3.093   -16.465 2.854   1.00 32.97 ? 185 GLY A CA  1 
ATOM   887  C C   . GLY A 1 156 ? 2.187   -16.845 1.708   1.00 33.72 ? 185 GLY A C   1 
ATOM   888  O O   . GLY A 1 156 ? 1.527   -17.871 1.761   1.00 32.88 ? 185 GLY A O   1 
ATOM   889  N N   . TYR A 1 157 ? 2.127   -16.036 0.652   1.00 28.12 ? 186 TYR A N   1 
ATOM   890  C CA  . TYR A 1 157 ? 1.268   -16.360 -0.435  1.00 25.90 ? 186 TYR A CA  1 
ATOM   891  C C   . TYR A 1 157 ? 2.094   -17.399 -1.264  1.00 30.38 ? 186 TYR A C   1 
ATOM   892  O O   . TYR A 1 157 ? 3.315   -17.399 -1.285  1.00 34.85 ? 186 TYR A O   1 
ATOM   893  C CB  . TYR A 1 157 ? 0.967   -15.203 -1.327  1.00 26.31 ? 186 TYR A CB  1 
ATOM   894  C CG  . TYR A 1 157 ? 0.247   -13.993 -0.598  1.00 24.90 ? 186 TYR A CG  1 
ATOM   895  C CD1 . TYR A 1 157 ? -0.902  -14.202 0.157   1.00 28.61 ? 186 TYR A CD1 1 
ATOM   896  C CD2 . TYR A 1 157 ? 0.772   -12.720 -0.682  1.00 25.56 ? 186 TYR A CD2 1 
ATOM   897  C CE1 . TYR A 1 157 ? -1.529  -13.133 0.807   1.00 26.27 ? 186 TYR A CE1 1 
ATOM   898  C CE2 . TYR A 1 157 ? 0.114   -11.605 -0.086  1.00 26.21 ? 186 TYR A CE2 1 
ATOM   899  C CZ  . TYR A 1 157 ? -0.997  -11.847 0.668   1.00 26.31 ? 186 TYR A CZ  1 
ATOM   900  O OH  . TYR A 1 157 ? -1.613  -10.773 1.286   1.00 26.17 ? 186 TYR A OH  1 
ATOM   901  N N   . GLU A 1 158 ? 1.336   -18.288 -1.811  1.00 30.02 ? 187 GLU A N   1 
ATOM   902  C CA  . GLU A 1 158 ? 1.976   -19.478 -2.488  1.00 29.37 ? 187 GLU A CA  1 
ATOM   903  C C   . GLU A 1 158 ? 1.401   -19.574 -3.840  1.00 27.01 ? 187 GLU A C   1 
ATOM   904  O O   . GLU A 1 158 ? 1.403   -20.656 -4.440  1.00 26.27 ? 187 GLU A O   1 
ATOM   905  C CB  . GLU A 1 158 ? 1.644   -20.750 -1.695  1.00 34.67 ? 187 GLU A CB  1 
ATOM   906  C CG  . GLU A 1 158 ? 2.067   -20.780 -0.229  1.00 43.55 ? 187 GLU A CG  1 
ATOM   907  C CD  . GLU A 1 158 ? 3.524   -21.188 0.016   1.00 50.77 ? 187 GLU A CD  1 
ATOM   908  O OE1 . GLU A 1 158 ? 4.230   -21.481 -0.942  1.00 51.99 ? 187 GLU A OE1 1 
ATOM   909  O OE2 . GLU A 1 158 ? 3.950   -21.272 1.200   1.00 54.53 ? 187 GLU A OE2 1 
ATOM   910  N N   . ARG A 1 159 ? 0.919   -18.454 -4.368  1.00 26.12 ? 188 ARG A N   1 
ATOM   911  C CA  A ARG A 1 159 ? 0.240   -18.415 -5.657  0.50 23.70 ? 188 ARG A CA  1 
ATOM   912  C CA  B ARG A 1 159 ? 0.190   -18.420 -5.627  0.50 24.59 ? 188 ARG A CA  1 
ATOM   913  C C   . ARG A 1 159 ? 0.050   -16.981 -6.081  1.00 26.21 ? 188 ARG A C   1 
ATOM   914  O O   . ARG A 1 159 ? 0.178   -16.099 -5.266  1.00 24.84 ? 188 ARG A O   1 
ATOM   915  C CB  A ARG A 1 159 ? -1.092  -19.163 -5.666  0.50 25.60 ? 188 ARG A CB  1 
ATOM   916  C CB  B ARG A 1 159 ? -1.183  -19.034 -5.467  0.50 28.71 ? 188 ARG A CB  1 
ATOM   917  C CG  A ARG A 1 159 ? -2.183  -18.564 -4.769  0.50 27.69 ? 188 ARG A CG  1 
ATOM   918  C CG  B ARG A 1 159 ? -2.045  -18.292 -4.441  0.50 30.66 ? 188 ARG A CG  1 
ATOM   919  C CD  A ARG A 1 159 ? -3.198  -19.640 -4.363  0.50 29.83 ? 188 ARG A CD  1 
ATOM   920  C CD  B ARG A 1 159 ? -3.435  -18.885 -4.299  0.50 35.92 ? 188 ARG A CD  1 
ATOM   921  N NE  A ARG A 1 159 ? -2.695  -20.449 -3.273  0.50 32.57 ? 188 ARG A NE  1 
ATOM   922  N NE  B ARG A 1 159 ? -3.912  -19.516 -5.517  0.50 40.86 ? 188 ARG A NE  1 
ATOM   923  C CZ  A ARG A 1 159 ? -2.666  -21.765 -3.229  0.50 34.26 ? 188 ARG A CZ  1 
ATOM   924  C CZ  B ARG A 1 159 ? -4.044  -20.834 -5.628  0.50 40.13 ? 188 ARG A CZ  1 
ATOM   925  N NH1 A ARG A 1 159 ? -3.128  -22.494 -4.217  0.50 35.70 ? 188 ARG A NH1 1 
ATOM   926  N NH1 B ARG A 1 159 ? -4.479  -21.381 -6.746  0.50 38.67 ? 188 ARG A NH1 1 
ATOM   927  N NH2 A ARG A 1 159 ? -2.158  -22.351 -2.168  0.50 40.96 ? 188 ARG A NH2 1 
ATOM   928  N NH2 B ARG A 1 159 ? -3.722  -21.590 -4.588  0.50 38.59 ? 188 ARG A NH2 1 
ATOM   929  N N   . GLU A 1 160 ? -0.152  -16.805 -7.374  1.00 24.75 ? 189 GLU A N   1 
ATOM   930  C CA  . GLU A 1 160 ? -0.444  -15.472 -7.958  1.00 27.88 ? 189 GLU A CA  1 
ATOM   931  C C   . GLU A 1 160 ? -1.739  -14.960 -7.382  1.00 25.20 ? 189 GLU A C   1 
ATOM   932  O O   . GLU A 1 160 ? -2.683  -15.701 -7.133  1.00 26.15 ? 189 GLU A O   1 
ATOM   933  C CB  . GLU A 1 160 ? -0.593  -15.483 -9.460  1.00 33.66 ? 189 GLU A CB  1 
ATOM   934  C CG  . GLU A 1 160 ? -0.456  -14.094 -10.127 1.00 41.18 ? 189 GLU A CG  1 
ATOM   935  C CD  . GLU A 1 160 ? 0.971   -13.421 -10.182 1.00 46.71 ? 189 GLU A CD  1 
ATOM   936  O OE1 . GLU A 1 160 ? 2.082   -14.000 -9.969  1.00 59.94 ? 189 GLU A OE1 1 
ATOM   937  O OE2 . GLU A 1 160 ? 1.039   -12.216 -10.504 1.00 42.34 ? 189 GLU A OE2 1 
ATOM   938  N N   . GLY A 1 161 ? -1.753  -13.669 -7.099  1.00 24.72 ? 190 GLY A N   1 
ATOM   939  C CA  . GLY A 1 161 ? -2.998  -13.026 -6.622  1.00 24.11 ? 190 GLY A CA  1 
ATOM   940  C C   . GLY A 1 161 ? -2.887  -11.576 -6.944  1.00 23.69 ? 190 GLY A C   1 
ATOM   941  O O   . GLY A 1 161 ? -2.038  -11.161 -7.736  1.00 22.79 ? 190 GLY A O   1 
ATOM   942  N N   . ARG A 1 162 ? -3.783  -10.770 -6.351  1.00 20.50 ? 191 ARG A N   1 
ATOM   943  C CA  . ARG A 1 162 ? -3.796  -9.321  -6.535  1.00 21.45 ? 191 ARG A CA  1 
ATOM   944  C C   . ARG A 1 162 ? -3.398  -8.747  -5.165  1.00 21.38 ? 191 ARG A C   1 
ATOM   945  O O   . ARG A 1 162 ? -4.218  -8.647  -4.239  1.00 21.02 ? 191 ARG A O   1 
ATOM   946  C CB  . ARG A 1 162 ? -5.202  -8.878  -6.949  1.00 21.46 ? 191 ARG A CB  1 
ATOM   947  C CG  . ARG A 1 162 ? -5.623  -9.395  -8.313  1.00 21.65 ? 191 ARG A CG  1 
ATOM   948  C CD  . ARG A 1 162 ? -7.138  -9.131  -8.512  1.00 24.57 ? 191 ARG A CD  1 
ATOM   949  N NE  . ARG A 1 162 ? -7.598  -9.806  -9.755  1.00 27.86 ? 191 ARG A NE  1 
ATOM   950  C CZ  . ARG A 1 162 ? -7.502  -9.266  -10.958 1.00 26.53 ? 191 ARG A CZ  1 
ATOM   951  N NH1 . ARG A 1 162 ? -7.035  -8.060  -11.191 1.00 29.51 ? 191 ARG A NH1 1 
ATOM   952  N NH2 . ARG A 1 162 ? -7.940  -9.963  -12.012 1.00 30.57 ? 191 ARG A NH2 1 
ATOM   953  N N   . TYR A 1 163 ? -2.103  -8.557  -5.010  1.00 20.39 ? 192 TYR A N   1 
ATOM   954  C CA  . TYR A 1 163 ? -1.569  -8.227  -3.711  1.00 20.21 ? 192 TYR A CA  1 
ATOM   955  C C   . TYR A 1 163 ? -1.205  -6.750  -3.631  1.00 18.77 ? 192 TYR A C   1 
ATOM   956  O O   . TYR A 1 163 ? -1.039  -6.042  -4.658  1.00 19.16 ? 192 TYR A O   1 
ATOM   957  C CB  . TYR A 1 163 ? -0.314  -9.095  -3.362  1.00 20.14 ? 192 TYR A CB  1 
ATOM   958  C CG  . TYR A 1 163 ? -0.581  -10.545 -3.471  1.00 21.00 ? 192 TYR A CG  1 
ATOM   959  C CD1 . TYR A 1 163 ? -1.699  -11.129 -2.810  1.00 20.09 ? 192 TYR A CD1 1 
ATOM   960  C CD2 . TYR A 1 163 ? 0.264   -11.382 -4.199  1.00 22.26 ? 192 TYR A CD2 1 
ATOM   961  C CE1 . TYR A 1 163 ? -1.986  -12.460 -2.925  1.00 21.92 ? 192 TYR A CE1 1 
ATOM   962  C CE2 . TYR A 1 163 ? -0.010  -12.725 -4.302  1.00 23.11 ? 192 TYR A CE2 1 
ATOM   963  C CZ  . TYR A 1 163 ? -1.123  -13.276 -3.674  1.00 21.58 ? 192 TYR A CZ  1 
ATOM   964  O OH  . TYR A 1 163 ? -1.488  -14.621 -3.792  1.00 23.59 ? 192 TYR A OH  1 
ATOM   965  N N   . LEU A 1 164 ? -1.013  -6.306  -2.368  1.00 20.63 ? 193 LEU A N   1 
ATOM   966  C CA  . LEU A 1 164 ? -0.472  -5.026  -2.070  1.00 21.43 ? 193 LEU A CA  1 
ATOM   967  C C   . LEU A 1 164 ? 0.549   -5.189  -0.984  1.00 22.66 ? 193 LEU A C   1 
ATOM   968  O O   . LEU A 1 164 ? 0.389   -6.018  -0.093  1.00 21.21 ? 193 LEU A O   1 
ATOM   969  C CB  . LEU A 1 164 ? -1.632  -4.096  -1.624  1.00 20.71 ? 193 LEU A CB  1 
ATOM   970  C CG  . LEU A 1 164 ? -1.313  -2.762  -0.965  1.00 23.05 ? 193 LEU A CG  1 
ATOM   971  C CD1 . LEU A 1 164 ? -2.476  -1.799  -1.215  1.00 24.28 ? 193 LEU A CD1 1 
ATOM   972  C CD2 . LEU A 1 164 ? -0.996  -2.978  0.490   1.00 25.46 ? 193 LEU A CD2 1 
ATOM   973  N N   . THR A 1 165 ? 1.603   -4.371  -1.073  1.00 19.60 ? 194 THR A N   1 
ATOM   974  C CA  . THR A 1 165 ? 2.641   -4.335  -0.091  1.00 19.87 ? 194 THR A CA  1 
ATOM   975  C C   . THR A 1 165 ? 2.832   -2.857  0.322   1.00 19.84 ? 194 THR A C   1 
ATOM   976  O O   . THR A 1 165 ? 2.923   -1.976  -0.525  1.00 20.27 ? 194 THR A O   1 
ATOM   977  C CB  . THR A 1 165 ? 3.932   -4.886  -0.632  1.00 21.80 ? 194 THR A CB  1 
ATOM   978  O OG1 . THR A 1 165 ? 3.694   -6.168  -1.175  1.00 26.90 ? 194 THR A OG1 1 
ATOM   979  C CG2 . THR A 1 165 ? 5.010   -5.032  0.476   1.00 23.09 ? 194 THR A CG2 1 
ATOM   980  N N   . LEU A 1 166 ? 2.953   -2.646  1.623   1.00 20.39 ? 195 LEU A N   1 
ATOM   981  C CA  . LEU A 1 166 ? 3.424   -1.364  2.196   1.00 20.69 ? 195 LEU A CA  1 
ATOM   982  C C   . LEU A 1 166 ? 4.791   -1.555  2.795   1.00 22.78 ? 195 LEU A C   1 
ATOM   983  O O   . LEU A 1 166 ? 4.983   -2.498  3.562   1.00 23.43 ? 195 LEU A O   1 
ATOM   984  C CB  . LEU A 1 166 ? 2.484   -0.825  3.279   1.00 21.22 ? 195 LEU A CB  1 
ATOM   985  C CG  . LEU A 1 166 ? 1.024   -0.734  2.853   1.00 21.33 ? 195 LEU A CG  1 
ATOM   986  C CD1 . LEU A 1 166 ? 0.139   -0.148  3.954   1.00 25.65 ? 195 LEU A CD1 1 
ATOM   987  C CD2 . LEU A 1 166 ? 0.858   0.108   1.579   1.00 19.89 ? 195 LEU A CD2 1 
ATOM   988  N N   . VAL A 1 167 ? 5.657   -0.609  2.493   1.00 22.61 ? 196 VAL A N   1 
ATOM   989  C CA  . VAL A 1 167 ? 7.055   -0.615  2.932   1.00 24.89 ? 196 VAL A CA  1 
ATOM   990  C C   . VAL A 1 167 ? 7.359   0.689   3.624   1.00 24.71 ? 196 VAL A C   1 
ATOM   991  O O   . VAL A 1 167 ? 7.100   1.763   3.103   1.00 27.37 ? 196 VAL A O   1 
ATOM   992  C CB  . VAL A 1 167 ? 7.994   -0.750  1.692   1.00 26.77 ? 196 VAL A CB  1 
ATOM   993  C CG1 . VAL A 1 167 ? 9.447   -0.759  2.120   1.00 30.90 ? 196 VAL A CG1 1 
ATOM   994  C CG2 . VAL A 1 167 ? 7.679   -1.996  0.919   1.00 30.55 ? 196 VAL A CG2 1 
ATOM   995  N N   . THR A 1 168 ? 8.002   0.639   4.780   1.00 25.29 ? 197 THR A N   1 
ATOM   996  C CA  . THR A 1 168 ? 8.537   1.904   5.290   1.00 27.63 ? 197 THR A CA  1 
ATOM   997  C C   . THR A 1 168 ? 9.951   2.143   4.679   1.00 40.49 ? 197 THR A C   1 
ATOM   998  O O   . THR A 1 168 ? 10.724  1.190   4.524   1.00 42.24 ? 197 THR A O   1 
ATOM   999  C CB  . THR A 1 168 ? 8.690   1.866   6.780   1.00 37.61 ? 197 THR A CB  1 
ATOM   1000 O OG1 . THR A 1 168 ? 9.680   0.870   7.098   1.00 36.14 ? 197 THR A OG1 1 
ATOM   1001 C CG2 . THR A 1 168 ? 7.302   1.624   7.460   1.00 32.33 ? 197 THR A CG2 1 
ATOM   1002 N N   . CYS A 1 169 ? 10.288  3.379   4.336   1.00 45.00 ? 198 CYS A N   1 
ATOM   1003 C CA  . CYS A 1 169 ? 11.616  3.709   3.695   1.00 47.90 ? 198 CYS A CA  1 
ATOM   1004 C C   . CYS A 1 169 ? 12.874  3.270   4.447   1.00 47.66 ? 198 CYS A C   1 
ATOM   1005 O O   . CYS A 1 169 ? 12.990  3.559   5.634   1.00 45.74 ? 198 CYS A O   1 
ATOM   1006 C CB  . CYS A 1 169 ? 11.717  5.208   3.556   1.00 51.32 ? 198 CYS A CB  1 
ATOM   1007 S SG  . CYS A 1 169 ? 10.465  5.759   2.434   1.00 53.55 ? 198 CYS A SG  1 
ATOM   1008 N N   . SER A 1 176 ? 17.651  1.678   10.171  1.00 74.20 ? 205 SER A N   1 
ATOM   1009 C CA  . SER A 1 176 ? 18.080  1.001   8.949   1.00 74.51 ? 205 SER A CA  1 
ATOM   1010 C C   . SER A 1 176 ? 17.544  -0.447  8.843   1.00 70.77 ? 205 SER A C   1 
ATOM   1011 O O   . SER A 1 176 ? 18.218  -1.323  8.301   1.00 70.19 ? 205 SER A O   1 
ATOM   1012 C CB  . SER A 1 176 ? 19.600  1.012   8.879   1.00 77.10 ? 205 SER A CB  1 
ATOM   1013 O OG  . SER A 1 176 ? 20.123  0.326   10.002  1.00 79.25 ? 205 SER A OG  1 
ATOM   1014 N N   . HIS A 1 177 ? 16.364  -0.690  9.415   1.00 61.33 ? 206 HIS A N   1 
ATOM   1015 C CA  . HIS A 1 177 ? 15.484  -1.811  9.035   1.00 59.24 ? 206 HIS A CA  1 
ATOM   1016 C C   . HIS A 1 177 ? 14.234  -1.239  8.312   1.00 49.68 ? 206 HIS A C   1 
ATOM   1017 O O   . HIS A 1 177 ? 13.979  -0.027  8.289   1.00 51.33 ? 206 HIS A O   1 
ATOM   1018 C CB  . HIS A 1 177 ? 15.045  -2.626  10.257  1.00 64.03 ? 206 HIS A CB  1 
ATOM   1019 C CG  . HIS A 1 177 ? 16.092  -3.561  10.783  1.00 74.97 ? 206 HIS A CG  1 
ATOM   1020 N ND1 . HIS A 1 177 ? 16.568  -3.490  12.076  1.00 84.96 ? 206 HIS A ND1 1 
ATOM   1021 C CD2 . HIS A 1 177 ? 16.741  -4.598  10.200  1.00 80.53 ? 206 HIS A CD2 1 
ATOM   1022 C CE1 . HIS A 1 177 ? 17.473  -4.436  12.263  1.00 86.59 ? 206 HIS A CE1 1 
ATOM   1023 N NE2 . HIS A 1 177 ? 17.597  -5.122  11.140  1.00 83.21 ? 206 HIS A NE2 1 
ATOM   1024 N N   . ARG A 1 178 ? 13.481  -2.117  7.671   1.00 38.74 ? 207 ARG A N   1 
ATOM   1025 C CA  . ARG A 1 178 ? 12.184  -1.718  7.124   1.00 38.91 ? 207 ARG A CA  1 
ATOM   1026 C C   . ARG A 1 178 ? 11.116  -2.514  7.789   1.00 35.04 ? 207 ARG A C   1 
ATOM   1027 O O   . ARG A 1 178 ? 11.339  -3.604  8.312   1.00 35.14 ? 207 ARG A O   1 
ATOM   1028 C CB  . ARG A 1 178 ? 12.132  -1.980  5.637   1.00 39.04 ? 207 ARG A CB  1 
ATOM   1029 C CG  . ARG A 1 178 ? 13.114  -1.114  4.931   1.00 47.09 ? 207 ARG A CG  1 
ATOM   1030 C CD  . ARG A 1 178 ? 13.023  -1.306  3.462   1.00 50.57 ? 207 ARG A CD  1 
ATOM   1031 N NE  . ARG A 1 178 ? 13.505  -0.102  2.793   1.00 64.73 ? 207 ARG A NE  1 
ATOM   1032 C CZ  . ARG A 1 178 ? 13.561  0.011   1.467   1.00 72.86 ? 207 ARG A CZ  1 
ATOM   1033 N NH1 . ARG A 1 178 ? 13.171  -1.005  0.667   1.00 67.26 ? 207 ARG A NH1 1 
ATOM   1034 N NH2 . ARG A 1 178 ? 14.013  1.144   0.942   1.00 76.40 ? 207 ARG A NH2 1 
ATOM   1035 N N   . LEU A 1 179 ? 9.924   -1.986  7.729   1.00 29.33 ? 208 LEU A N   1 
ATOM   1036 C CA  . LEU A 1 179 ? 8.786   -2.712  8.168   1.00 27.87 ? 208 LEU A CA  1 
ATOM   1037 C C   . LEU A 1 179 ? 7.866   -2.891  6.941   1.00 24.99 ? 208 LEU A C   1 
ATOM   1038 O O   . LEU A 1 179 ? 7.733   -1.941  6.157   1.00 25.58 ? 208 LEU A O   1 
ATOM   1039 C CB  . LEU A 1 179 ? 7.996   -1.950  9.187   1.00 32.27 ? 208 LEU A CB  1 
ATOM   1040 C CG  . LEU A 1 179 ? 8.593   -1.722  10.570  1.00 37.72 ? 208 LEU A CG  1 
ATOM   1041 C CD1 . LEU A 1 179 ? 7.668   -0.866  11.415  1.00 35.70 ? 208 LEU A CD1 1 
ATOM   1042 C CD2 . LEU A 1 179 ? 8.895   -3.057  11.202  1.00 41.35 ? 208 LEU A CD2 1 
ATOM   1043 N N   . ILE A 1 180 ? 7.271   -4.075  6.877   1.00 25.14 ? 209 ILE A N   1 
ATOM   1044 C CA  . ILE A 1 180 ? 6.462   -4.519  5.692   1.00 25.48 ? 209 ILE A CA  1 
ATOM   1045 C C   . ILE A 1 180 ? 5.154   -5.105  6.148   1.00 24.77 ? 209 ILE A C   1 
ATOM   1046 O O   . ILE A 1 180 ? 5.094   -5.862  7.111   1.00 26.61 ? 209 ILE A O   1 
ATOM   1047 C CB  . ILE A 1 180 ? 7.149   -5.649  4.903   1.00 28.71 ? 209 ILE A CB  1 
ATOM   1048 C CG1 . ILE A 1 180 ? 8.640   -5.401  4.720   1.00 33.17 ? 209 ILE A CG1 1 
ATOM   1049 C CG2 . ILE A 1 180 ? 6.523   -5.800  3.519   1.00 26.80 ? 209 ILE A CG2 1 
ATOM   1050 C CD1 . ILE A 1 180 ? 8.993   -4.199  3.917   1.00 32.32 ? 209 ILE A CD1 1 
ATOM   1051 N N   . VAL A 1 181 ? 4.071   -4.809  5.407   1.00 22.17 ? 210 VAL A N   1 
ATOM   1052 C CA  . VAL A 1 181 ? 2.859   -5.589  5.466   1.00 22.94 ? 210 VAL A CA  1 
ATOM   1053 C C   . VAL A 1 181 ? 2.458   -6.029  4.046   1.00 21.48 ? 210 VAL A C   1 
ATOM   1054 O O   . VAL A 1 181 ? 2.748   -5.289  3.072   1.00 21.30 ? 210 VAL A O   1 
ATOM   1055 C CB  . VAL A 1 181 ? 1.642   -4.906  6.086   1.00 23.67 ? 210 VAL A CB  1 
ATOM   1056 C CG1 . VAL A 1 181 ? 1.898   -4.638  7.560   1.00 24.39 ? 210 VAL A CG1 1 
ATOM   1057 C CG2 . VAL A 1 181 ? 1.276   -3.640  5.376   1.00 24.77 ? 210 VAL A CG2 1 
ATOM   1058 N N   . TRP A 1 182 ? 1.792   -7.165  3.975   1.00 23.51 ? 211 TRP A N   1 
ATOM   1059 C CA  . TRP A 1 182 ? 1.251   -7.699  2.726   1.00 20.55 ? 211 TRP A CA  1 
ATOM   1060 C C   . TRP A 1 182 ? -0.217  -7.931  2.825   1.00 20.47 ? 211 TRP A C   1 
ATOM   1061 O O   . TRP A 1 182 ? -0.705  -8.390  3.845   1.00 21.56 ? 211 TRP A O   1 
ATOM   1062 C CB  . TRP A 1 182 ? 1.946   -9.036  2.333   1.00 22.07 ? 211 TRP A CB  1 
ATOM   1063 C CG  . TRP A 1 182 ? 3.338   -8.955  2.010   1.00 22.41 ? 211 TRP A CG  1 
ATOM   1064 C CD1 . TRP A 1 182 ? 3.882   -8.632  0.837   1.00 24.25 ? 211 TRP A CD1 1 
ATOM   1065 C CD2 . TRP A 1 182 ? 4.431   -9.274  2.887   1.00 25.97 ? 211 TRP A CD2 1 
ATOM   1066 N NE1 . TRP A 1 182 ? 5.272   -8.703  0.917   1.00 25.19 ? 211 TRP A NE1 1 
ATOM   1067 C CE2 . TRP A 1 182 ? 5.611   -9.126  2.157   1.00 27.82 ? 211 TRP A CE2 1 
ATOM   1068 C CE3 . TRP A 1 182 ? 4.499   -9.678  4.232   1.00 28.67 ? 211 TRP A CE3 1 
ATOM   1069 C CZ2 . TRP A 1 182 ? 6.872   -9.359  2.711   1.00 27.46 ? 211 TRP A CZ2 1 
ATOM   1070 C CZ3 . TRP A 1 182 ? 5.764   -9.902  4.791   1.00 31.26 ? 211 TRP A CZ3 1 
ATOM   1071 C CH2 . TRP A 1 182 ? 6.909   -9.742  4.036   1.00 30.27 ? 211 TRP A CH2 1 
ATOM   1072 N N   . ALA A 1 183 ? -0.914  -7.580  1.760   1.00 20.42 ? 212 ALA A N   1 
ATOM   1073 C CA  . ALA A 1 183 ? -2.364  -7.637  1.677   1.00 20.82 ? 212 ALA A CA  1 
ATOM   1074 C C   . ALA A 1 183 ? -2.859  -8.214  0.384   1.00 20.96 ? 212 ALA A C   1 
ATOM   1075 O O   . ALA A 1 183 ? -2.131  -8.202  -0.613  1.00 19.68 ? 212 ALA A O   1 
ATOM   1076 C CB  . ALA A 1 183 ? -2.963  -6.230  1.895   1.00 20.61 ? 212 ALA A CB  1 
ATOM   1077 N N   . HIS A 1 184 ? -4.113  -8.680  0.365   1.00 20.21 ? 213 HIS A N   1 
ATOM   1078 C CA  . HIS A 1 184 ? -4.764  -9.103  -0.877  1.00 20.90 ? 213 HIS A CA  1 
ATOM   1079 C C   . HIS A 1 184 ? -6.041  -8.351  -1.151  1.00 19.87 ? 213 HIS A C   1 
ATOM   1080 O O   . HIS A 1 184 ? -6.640  -7.838  -0.198  1.00 21.03 ? 213 HIS A O   1 
ATOM   1081 C CB  . HIS A 1 184 ? -5.037  -10.571 -0.897  1.00 23.64 ? 213 HIS A CB  1 
ATOM   1082 C CG  . HIS A 1 184 ? -6.183  -10.978 -0.024  1.00 23.83 ? 213 HIS A CG  1 
ATOM   1083 N ND1 . HIS A 1 184 ? -6.077  -11.103 1.339   1.00 28.73 ? 213 HIS A ND1 1 
ATOM   1084 C CD2 . HIS A 1 184 ? -7.508  -11.099 -0.310  1.00 26.74 ? 213 HIS A CD2 1 
ATOM   1085 C CE1 . HIS A 1 184 ? -7.265  -11.372 1.855   1.00 30.35 ? 213 HIS A CE1 1 
ATOM   1086 N NE2 . HIS A 1 184 ? -8.143  -11.395 0.867   1.00 31.67 ? 213 HIS A NE2 1 
ATOM   1087 N N   . LEU A 1 185 ? -6.398  -8.280  -2.416  1.00 19.89 ? 214 LEU A N   1 
ATOM   1088 C CA  . LEU A 1 185 ? -7.590  -7.536  -2.834  1.00 19.94 ? 214 LEU A CA  1 
ATOM   1089 C C   . LEU A 1 185 ? -8.822  -8.289  -2.440  1.00 22.30 ? 214 LEU A C   1 
ATOM   1090 O O   . LEU A 1 185 ? -9.014  -9.441  -2.848  1.00 24.15 ? 214 LEU A O   1 
ATOM   1091 C CB  . LEU A 1 185 ? -7.575  -7.255  -4.297  1.00 21.07 ? 214 LEU A CB  1 
ATOM   1092 C CG  . LEU A 1 185 ? -8.749  -6.417  -4.846  1.00 21.96 ? 214 LEU A CG  1 
ATOM   1093 C CD1 . LEU A 1 185 ? -8.656  -5.030  -4.250  1.00 22.42 ? 214 LEU A CD1 1 
ATOM   1094 C CD2 . LEU A 1 185 ? -8.777  -6.397  -6.358  1.00 24.65 ? 214 LEU A CD2 1 
ATOM   1095 N N   . ASP A 1 186 ? -9.645  -7.670  -1.609  1.00 20.41 ? 215 ASP A N   1 
ATOM   1096 C CA  . ASP A 1 186 ? -10.848 -8.340  -1.089  1.00 23.04 ? 215 ASP A CA  1 
ATOM   1097 C C   . ASP A 1 186 ? -12.033 -7.923  -1.917  1.00 25.15 ? 215 ASP A C   1 
ATOM   1098 O O   . ASP A 1 186 ? -12.932 -8.761  -2.265  1.00 25.62 ? 215 ASP A O   1 
ATOM   1099 C CB  . ASP A 1 186 ? -11.034 -7.924  0.337   1.00 25.46 ? 215 ASP A CB  1 
ATOM   1100 C CG  . ASP A 1 186 ? -12.331 -8.545  0.951   1.00 38.59 ? 215 ASP A CG  1 
ATOM   1101 O OD1 . ASP A 1 186 ? -13.407 -7.983  0.758   1.00 41.61 ? 215 ASP A OD1 1 
ATOM   1102 O OD2 . ASP A 1 186 ? -12.282 -9.654  1.437   1.00 50.01 ? 215 ASP A OD2 1 
ATOM   1103 N N   . SER A 1 187 ? -12.147 -6.631  -2.236  1.00 23.17 ? 216 SER A N   1 
ATOM   1104 C CA  . SER A 1 187 ? -13.371 -6.151  -2.964  1.00 26.14 ? 216 SER A CA  1 
ATOM   1105 C C   . SER A 1 187 ? -13.089 -4.883  -3.770  1.00 23.22 ? 216 SER A C   1 
ATOM   1106 O O   . SER A 1 187 ? -12.068 -4.229  -3.582  1.00 21.87 ? 216 SER A O   1 
ATOM   1107 C CB  . SER A 1 187 ? -14.505 -5.978  -2.013  1.00 30.03 ? 216 SER A CB  1 
ATOM   1108 O OG  . SER A 1 187 ? -14.187 -4.998  -1.114  1.00 34.63 ? 216 SER A OG  1 
ATOM   1109 N N   . THR A 1 188 ? -14.007 -4.579  -4.693  1.00 21.66 ? 217 THR A N   1 
ATOM   1110 C CA  . THR A 1 188 ? -13.984 -3.396  -5.494  1.00 21.25 ? 217 THR A CA  1 
ATOM   1111 C C   . THR A 1 188 ? -15.419 -2.871  -5.549  1.00 26.36 ? 217 THR A C   1 
ATOM   1112 O O   . THR A 1 188 ? -16.377 -3.625  -5.447  1.00 24.12 ? 217 THR A O   1 
ATOM   1113 C CB  . THR A 1 188 ? -13.536 -3.635  -6.932  1.00 28.55 ? 217 THR A CB  1 
ATOM   1114 O OG1 . THR A 1 188 ? -14.389 -4.640  -7.558  1.00 28.48 ? 217 THR A OG1 1 
ATOM   1115 C CG2 . THR A 1 188 ? -12.075 -4.102  -6.996  1.00 29.30 ? 217 THR A CG2 1 
ATOM   1116 N N   . GLN A 1 189 ? -15.541 -1.572  -5.690  1.00 22.37 ? 218 GLN A N   1 
ATOM   1117 C CA  . GLN A 1 189 ? -16.829 -0.966  -6.007  1.00 23.79 ? 218 GLN A CA  1 
ATOM   1118 C C   . GLN A 1 189 ? -16.642 0.393   -6.679  1.00 24.48 ? 218 GLN A C   1 
ATOM   1119 O O   . GLN A 1 189 ? -15.595 1.048   -6.510  1.00 22.61 ? 218 GLN A O   1 
ATOM   1120 C CB  . GLN A 1 189 ? -17.691 -0.809  -4.815  1.00 26.46 ? 218 GLN A CB  1 
ATOM   1121 C CG  . GLN A 1 189 ? -17.265 0.168   -3.783  1.00 29.35 ? 218 GLN A CG  1 
ATOM   1122 C CD  . GLN A 1 189 ? -18.258 0.230   -2.638  1.00 35.75 ? 218 GLN A CD  1 
ATOM   1123 O OE1 . GLN A 1 189 ? -18.359 -0.706  -1.881  1.00 41.23 ? 218 GLN A OE1 1 
ATOM   1124 N NE2 . GLN A 1 189 ? -18.951 1.342   -2.496  1.00 37.81 ? 218 GLN A NE2 1 
ATOM   1125 N N   . PRO A 1 190 ? -17.632 0.833   -7.469  1.00 23.10 ? 219 PRO A N   1 
ATOM   1126 C CA  . PRO A 1 190 ? -17.434 2.098   -8.204  1.00 22.34 ? 219 PRO A CA  1 
ATOM   1127 C C   . PRO A 1 190 ? -17.524 3.278   -7.236  1.00 22.19 ? 219 PRO A C   1 
ATOM   1128 O O   . PRO A 1 190 ? -18.319 3.284   -6.271  1.00 24.18 ? 219 PRO A O   1 
ATOM   1129 C CB  . PRO A 1 190 ? -18.649 2.144   -9.195  1.00 25.11 ? 219 PRO A CB  1 
ATOM   1130 C CG  . PRO A 1 190 ? -19.144 0.721   -9.236  1.00 24.54 ? 219 PRO A CG  1 
ATOM   1131 C CD  . PRO A 1 190 ? -18.871 0.131   -7.880  1.00 22.38 ? 219 PRO A CD  1 
ATOM   1132 N N   . VAL A 1 191 ? -16.694 4.279   -7.535  1.00 25.36 ? 220 VAL A N   1 
ATOM   1133 C CA  . VAL A 1 191 ? -16.780 5.556   -6.818  1.00 25.86 ? 220 VAL A CA  1 
ATOM   1134 C C   . VAL A 1 191 ? -18.197 6.180   -7.036  1.00 26.18 ? 220 VAL A C   1 
ATOM   1135 O O   . VAL A 1 191 ? -18.740 6.732   -6.111  1.00 27.93 ? 220 VAL A O   1 
ATOM   1136 C CB  . VAL A 1 191 ? -15.683 6.474   -7.379  1.00 28.73 ? 220 VAL A CB  1 
ATOM   1137 C CG1 . VAL A 1 191 ? -15.975 7.937   -7.069  1.00 33.56 ? 220 VAL A CG1 1 
ATOM   1138 C CG2 . VAL A 1 191 ? -14.326 6.018   -6.784  1.00 28.05 ? 220 VAL A CG2 1 
ATOM   1139 N N   . GLU A 1 192 ? -18.735 5.985   -8.236  1.00 31.97 ? 221 GLU A N   1 
ATOM   1140 C CA  . GLU A 1 192 ? -20.101 6.480   -8.521  1.00 33.56 ? 221 GLU A CA  1 
ATOM   1141 C C   . GLU A 1 192 ? -21.133 5.919   -7.581  1.00 32.40 ? 221 GLU A C   1 
ATOM   1142 O O   . GLU A 1 192 ? -22.185 6.519   -7.426  1.00 37.11 ? 221 GLU A O   1 
ATOM   1143 C CB  . GLU A 1 192 ? -20.535 6.138   -9.939  1.00 35.45 ? 221 GLU A CB  1 
ATOM   1144 C CG  . GLU A 1 192 ? -19.966 6.983   -11.006 1.00 47.55 ? 221 GLU A CG  1 
ATOM   1145 C CD  . GLU A 1 192 ? -20.573 6.577   -12.340 1.00 50.10 ? 221 GLU A CD  1 
ATOM   1146 O OE1 . GLU A 1 192 ? -21.763 6.203   -12.317 1.00 56.14 ? 221 GLU A OE1 1 
ATOM   1147 O OE2 . GLU A 1 192 ? -19.878 6.621   -13.372 1.00 59.96 ? 221 GLU A OE2 1 
ATOM   1148 N N   . ALA A 1 193 ? -20.862 4.779   -6.930  1.00 29.33 ? 222 ALA A N   1 
ATOM   1149 C CA  . ALA A 1 193 ? -21.786 4.148   -6.014  1.00 34.85 ? 222 ALA A CA  1 
ATOM   1150 C C   . ALA A 1 193 ? -21.611 4.505   -4.591  1.00 31.72 ? 222 ALA A C   1 
ATOM   1151 O O   . ALA A 1 193 ? -22.354 4.025   -3.754  1.00 36.75 ? 222 ALA A O   1 
ATOM   1152 C CB  . ALA A 1 193 ? -21.707 2.629   -6.135  1.00 37.19 ? 222 ALA A CB  1 
ATOM   1153 N N   . GLY A 1 194 ? -20.647 5.336   -4.253  1.00 32.66 ? 223 GLY A N   1 
ATOM   1154 C CA  . GLY A 1 194 ? -20.442 5.695   -2.882  1.00 30.58 ? 223 GLY A CA  1 
ATOM   1155 C C   . GLY A 1 194 ? -19.225 5.058   -2.243  1.00 30.84 ? 223 GLY A C   1 
ATOM   1156 O O   . GLY A 1 194 ? -18.615 4.196   -2.808  1.00 28.99 ? 223 GLY A O   1 
ATOM   1157 N N   . LYS A 1 195 ? -18.888 5.497   -1.054  1.00 29.63 ? 224 LYS A N   1 
ATOM   1158 C CA  . LYS A 1 195 ? -17.700 5.013   -0.352  1.00 33.37 ? 224 LYS A CA  1 
ATOM   1159 C C   . LYS A 1 195 ? -17.900 3.567   0.117   1.00 32.03 ? 224 LYS A C   1 
ATOM   1160 O O   . LYS A 1 195 ? -19.016 3.173   0.431   1.00 33.94 ? 224 LYS A O   1 
ATOM   1161 C CB  . LYS A 1 195 ? -17.457 5.905   0.891   1.00 35.95 ? 224 LYS A CB  1 
ATOM   1162 C CG  . LYS A 1 195 ? -16.883 7.229   0.533   1.00 41.42 ? 224 LYS A CG  1 
ATOM   1163 C CD  . LYS A 1 195 ? -16.491 8.012   1.803   1.00 47.05 ? 224 LYS A CD  1 
ATOM   1164 C CE  . LYS A 1 195 ? -17.730 8.599   2.487   1.00 48.01 ? 224 LYS A CE  1 
ATOM   1165 N NZ  . LYS A 1 195 ? -18.419 9.567   1.570   1.00 47.90 ? 224 LYS A NZ  1 
ATOM   1166 N N   . PRO A 1 196 ? -16.838 2.756   0.171   1.00 29.95 ? 225 PRO A N   1 
ATOM   1167 C CA  . PRO A 1 196 ? -16.960 1.419   0.765   1.00 31.75 ? 225 PRO A CA  1 
ATOM   1168 C C   . PRO A 1 196 ? -17.152 1.414   2.266   1.00 33.51 ? 225 PRO A C   1 
ATOM   1169 O O   . PRO A 1 196 ? -16.837 2.415   2.943   1.00 33.92 ? 225 PRO A O   1 
ATOM   1170 C CB  . PRO A 1 196 ? -15.628 0.722   0.393   1.00 37.49 ? 225 PRO A CB  1 
ATOM   1171 C CG  . PRO A 1 196 ? -14.696 1.795   0.110   1.00 32.59 ? 225 PRO A CG  1 
ATOM   1172 C CD  . PRO A 1 196 ? -15.444 3.066   -0.208  1.00 31.14 ? 225 PRO A CD  1 
ATOM   1173 N N   . GLU A 1 197 ? -17.692 0.274   2.748   1.00 40.34 ? 226 GLU A N   1 
ATOM   1174 C CA  . GLU A 1 197 ? -18.085 0.010   4.155   1.00 49.57 ? 226 GLU A CA  1 
ATOM   1175 C C   . GLU A 1 197 ? -17.076 0.604   5.151   1.00 48.38 ? 226 GLU A C   1 
ATOM   1176 O O   . GLU A 1 197 ? -17.368 1.561   5.927   1.00 50.21 ? 226 GLU A O   1 
ATOM   1177 C CB  . GLU A 1 197 ? -18.168 -1.509  4.362   1.00 52.40 ? 226 GLU A CB  1 
ATOM   1178 N N   . ALA A 1 198 ? -15.869 0.098   4.986   1.00 55.98 ? 227 ALA A N   1 
ATOM   1179 C CA  . ALA A 1 198 ? -14.667 0.541   5.694   1.00 55.47 ? 227 ALA A CA  1 
ATOM   1180 C C   . ALA A 1 198 ? -14.418 2.041   5.893   1.00 51.10 ? 227 ALA A C   1 
ATOM   1181 O O   . ALA A 1 198 ? -13.797 2.388   6.887   1.00 56.51 ? 227 ALA A O   1 
ATOM   1182 C CB  . ALA A 1 198 ? -13.487 -0.098  5.032   1.00 56.06 ? 227 ALA A CB  1 
ATOM   1183 N N   . LEU A 1 199 ? -14.910 2.937   5.022   1.00 40.04 ? 228 LEU A N   1 
ATOM   1184 C CA  . LEU A 1 199 ? -14.717 4.399   5.168   1.00 39.95 ? 228 LEU A CA  1 
ATOM   1185 C C   . LEU A 1 199 ? -15.937 5.310   5.592   1.00 45.20 ? 228 LEU A C   1 
ATOM   1186 O O   . LEU A 1 199 ? -15.875 6.590   5.497   1.00 47.85 ? 228 LEU A O   1 
ATOM   1187 C CB  . LEU A 1 199 ? -14.208 4.934   3.876   1.00 33.13 ? 228 LEU A CB  1 
ATOM   1188 C CG  . LEU A 1 199 ? -13.010 4.189   3.246   1.00 32.52 ? 228 LEU A CG  1 
ATOM   1189 C CD1 . LEU A 1 199 ? -12.619 4.983   2.001   1.00 31.64 ? 228 LEU A CD1 1 
ATOM   1190 C CD2 . LEU A 1 199 ? -11.856 4.027   4.206   1.00 31.95 ? 228 LEU A CD2 1 
ATOM   1191 N N   . ARG A 1 200 ? -17.026 4.686   5.997   1.00 53.17 ? 229 ARG A N   1 
ATOM   1192 C CA  . ARG A 1 200 ? -18.280 5.404   6.296   1.00 61.32 ? 229 ARG A CA  1 
ATOM   1193 C C   . ARG A 1 200 ? -18.179 6.301   7.520   1.00 58.28 ? 229 ARG A C   1 
ATOM   1194 O O   . ARG A 1 200 ? -17.928 5.798   8.602   1.00 73.72 ? 229 ARG A O   1 
ATOM   1195 C CB  . ARG A 1 200 ? -19.413 4.387   6.508   1.00 70.26 ? 229 ARG A CB  1 
ATOM   1196 C CG  . ARG A 1 200 ? -19.845 3.673   5.231   1.00 72.80 ? 229 ARG A CG  1 
ATOM   1197 C CD  . ARG A 1 200 ? -20.671 4.636   4.402   1.00 75.47 ? 229 ARG A CD  1 
ATOM   1198 N NE  . ARG A 1 200 ? -21.039 4.125   3.096   1.00 80.06 ? 229 ARG A NE  1 
ATOM   1199 C CZ  . ARG A 1 200 ? -21.663 4.849   2.167   1.00 88.71 ? 229 ARG A CZ  1 
ATOM   1200 N NH1 . ARG A 1 200 ? -21.954 4.304   0.984   1.00 88.54 ? 229 ARG A NH1 1 
ATOM   1201 N NH2 . ARG A 1 200 ? -21.998 6.122   2.405   1.00 83.60 ? 229 ARG A NH2 1 
HETATM 1202 S S   . SO4 B 2 .   ? 11.924  8.038   7.493   1.00 56.04 ? 301 SO4 A S   1 
HETATM 1203 O O1  . SO4 B 2 .   ? 13.162  8.216   8.265   1.00 68.70 ? 301 SO4 A O1  1 
HETATM 1204 O O2  . SO4 B 2 .   ? 11.198  6.906   8.053   1.00 60.38 ? 301 SO4 A O2  1 
HETATM 1205 O O3  . SO4 B 2 .   ? 11.193  9.311   7.587   1.00 56.10 ? 301 SO4 A O3  1 
HETATM 1206 O O4  . SO4 B 2 .   ? 12.246  7.756   6.068   1.00 56.88 ? 301 SO4 A O4  1 
HETATM 1207 S S   . SO4 C 2 .   ? -9.730  -13.208 -12.687 1.00 69.07 ? 302 SO4 A S   1 
HETATM 1208 O O1  . SO4 C 2 .   ? -9.111  -13.537 -11.350 1.00 59.75 ? 302 SO4 A O1  1 
HETATM 1209 O O2  . SO4 C 2 .   ? -11.090 -13.803 -12.743 1.00 65.38 ? 302 SO4 A O2  1 
HETATM 1210 O O3  . SO4 C 2 .   ? -9.919  -11.759 -12.987 1.00 53.98 ? 302 SO4 A O3  1 
HETATM 1211 O O4  . SO4 C 2 .   ? -8.841  -13.692 -13.783 1.00 64.10 ? 302 SO4 A O4  1 
HETATM 1212 O O   . HOH D 3 .   ? 15.247  -10.034 6.249   1.00 54.35 ? 401 HOH A O   1 
HETATM 1213 O O   . HOH D 3 .   ? -8.040  -12.543 -9.368  1.00 41.61 ? 402 HOH A O   1 
HETATM 1214 O O   . HOH D 3 .   ? -21.260 7.362   0.348   1.00 56.63 ? 403 HOH A O   1 
HETATM 1215 O O   . HOH D 3 .   ? -11.940 -1.129  7.938   1.00 49.29 ? 404 HOH A O   1 
HETATM 1216 O O   . HOH D 3 .   ? 1.670   -10.469 -12.218 1.00 46.22 ? 405 HOH A O   1 
HETATM 1217 O O   . HOH D 3 .   ? -4.833  3.111   -11.028 1.00 33.73 ? 406 HOH A O   1 
HETATM 1218 O O   . HOH D 3 .   ? -4.254  -23.833 -7.459  1.00 56.64 ? 407 HOH A O   1 
HETATM 1219 O O   . HOH D 3 .   ? -5.808  7.421   -11.408 1.00 36.06 ? 408 HOH A O   1 
HETATM 1220 O O   . HOH D 3 .   ? 3.729   1.472   -12.541 1.00 39.38 ? 409 HOH A O   1 
HETATM 1221 O O   . HOH D 3 .   ? -3.965  -17.808 -8.076  1.00 54.42 ? 410 HOH A O   1 
HETATM 1222 O O   . HOH D 3 .   ? -14.042 -7.176  -6.906  1.00 35.65 ? 411 HOH A O   1 
HETATM 1223 O O   . HOH D 3 .   ? 17.549  11.525  -5.154  1.00 50.48 ? 412 HOH A O   1 
HETATM 1224 O O   . HOH D 3 .   ? -9.661  6.440   -12.693 1.00 47.40 ? 413 HOH A O   1 
HETATM 1225 O O   . HOH D 3 .   ? 2.343   -11.939 10.416  1.00 46.21 ? 414 HOH A O   1 
HETATM 1226 O O   . HOH D 3 .   ? -13.569 0.948   9.112   1.00 54.16 ? 415 HOH A O   1 
HETATM 1227 O O   . HOH D 3 .   ? -0.351  -6.767  -13.556 1.00 46.21 ? 416 HOH A O   1 
HETATM 1228 O O   . HOH D 3 .   ? -15.608 0.863   -10.958 1.00 33.15 ? 417 HOH A O   1 
HETATM 1229 O O   . HOH D 3 .   ? 12.460  -13.978 8.995   1.00 50.68 ? 418 HOH A O   1 
HETATM 1230 O O   . HOH D 3 .   ? -4.763  -16.187 -5.530  1.00 50.32 ? 419 HOH A O   1 
HETATM 1231 O O   . HOH D 3 .   ? -7.357  10.429  11.847  1.00 33.25 ? 420 HOH A O   1 
HETATM 1232 O O   . HOH D 3 .   ? -7.936  6.404   6.842   1.00 24.00 ? 421 HOH A O   1 
HETATM 1233 O O   . HOH D 3 .   ? -7.947  -10.882 -4.847  1.00 32.61 ? 422 HOH A O   1 
HETATM 1234 O O   . HOH D 3 .   ? -3.059  -5.807  -6.637  1.00 21.27 ? 423 HOH A O   1 
HETATM 1235 O O   . HOH D 3 .   ? -4.396  -8.022  -13.824 1.00 36.04 ? 424 HOH A O   1 
HETATM 1236 O O   . HOH D 3 .   ? -5.692  0.697   16.980  1.00 53.00 ? 425 HOH A O   1 
HETATM 1237 O O   . HOH D 3 .   ? -3.228  -2.149  16.607  1.00 41.29 ? 426 HOH A O   1 
HETATM 1238 O O   . HOH D 3 .   ? -10.652 1.669   -12.027 1.00 35.71 ? 427 HOH A O   1 
HETATM 1239 O O   . HOH D 3 .   ? 7.679   -16.676 -3.356  1.00 33.59 ? 428 HOH A O   1 
HETATM 1240 O O   . HOH D 3 .   ? 11.475  0.266   -8.516  1.00 38.53 ? 429 HOH A O   1 
HETATM 1241 O O   . HOH D 3 .   ? 12.019  11.436  0.394   1.00 48.65 ? 430 HOH A O   1 
HETATM 1242 O O   . HOH D 3 .   ? 10.993  1.753   9.327   1.00 48.52 ? 431 HOH A O   1 
HETATM 1243 O O   . HOH D 3 .   ? -3.343  -15.953 -2.284  1.00 38.23 ? 432 HOH A O   1 
HETATM 1244 O O   . HOH D 3 .   ? -9.278  -2.338  11.372  1.00 52.37 ? 433 HOH A O   1 
HETATM 1245 O O   . HOH D 3 .   ? -12.533 8.933   -5.524  1.00 39.12 ? 434 HOH A O   1 
HETATM 1246 O O   . HOH D 3 .   ? -17.232 5.104   -10.729 1.00 31.20 ? 435 HOH A O   1 
HETATM 1247 O O   . HOH D 3 .   ? -13.456 -13.591 -11.359 1.00 39.65 ? 436 HOH A O   1 
HETATM 1248 O O   . HOH D 3 .   ? -18.624 -1.684  1.052   1.00 53.88 ? 437 HOH A O   1 
HETATM 1249 O O   . HOH D 3 .   ? 0.698   -12.001 -7.553  1.00 25.05 ? 438 HOH A O   1 
HETATM 1250 O O   . HOH D 3 .   ? -13.840 -1.486  -2.251  1.00 26.42 ? 439 HOH A O   1 
HETATM 1251 O O   . HOH D 3 .   ? 0.021   -4.667  15.318  1.00 48.34 ? 440 HOH A O   1 
HETATM 1252 O O   . HOH D 3 .   ? 6.178   -7.041  -8.315  1.00 26.78 ? 441 HOH A O   1 
HETATM 1253 O O   . HOH D 3 .   ? -7.207  -0.297  8.573   1.00 24.30 ? 442 HOH A O   1 
HETATM 1254 O O   . HOH D 3 .   ? 0.798   9.039   -11.872 1.00 30.17 ? 443 HOH A O   1 
HETATM 1255 O O   . HOH D 3 .   ? -7.855  -6.320  12.105  1.00 37.29 ? 444 HOH A O   1 
HETATM 1256 O O   . HOH D 3 .   ? 5.574   11.864  2.580   1.00 35.29 ? 445 HOH A O   1 
HETATM 1257 O O   . HOH D 3 .   ? 4.039   -4.231  15.116  1.00 46.55 ? 446 HOH A O   1 
HETATM 1258 O O   . HOH D 3 .   ? -17.396 7.371   -3.701  1.00 28.81 ? 447 HOH A O   1 
HETATM 1259 O O   . HOH D 3 .   ? -6.496  1.163   -11.127 1.00 49.35 ? 448 HOH A O   1 
HETATM 1260 O O   . HOH D 3 .   ? 9.446   -9.214  12.065  1.00 44.38 ? 449 HOH A O   1 
HETATM 1261 O O   . HOH D 3 .   ? -1.537  7.484   12.025  1.00 43.04 ? 450 HOH A O   1 
HETATM 1262 O O   . HOH D 3 .   ? 3.731   -6.903  -9.437  1.00 26.59 ? 451 HOH A O   1 
HETATM 1263 O O   . HOH D 3 .   ? 1.864   12.736  5.355   1.00 42.30 ? 452 HOH A O   1 
HETATM 1264 O O   . HOH D 3 .   ? -10.937 -4.934  9.482   1.00 53.44 ? 453 HOH A O   1 
HETATM 1265 O O   . HOH D 3 .   ? 7.082   16.393  8.504   1.00 51.24 ? 454 HOH A O   1 
HETATM 1266 O O   . HOH D 3 .   ? 0.743   6.440   10.688  1.00 31.90 ? 455 HOH A O   1 
HETATM 1267 O O   . HOH D 3 .   ? 7.122   14.362  -7.890  1.00 45.46 ? 456 HOH A O   1 
HETATM 1268 O O   . HOH D 3 .   ? 5.847   5.242   -14.856 1.00 58.72 ? 457 HOH A O   1 
HETATM 1269 O O   . HOH D 3 .   ? -14.598 -2.152  1.967   1.00 40.52 ? 458 HOH A O   1 
HETATM 1270 O O   . HOH D 3 .   ? -10.801 6.571   6.673   1.00 30.31 ? 459 HOH A O   1 
HETATM 1271 O O   . HOH D 3 .   ? -0.493  -4.014  -13.598 1.00 35.01 ? 460 HOH A O   1 
HETATM 1272 O O   . HOH D 3 .   ? -2.022  13.536  -11.588 1.00 52.85 ? 461 HOH A O   1 
HETATM 1273 O O   . HOH D 3 .   ? -5.555  -9.054  14.117  1.00 50.24 ? 462 HOH A O   1 
HETATM 1274 O O   . HOH D 3 .   ? -2.459  14.177  5.059   1.00 50.18 ? 463 HOH A O   1 
HETATM 1275 O O   . HOH D 3 .   ? 6.316   9.356   -16.852 1.00 44.47 ? 464 HOH A O   1 
HETATM 1276 O O   . HOH D 3 .   ? 6.257   9.120   2.185   1.00 29.32 ? 465 HOH A O   1 
HETATM 1277 O O   . HOH D 3 .   ? -5.651  -12.175 -4.573  1.00 31.65 ? 466 HOH A O   1 
HETATM 1278 O O   . HOH D 3 .   ? 1.286   13.744  1.352   1.00 42.57 ? 467 HOH A O   1 
HETATM 1279 O O   . HOH D 3 .   ? -16.201 -2.703  -1.961  1.00 33.23 ? 468 HOH A O   1 
HETATM 1280 O O   . HOH D 3 .   ? 10.076  2.929   -8.367  1.00 29.62 ? 469 HOH A O   1 
HETATM 1281 O O   . HOH D 3 .   ? -11.514 10.420  -2.270  1.00 40.19 ? 470 HOH A O   1 
HETATM 1282 O O   . HOH D 3 .   ? 1.842   2.019   -14.930 1.00 44.09 ? 471 HOH A O   1 
HETATM 1283 O O   . HOH D 3 .   ? -4.714  10.063  11.235  1.00 44.74 ? 472 HOH A O   1 
HETATM 1284 O O   . HOH D 3 .   ? -6.644  -11.224 6.706   1.00 48.57 ? 473 HOH A O   1 
HETATM 1285 O O   . HOH D 3 .   ? -0.449  11.446  9.047   1.00 48.93 ? 474 HOH A O   1 
HETATM 1286 O O   . HOH D 3 .   ? -9.652  -1.827  8.876   1.00 30.36 ? 475 HOH A O   1 
HETATM 1287 O O   . HOH D 3 .   ? -3.740  12.293  6.496   1.00 30.05 ? 476 HOH A O   1 
HETATM 1288 O O   . HOH D 3 .   ? -8.889  -9.357  -14.794 1.00 51.46 ? 477 HOH A O   1 
HETATM 1289 O O   . HOH D 3 .   ? 1.276   11.003  11.111  1.00 51.40 ? 478 HOH A O   1 
HETATM 1290 O O   . HOH D 3 .   ? 10.654  16.396  7.222   1.00 54.23 ? 479 HOH A O   1 
HETATM 1291 O O   . HOH D 3 .   ? 7.914   -6.613  -10.198 1.00 38.77 ? 480 HOH A O   1 
HETATM 1292 O O   . HOH D 3 .   ? -1.760  -18.355 -1.064  1.00 47.29 ? 481 HOH A O   1 
HETATM 1293 O O   . HOH D 3 .   ? 15.858  9.390   -6.378  1.00 44.36 ? 482 HOH A O   1 
HETATM 1294 O O   . HOH D 3 .   ? -16.436 -6.821  -4.632  1.00 36.65 ? 483 HOH A O   1 
HETATM 1295 O O   . HOH D 3 .   ? -12.085 4.881   8.288   1.00 39.95 ? 484 HOH A O   1 
HETATM 1296 O O   . HOH D 3 .   ? -13.476 10.560  -0.188  1.00 39.07 ? 485 HOH A O   1 
HETATM 1297 O O   . HOH D 3 .   ? -9.866  -3.139  16.960  1.00 57.42 ? 486 HOH A O   1 
HETATM 1298 O O   . HOH D 3 .   ? -9.320  0.062   12.691  1.00 52.19 ? 487 HOH A O   1 
HETATM 1299 O O   . HOH D 3 .   ? 2.691   11.926  2.887   1.00 45.18 ? 488 HOH A O   1 
HETATM 1300 O O   . HOH D 3 .   ? -16.008 -1.090  8.844   1.00 50.83 ? 489 HOH A O   1 
HETATM 1301 O O   . HOH D 3 .   ? -17.584 3.030   -12.768 1.00 47.20 ? 490 HOH A O   1 
HETATM 1302 O O   . HOH D 3 .   ? -15.136 9.419   -4.019  1.00 42.27 ? 491 HOH A O   1 
HETATM 1303 O O   . HOH D 3 .   ? -5.608  -12.618 8.817   1.00 56.86 ? 492 HOH A O   1 
HETATM 1304 O O   . HOH D 3 .   ? 3.653   -8.022  -11.830 1.00 35.18 ? 493 HOH A O   1 
HETATM 1305 O O   . HOH D 3 .   ? -3.495  11.694  9.821   1.00 53.69 ? 494 HOH A O   1 
HETATM 1306 O O   . HOH D 3 .   ? 1.895   -3.466  -14.980 1.00 56.15 ? 495 HOH A O   1 
HETATM 1307 O O   . HOH D 3 .   ? -9.054  -12.668 -6.830  1.00 49.57 ? 496 HOH A O   1 
HETATM 1308 O O   . HOH D 3 .   ? 2.538   -6.156  -13.937 1.00 53.84 ? 497 HOH A O   1 
HETATM 1309 O O   . HOH D 3 .   ? 19.219  1.417   2.273   1.00 61.56 ? 498 HOH A O   1 
# 
loop_
_pdbx_poly_seq_scheme.asym_id 
_pdbx_poly_seq_scheme.entity_id 
_pdbx_poly_seq_scheme.seq_id 
_pdbx_poly_seq_scheme.mon_id 
_pdbx_poly_seq_scheme.ndb_seq_num 
_pdbx_poly_seq_scheme.pdb_seq_num 
_pdbx_poly_seq_scheme.auth_seq_num 
_pdbx_poly_seq_scheme.pdb_mon_id 
_pdbx_poly_seq_scheme.auth_mon_id 
_pdbx_poly_seq_scheme.pdb_strand_id 
_pdbx_poly_seq_scheme.pdb_ins_code 
_pdbx_poly_seq_scheme.hetero 
A 1 1   MET 1   30  ?   ?   ?   A . n 
A 1 2   GLY 2   31  ?   ?   ?   A . n 
A 1 3   SER 3   32  ?   ?   ?   A . n 
A 1 4   SER 4   33  ?   ?   ?   A . n 
A 1 5   HIS 5   34  ?   ?   ?   A . n 
A 1 6   HIS 6   35  ?   ?   ?   A . n 
A 1 7   HIS 7   36  ?   ?   ?   A . n 
A 1 8   HIS 8   37  ?   ?   ?   A . n 
A 1 9   HIS 9   38  ?   ?   ?   A . n 
A 1 10  HIS 10  39  ?   ?   ?   A . n 
A 1 11  SER 11  40  ?   ?   ?   A . n 
A 1 12  SER 12  41  ?   ?   ?   A . n 
A 1 13  GLY 13  42  ?   ?   ?   A . n 
A 1 14  LEU 14  43  ?   ?   ?   A . n 
A 1 15  VAL 15  44  ?   ?   ?   A . n 
A 1 16  PRO 16  45  ?   ?   ?   A . n 
A 1 17  ARG 17  46  ?   ?   ?   A . n 
A 1 18  GLY 18  47  ?   ?   ?   A . n 
A 1 19  SER 19  48  ?   ?   ?   A . n 
A 1 20  HIS 20  49  ?   ?   ?   A . n 
A 1 21  MET 21  50  ?   ?   ?   A . n 
A 1 22  LYS 22  51  ?   ?   ?   A . n 
A 1 23  GLY 23  52  ?   ?   ?   A . n 
A 1 24  THR 24  53  ?   ?   ?   A . n 
A 1 25  VAL 25  54  ?   ?   ?   A . n 
A 1 26  ARG 26  55  ?   ?   ?   A . n 
A 1 27  PRO 27  56  ?   ?   ?   A . n 
A 1 28  THR 28  57  ?   ?   ?   A . n 
A 1 29  ALA 29  58  ?   ?   ?   A . n 
A 1 30  ALA 30  59  ?   ?   ?   A . n 
A 1 31  PRO 31  60  ?   ?   ?   A . n 
A 1 32  GLY 32  61  ?   ?   ?   A . n 
A 1 33  ALA 33  62  ?   ?   ?   A . n 
A 1 34  SER 34  63  ?   ?   ?   A . n 
A 1 35  ALA 35  64  ?   ?   ?   A . n 
A 1 36  ARG 36  65  ?   ?   ?   A . n 
A 1 37  THR 37  66  ?   ?   ?   A . n 
A 1 38  SER 38  67  ?   ?   ?   A . n 
A 1 39  PRO 39  68  ?   ?   ?   A . n 
A 1 40  GLU 40  69  ?   ?   ?   A . n 
A 1 41  LYS 41  70  ?   ?   ?   A . n 
A 1 42  PRO 42  71  ?   ?   ?   A . n 
A 1 43  ALA 43  72  ?   ?   ?   A . n 
A 1 44  PRO 44  73  ?   ?   ?   A . n 
A 1 45  TYR 45  74  74  TYR TYR A . n 
A 1 46  THR 46  75  75  THR THR A . n 
A 1 47  TYR 47  76  76  TYR TYR A . n 
A 1 48  GLY 48  77  77  GLY GLY A . n 
A 1 49  LYS 49  78  78  LYS LYS A . n 
A 1 50  PRO 50  79  79  PRO PRO A . n 
A 1 51  PHE 51  80  80  PHE PHE A . n 
A 1 52  ALA 52  81  81  ALA ALA A . n 
A 1 53  VAL 53  82  82  VAL VAL A . n 
A 1 54  MET 54  83  83  MET MET A . n 
A 1 55  TYR 55  84  84  TYR TYR A . n 
A 1 56  ILE 56  85  85  ILE ILE A . n 
A 1 57  PRO 57  86  86  PRO PRO A . n 
A 1 58  ARG 58  87  87  ARG ARG A . n 
A 1 59  LEU 59  88  88  LEU LEU A . n 
A 1 60  GLY 60  89  89  GLY GLY A . n 
A 1 61  PHE 61  90  90  PHE PHE A . n 
A 1 62  THR 62  91  91  THR THR A . n 
A 1 63  TRP 63  92  92  TRP TRP A . n 
A 1 64  ASN 64  93  93  ASN ASN A . n 
A 1 65  LYS 65  94  94  LYS LYS A . n 
A 1 66  PRO 66  95  95  PRO PRO A . n 
A 1 67  VAL 67  96  96  VAL VAL A . n 
A 1 68  LEU 68  97  97  LEU LEU A . n 
A 1 69  GLU 69  98  98  GLU GLU A . n 
A 1 70  GLY 70  99  99  GLY GLY A . n 
A 1 71  THR 71  100 100 THR THR A . n 
A 1 72  GLY 72  101 101 GLY GLY A . n 
A 1 73  THR 73  102 102 THR THR A . n 
A 1 74  GLU 74  103 103 GLU GLU A . n 
A 1 75  VAL 75  104 104 VAL VAL A . n 
A 1 76  LEU 76  105 105 LEU LEU A . n 
A 1 77  LYS 77  106 106 LYS LYS A . n 
A 1 78  LYS 78  107 107 LYS LYS A . n 
A 1 79  GLY 79  108 108 GLY GLY A . n 
A 1 80  LEU 80  109 109 LEU LEU A . n 
A 1 81  GLY 81  110 110 GLY GLY A . n 
A 1 82  HIS 82  111 111 HIS HIS A . n 
A 1 83  TYR 83  112 112 TYR TYR A . n 
A 1 84  ALA 84  113 113 ALA ALA A . n 
A 1 85  ASN 85  114 114 ASN ASN A . n 
A 1 86  THR 86  115 115 THR THR A . n 
A 1 87  ALA 87  116 116 ALA ALA A . n 
A 1 88  ARG 88  117 117 ARG ARG A . n 
A 1 89  LEU 89  118 118 LEU LEU A . n 
A 1 90  GLY 90  119 119 GLY GLY A . n 
A 1 91  GLN 91  120 120 GLN GLN A . n 
A 1 92  LYS 92  121 121 LYS LYS A . n 
A 1 93  GLY 93  122 122 GLY GLY A . n 
A 1 94  ASN 94  123 123 ASN ASN A . n 
A 1 95  PHE 95  124 124 PHE PHE A . n 
A 1 96  ALA 96  125 125 ALA ALA A . n 
A 1 97  VAL 97  126 126 VAL VAL A . n 
A 1 98  ALA 98  127 127 ALA ALA A . n 
A 1 99  GLY 99  128 128 GLY GLY A . n 
A 1 100 HIS 100 129 129 HIS HIS A . n 
A 1 101 ARG 101 130 130 ARG ARG A . n 
A 1 102 ARG 102 131 131 ARG ARG A . n 
A 1 103 THR 103 132 132 THR THR A . n 
A 1 104 TYR 104 133 133 TYR TYR A . n 
A 1 105 GLY 105 134 134 GLY GLY A . n 
A 1 106 ASP 106 135 135 ASP ASP A . n 
A 1 107 PRO 107 136 136 PRO PRO A . n 
A 1 108 PHE 108 137 137 PHE PHE A . n 
A 1 109 LYS 109 138 138 LYS LYS A . n 
A 1 110 ASP 110 139 139 ASP ASP A . n 
A 1 111 PHE 111 140 140 PHE PHE A . n 
A 1 112 PRO 112 141 141 PRO PRO A . n 
A 1 113 LYS 113 142 142 LYS LYS A . n 
A 1 114 LEU 114 143 143 LEU LEU A . n 
A 1 115 ARG 115 144 144 ARG ARG A . n 
A 1 116 HIS 116 145 145 HIS HIS A . n 
A 1 117 GLY 117 146 146 GLY GLY A . n 
A 1 118 ASP 118 147 147 ASP ASP A . n 
A 1 119 GLU 119 148 148 GLU GLU A . n 
A 1 120 VAL 120 149 149 VAL VAL A . n 
A 1 121 VAL 121 150 150 VAL VAL A . n 
A 1 122 LEU 122 151 151 LEU LEU A . n 
A 1 123 THR 123 152 152 THR THR A . n 
A 1 124 ASP 124 153 153 ASP ASP A . n 
A 1 125 GLY 125 154 154 GLY GLY A . n 
A 1 126 THR 126 155 155 THR THR A . n 
A 1 127 THR 127 156 156 THR THR A . n 
A 1 128 TRP 128 157 157 TRP TRP A . n 
A 1 129 PHE 129 158 158 PHE PHE A . n 
A 1 130 THR 130 159 159 THR THR A . n 
A 1 131 TYR 131 160 160 TYR TYR A . n 
A 1 132 VAL 132 161 161 VAL VAL A . n 
A 1 133 ILE 133 162 162 ILE ILE A . n 
A 1 134 ASP 134 163 163 ASP ASP A . n 
A 1 135 THR 135 164 164 THR THR A . n 
A 1 136 GLY 136 165 165 GLY GLY A . n 
A 1 137 PRO 137 166 166 PRO PRO A . n 
A 1 138 TYR 138 167 167 TYR TYR A . n 
A 1 139 LYS 139 168 168 LYS LYS A . n 
A 1 140 THR 140 169 169 THR THR A . n 
A 1 141 VAL 141 170 170 VAL VAL A . n 
A 1 142 PRO 142 171 171 PRO PRO A . n 
A 1 143 THR 143 172 172 THR THR A . n 
A 1 144 ASP 144 173 173 ASP ASP A . n 
A 1 145 VAL 145 174 174 VAL VAL A . n 
A 1 146 GLU 146 175 175 GLU GLU A . n 
A 1 147 VAL 147 176 176 VAL VAL A . n 
A 1 148 ILE 148 177 177 ILE ILE A . n 
A 1 149 ASP 149 178 178 ASP ASP A . n 
A 1 150 PRO 150 179 179 PRO PRO A . n 
A 1 151 VAL 151 180 180 VAL VAL A . n 
A 1 152 PRO 152 181 181 PRO PRO A . n 
A 1 153 ARG 153 182 182 ARG ARG A . n 
A 1 154 LYS 154 183 183 LYS LYS A . n 
A 1 155 SER 155 184 184 SER SER A . n 
A 1 156 GLY 156 185 185 GLY GLY A . n 
A 1 157 TYR 157 186 186 TYR TYR A . n 
A 1 158 GLU 158 187 187 GLU GLU A . n 
A 1 159 ARG 159 188 188 ARG ARG A . n 
A 1 160 GLU 160 189 189 GLU GLU A . n 
A 1 161 GLY 161 190 190 GLY GLY A . n 
A 1 162 ARG 162 191 191 ARG ARG A . n 
A 1 163 TYR 163 192 192 TYR TYR A . n 
A 1 164 LEU 164 193 193 LEU LEU A . n 
A 1 165 THR 165 194 194 THR THR A . n 
A 1 166 LEU 166 195 195 LEU LEU A . n 
A 1 167 VAL 167 196 196 VAL VAL A . n 
A 1 168 THR 168 197 197 THR THR A . n 
A 1 169 CYS 169 198 198 CYS CYS A . n 
A 1 170 GLU 170 199 ?   ?   ?   A . n 
A 1 171 PRO 171 200 ?   ?   ?   A . n 
A 1 172 GLU 172 201 ?   ?   ?   A . n 
A 1 173 TRP 173 202 ?   ?   ?   A . n 
A 1 174 GLY 174 203 ?   ?   ?   A . n 
A 1 175 HIS 175 204 ?   ?   ?   A . n 
A 1 176 SER 176 205 205 SER SER A . n 
A 1 177 HIS 177 206 206 HIS HIS A . n 
A 1 178 ARG 178 207 207 ARG ARG A . n 
A 1 179 LEU 179 208 208 LEU LEU A . n 
A 1 180 ILE 180 209 209 ILE ILE A . n 
A 1 181 VAL 181 210 210 VAL VAL A . n 
A 1 182 TRP 182 211 211 TRP TRP A . n 
A 1 183 ALA 183 212 212 ALA ALA A . n 
A 1 184 HIS 184 213 213 HIS HIS A . n 
A 1 185 LEU 185 214 214 LEU LEU A . n 
A 1 186 ASP 186 215 215 ASP ASP A . n 
A 1 187 SER 187 216 216 SER SER A . n 
A 1 188 THR 188 217 217 THR THR A . n 
A 1 189 GLN 189 218 218 GLN GLN A . n 
A 1 190 PRO 190 219 219 PRO PRO A . n 
A 1 191 VAL 191 220 220 VAL VAL A . n 
A 1 192 GLU 192 221 221 GLU GLU A . n 
A 1 193 ALA 193 222 222 ALA ALA A . n 
A 1 194 GLY 194 223 223 GLY GLY A . n 
A 1 195 LYS 195 224 224 LYS LYS A . n 
A 1 196 PRO 196 225 225 PRO PRO A . n 
A 1 197 GLU 197 226 226 GLU GLU A . n 
A 1 198 ALA 198 227 227 ALA ALA A . n 
A 1 199 LEU 199 228 228 LEU LEU A . n 
A 1 200 ARG 200 229 229 ARG ARG A . n 
A 1 201 ARG 201 230 ?   ?   ?   A . n 
# 
loop_
_pdbx_nonpoly_scheme.asym_id 
_pdbx_nonpoly_scheme.entity_id 
_pdbx_nonpoly_scheme.mon_id 
_pdbx_nonpoly_scheme.ndb_seq_num 
_pdbx_nonpoly_scheme.pdb_seq_num 
_pdbx_nonpoly_scheme.auth_seq_num 
_pdbx_nonpoly_scheme.pdb_mon_id 
_pdbx_nonpoly_scheme.auth_mon_id 
_pdbx_nonpoly_scheme.pdb_strand_id 
_pdbx_nonpoly_scheme.pdb_ins_code 
B 2 SO4 1  301 1  SO4 SO4 A . 
C 2 SO4 1  302 2  SO4 SO4 A . 
D 3 HOH 1  401 55 HOH HOH A . 
D 3 HOH 2  402 68 HOH HOH A . 
D 3 HOH 3  403 69 HOH HOH A . 
D 3 HOH 4  404 96 HOH HOH A . 
D 3 HOH 5  405 87 HOH HOH A . 
D 3 HOH 6  406 29 HOH HOH A . 
D 3 HOH 7  407 80 HOH HOH A . 
D 3 HOH 8  408 30 HOH HOH A . 
D 3 HOH 9  409 19 HOH HOH A . 
D 3 HOH 10 410 83 HOH HOH A . 
D 3 HOH 11 411 31 HOH HOH A . 
D 3 HOH 12 412 85 HOH HOH A . 
D 3 HOH 13 413 64 HOH HOH A . 
D 3 HOH 14 414 37 HOH HOH A . 
D 3 HOH 15 415 90 HOH HOH A . 
D 3 HOH 16 416 74 HOH HOH A . 
D 3 HOH 17 417 53 HOH HOH A . 
D 3 HOH 18 418 56 HOH HOH A . 
D 3 HOH 19 419 47 HOH HOH A . 
D 3 HOH 20 420 26 HOH HOH A . 
D 3 HOH 21 421 2  HOH HOH A . 
D 3 HOH 22 422 17 HOH HOH A . 
D 3 HOH 23 423 1  HOH HOH A . 
D 3 HOH 24 424 9  HOH HOH A . 
D 3 HOH 25 425 79 HOH HOH A . 
D 3 HOH 26 426 97 HOH HOH A . 
D 3 HOH 27 427 24 HOH HOH A . 
D 3 HOH 28 428 22 HOH HOH A . 
D 3 HOH 29 429 58 HOH HOH A . 
D 3 HOH 30 430 63 HOH HOH A . 
D 3 HOH 31 431 71 HOH HOH A . 
D 3 HOH 32 432 28 HOH HOH A . 
D 3 HOH 33 433 77 HOH HOH A . 
D 3 HOH 34 434 43 HOH HOH A . 
D 3 HOH 35 435 20 HOH HOH A . 
D 3 HOH 36 436 25 HOH HOH A . 
D 3 HOH 37 437 84 HOH HOH A . 
D 3 HOH 38 438 3  HOH HOH A . 
D 3 HOH 39 439 4  HOH HOH A . 
D 3 HOH 40 440 45 HOH HOH A . 
D 3 HOH 41 441 6  HOH HOH A . 
D 3 HOH 42 442 5  HOH HOH A . 
D 3 HOH 43 443 21 HOH HOH A . 
D 3 HOH 44 444 14 HOH HOH A . 
D 3 HOH 45 445 32 HOH HOH A . 
D 3 HOH 46 446 73 HOH HOH A . 
D 3 HOH 47 447 10 HOH HOH A . 
D 3 HOH 48 448 75 HOH HOH A . 
D 3 HOH 49 449 41 HOH HOH A . 
D 3 HOH 50 450 70 HOH HOH A . 
D 3 HOH 51 451 7  HOH HOH A . 
D 3 HOH 52 452 44 HOH HOH A . 
D 3 HOH 53 453 89 HOH HOH A . 
D 3 HOH 54 454 91 HOH HOH A . 
D 3 HOH 55 455 12 HOH HOH A . 
D 3 HOH 56 456 82 HOH HOH A . 
D 3 HOH 57 457 86 HOH HOH A . 
D 3 HOH 58 458 42 HOH HOH A . 
D 3 HOH 59 459 18 HOH HOH A . 
D 3 HOH 60 460 27 HOH HOH A . 
D 3 HOH 61 461 92 HOH HOH A . 
D 3 HOH 62 462 72 HOH HOH A . 
D 3 HOH 63 463 76 HOH HOH A . 
D 3 HOH 64 464 46 HOH HOH A . 
D 3 HOH 65 465 15 HOH HOH A . 
D 3 HOH 66 466 16 HOH HOH A . 
D 3 HOH 67 467 67 HOH HOH A . 
D 3 HOH 68 468 23 HOH HOH A . 
D 3 HOH 69 469 13 HOH HOH A . 
D 3 HOH 70 470 50 HOH HOH A . 
D 3 HOH 71 471 35 HOH HOH A . 
D 3 HOH 72 472 59 HOH HOH A . 
D 3 HOH 73 473 54 HOH HOH A . 
D 3 HOH 74 474 81 HOH HOH A . 
D 3 HOH 75 475 8  HOH HOH A . 
D 3 HOH 76 476 11 HOH HOH A . 
D 3 HOH 77 477 78 HOH HOH A . 
D 3 HOH 78 478 66 HOH HOH A . 
D 3 HOH 79 479 52 HOH HOH A . 
D 3 HOH 80 480 33 HOH HOH A . 
D 3 HOH 81 481 39 HOH HOH A . 
D 3 HOH 82 482 48 HOH HOH A . 
D 3 HOH 83 483 51 HOH HOH A . 
D 3 HOH 84 484 36 HOH HOH A . 
D 3 HOH 85 485 62 HOH HOH A . 
D 3 HOH 86 486 60 HOH HOH A . 
D 3 HOH 87 487 88 HOH HOH A . 
D 3 HOH 88 488 61 HOH HOH A . 
D 3 HOH 89 489 93 HOH HOH A . 
D 3 HOH 90 490 40 HOH HOH A . 
D 3 HOH 91 491 38 HOH HOH A . 
D 3 HOH 92 492 98 HOH HOH A . 
D 3 HOH 93 493 34 HOH HOH A . 
D 3 HOH 94 494 49 HOH HOH A . 
D 3 HOH 95 495 95 HOH HOH A . 
D 3 HOH 96 496 65 HOH HOH A . 
D 3 HOH 97 497 94 HOH HOH A . 
D 3 HOH 98 498 57 HOH HOH A . 
# 
_pdbx_struct_assembly.id                   1 
_pdbx_struct_assembly.details              author_and_software_defined_assembly 
_pdbx_struct_assembly.method_details       PISA 
_pdbx_struct_assembly.oligomeric_details   monomeric 
_pdbx_struct_assembly.oligomeric_count     1 
# 
_pdbx_struct_assembly_gen.assembly_id       1 
_pdbx_struct_assembly_gen.oper_expression   1 
_pdbx_struct_assembly_gen.asym_id_list      A,B,C,D 
# 
loop_
_pdbx_struct_assembly_prop.biol_id 
_pdbx_struct_assembly_prop.type 
_pdbx_struct_assembly_prop.value 
_pdbx_struct_assembly_prop.details 
1 'ABSA (A^2)' 310  ? 
1 MORE         -21  ? 
1 'SSA (A^2)'  7680 ? 
# 
_pdbx_struct_oper_list.id                   1 
_pdbx_struct_oper_list.type                 'identity operation' 
_pdbx_struct_oper_list.name                 1_555 
_pdbx_struct_oper_list.symmetry_operation   x,y,z 
_pdbx_struct_oper_list.matrix[1][1]         1.0000000000 
_pdbx_struct_oper_list.matrix[1][2]         0.0000000000 
_pdbx_struct_oper_list.matrix[1][3]         0.0000000000 
_pdbx_struct_oper_list.vector[1]            0.0000000000 
_pdbx_struct_oper_list.matrix[2][1]         0.0000000000 
_pdbx_struct_oper_list.matrix[2][2]         1.0000000000 
_pdbx_struct_oper_list.matrix[2][3]         0.0000000000 
_pdbx_struct_oper_list.vector[2]            0.0000000000 
_pdbx_struct_oper_list.matrix[3][1]         0.0000000000 
_pdbx_struct_oper_list.matrix[3][2]         0.0000000000 
_pdbx_struct_oper_list.matrix[3][3]         1.0000000000 
_pdbx_struct_oper_list.vector[3]            0.0000000000 
# 
loop_
_pdbx_audit_revision_history.ordinal 
_pdbx_audit_revision_history.data_content_type 
_pdbx_audit_revision_history.major_revision 
_pdbx_audit_revision_history.minor_revision 
_pdbx_audit_revision_history.revision_date 
1 'Structure model' 1 0 2017-07-26 
2 'Structure model' 1 1 2023-11-08 
# 
_pdbx_audit_revision_details.ordinal             1 
_pdbx_audit_revision_details.revision_ordinal    1 
_pdbx_audit_revision_details.data_content_type   'Structure model' 
_pdbx_audit_revision_details.provider            repository 
_pdbx_audit_revision_details.type                'Initial release' 
_pdbx_audit_revision_details.description         ? 
_pdbx_audit_revision_details.details             ? 
# 
loop_
_pdbx_audit_revision_group.ordinal 
_pdbx_audit_revision_group.revision_ordinal 
_pdbx_audit_revision_group.data_content_type 
_pdbx_audit_revision_group.group 
1 2 'Structure model' 'Data collection'        
2 2 'Structure model' 'Database references'    
3 2 'Structure model' 'Refinement description' 
# 
loop_
_pdbx_audit_revision_category.ordinal 
_pdbx_audit_revision_category.revision_ordinal 
_pdbx_audit_revision_category.data_content_type 
_pdbx_audit_revision_category.category 
1 2 'Structure model' chem_comp_atom                
2 2 'Structure model' chem_comp_bond                
3 2 'Structure model' database_2                    
4 2 'Structure model' pdbx_initial_refinement_model 
# 
loop_
_pdbx_audit_revision_item.ordinal 
_pdbx_audit_revision_item.revision_ordinal 
_pdbx_audit_revision_item.data_content_type 
_pdbx_audit_revision_item.item 
1 2 'Structure model' '_database_2.pdbx_DOI'                
2 2 'Structure model' '_database_2.pdbx_database_accession' 
# 
loop_
_software.citation_id 
_software.classification 
_software.compiler_name 
_software.compiler_version 
_software.contact_author 
_software.contact_author_email 
_software.date 
_software.description 
_software.dependencies 
_software.hardware 
_software.language 
_software.location 
_software.mods 
_software.name 
_software.os 
_software.os_version 
_software.type 
_software.version 
_software.pdbx_ordinal 
? refinement       ? ? ? ? ? ? ? ? ? ? ? REFMAC   ? ? ? 5.8.0151 1 
? 'data reduction' ? ? ? ? ? ? ? ? ? ? ? HKL-2000 ? ? ? .        2 
? 'data scaling'   ? ? ? ? ? ? ? ? ? ? ? HKL-2000 ? ? ? .        3 
? phasing          ? ? ? ? ? ? ? ? ? ? ? PHASER   ? ? ? .        4 
# 
loop_
_pdbx_validate_rmsd_angle.id 
_pdbx_validate_rmsd_angle.PDB_model_num 
_pdbx_validate_rmsd_angle.auth_atom_id_1 
_pdbx_validate_rmsd_angle.auth_asym_id_1 
_pdbx_validate_rmsd_angle.auth_comp_id_1 
_pdbx_validate_rmsd_angle.auth_seq_id_1 
_pdbx_validate_rmsd_angle.PDB_ins_code_1 
_pdbx_validate_rmsd_angle.label_alt_id_1 
_pdbx_validate_rmsd_angle.auth_atom_id_2 
_pdbx_validate_rmsd_angle.auth_asym_id_2 
_pdbx_validate_rmsd_angle.auth_comp_id_2 
_pdbx_validate_rmsd_angle.auth_seq_id_2 
_pdbx_validate_rmsd_angle.PDB_ins_code_2 
_pdbx_validate_rmsd_angle.label_alt_id_2 
_pdbx_validate_rmsd_angle.auth_atom_id_3 
_pdbx_validate_rmsd_angle.auth_asym_id_3 
_pdbx_validate_rmsd_angle.auth_comp_id_3 
_pdbx_validate_rmsd_angle.auth_seq_id_3 
_pdbx_validate_rmsd_angle.PDB_ins_code_3 
_pdbx_validate_rmsd_angle.label_alt_id_3 
_pdbx_validate_rmsd_angle.angle_value 
_pdbx_validate_rmsd_angle.angle_target_value 
_pdbx_validate_rmsd_angle.angle_deviation 
_pdbx_validate_rmsd_angle.angle_standard_deviation 
_pdbx_validate_rmsd_angle.linker_flag 
1 1 OE1 A GLU 189 ? ? CD A GLU 189 ? ? OE2 A GLU 189 ? ? 115.79 123.30 -7.51 1.20 N 
2 1 NE  A ARG 191 ? ? CZ A ARG 191 ? ? NH1 A ARG 191 ? ? 124.14 120.30 3.84  0.50 N 
# 
loop_
_pdbx_unobs_or_zero_occ_atoms.id 
_pdbx_unobs_or_zero_occ_atoms.PDB_model_num 
_pdbx_unobs_or_zero_occ_atoms.polymer_flag 
_pdbx_unobs_or_zero_occ_atoms.occupancy_flag 
_pdbx_unobs_or_zero_occ_atoms.auth_asym_id 
_pdbx_unobs_or_zero_occ_atoms.auth_comp_id 
_pdbx_unobs_or_zero_occ_atoms.auth_seq_id 
_pdbx_unobs_or_zero_occ_atoms.PDB_ins_code 
_pdbx_unobs_or_zero_occ_atoms.auth_atom_id 
_pdbx_unobs_or_zero_occ_atoms.label_alt_id 
_pdbx_unobs_or_zero_occ_atoms.label_asym_id 
_pdbx_unobs_or_zero_occ_atoms.label_comp_id 
_pdbx_unobs_or_zero_occ_atoms.label_seq_id 
_pdbx_unobs_or_zero_occ_atoms.label_atom_id 
1 1 Y 1 A ARG 144 ? NE  ? A ARG 115 NE  
2 1 Y 1 A ARG 144 ? CZ  ? A ARG 115 CZ  
3 1 Y 1 A ARG 144 ? NH1 ? A ARG 115 NH1 
4 1 Y 1 A ARG 144 ? NH2 ? A ARG 115 NH2 
5 1 Y 1 A GLU 226 ? CG  ? A GLU 197 CG  
6 1 Y 1 A GLU 226 ? CD  ? A GLU 197 CD  
7 1 Y 1 A GLU 226 ? OE1 ? A GLU 197 OE1 
8 1 Y 1 A GLU 226 ? OE2 ? A GLU 197 OE2 
# 
loop_
_pdbx_unobs_or_zero_occ_residues.id 
_pdbx_unobs_or_zero_occ_residues.PDB_model_num 
_pdbx_unobs_or_zero_occ_residues.polymer_flag 
_pdbx_unobs_or_zero_occ_residues.occupancy_flag 
_pdbx_unobs_or_zero_occ_residues.auth_asym_id 
_pdbx_unobs_or_zero_occ_residues.auth_comp_id 
_pdbx_unobs_or_zero_occ_residues.auth_seq_id 
_pdbx_unobs_or_zero_occ_residues.PDB_ins_code 
_pdbx_unobs_or_zero_occ_residues.label_asym_id 
_pdbx_unobs_or_zero_occ_residues.label_comp_id 
_pdbx_unobs_or_zero_occ_residues.label_seq_id 
1  1 Y 1 A MET 30  ? A MET 1   
2  1 Y 1 A GLY 31  ? A GLY 2   
3  1 Y 1 A SER 32  ? A SER 3   
4  1 Y 1 A SER 33  ? A SER 4   
5  1 Y 1 A HIS 34  ? A HIS 5   
6  1 Y 1 A HIS 35  ? A HIS 6   
7  1 Y 1 A HIS 36  ? A HIS 7   
8  1 Y 1 A HIS 37  ? A HIS 8   
9  1 Y 1 A HIS 38  ? A HIS 9   
10 1 Y 1 A HIS 39  ? A HIS 10  
11 1 Y 1 A SER 40  ? A SER 11  
12 1 Y 1 A SER 41  ? A SER 12  
13 1 Y 1 A GLY 42  ? A GLY 13  
14 1 Y 1 A LEU 43  ? A LEU 14  
15 1 Y 1 A VAL 44  ? A VAL 15  
16 1 Y 1 A PRO 45  ? A PRO 16  
17 1 Y 1 A ARG 46  ? A ARG 17  
18 1 Y 1 A GLY 47  ? A GLY 18  
19 1 Y 1 A SER 48  ? A SER 19  
20 1 Y 1 A HIS 49  ? A HIS 20  
21 1 Y 1 A MET 50  ? A MET 21  
22 1 Y 1 A LYS 51  ? A LYS 22  
23 1 Y 1 A GLY 52  ? A GLY 23  
24 1 Y 1 A THR 53  ? A THR 24  
25 1 Y 1 A VAL 54  ? A VAL 25  
26 1 Y 1 A ARG 55  ? A ARG 26  
27 1 Y 1 A PRO 56  ? A PRO 27  
28 1 Y 1 A THR 57  ? A THR 28  
29 1 Y 1 A ALA 58  ? A ALA 29  
30 1 Y 1 A ALA 59  ? A ALA 30  
31 1 Y 1 A PRO 60  ? A PRO 31  
32 1 Y 1 A GLY 61  ? A GLY 32  
33 1 Y 1 A ALA 62  ? A ALA 33  
34 1 Y 1 A SER 63  ? A SER 34  
35 1 Y 1 A ALA 64  ? A ALA 35  
36 1 Y 1 A ARG 65  ? A ARG 36  
37 1 Y 1 A THR 66  ? A THR 37  
38 1 Y 1 A SER 67  ? A SER 38  
39 1 Y 1 A PRO 68  ? A PRO 39  
40 1 Y 1 A GLU 69  ? A GLU 40  
41 1 Y 1 A LYS 70  ? A LYS 41  
42 1 Y 1 A PRO 71  ? A PRO 42  
43 1 Y 1 A ALA 72  ? A ALA 43  
44 1 Y 1 A PRO 73  ? A PRO 44  
45 1 Y 1 A GLU 199 ? A GLU 170 
46 1 Y 1 A PRO 200 ? A PRO 171 
47 1 Y 1 A GLU 201 ? A GLU 172 
48 1 Y 1 A TRP 202 ? A TRP 173 
49 1 Y 1 A GLY 203 ? A GLY 174 
50 1 Y 1 A HIS 204 ? A HIS 175 
51 1 Y 1 A ARG 230 ? A ARG 201 
# 
loop_
_chem_comp_atom.comp_id 
_chem_comp_atom.atom_id 
_chem_comp_atom.type_symbol 
_chem_comp_atom.pdbx_aromatic_flag 
_chem_comp_atom.pdbx_stereo_config 
_chem_comp_atom.pdbx_ordinal 
ALA N    N N N 1   
ALA CA   C N S 2   
ALA C    C N N 3   
ALA O    O N N 4   
ALA CB   C N N 5   
ALA OXT  O N N 6   
ALA H    H N N 7   
ALA H2   H N N 8   
ALA HA   H N N 9   
ALA HB1  H N N 10  
ALA HB2  H N N 11  
ALA HB3  H N N 12  
ALA HXT  H N N 13  
ARG N    N N N 14  
ARG CA   C N S 15  
ARG C    C N N 16  
ARG O    O N N 17  
ARG CB   C N N 18  
ARG CG   C N N 19  
ARG CD   C N N 20  
ARG NE   N N N 21  
ARG CZ   C N N 22  
ARG NH1  N N N 23  
ARG NH2  N N N 24  
ARG OXT  O N N 25  
ARG H    H N N 26  
ARG H2   H N N 27  
ARG HA   H N N 28  
ARG HB2  H N N 29  
ARG HB3  H N N 30  
ARG HG2  H N N 31  
ARG HG3  H N N 32  
ARG HD2  H N N 33  
ARG HD3  H N N 34  
ARG HE   H N N 35  
ARG HH11 H N N 36  
ARG HH12 H N N 37  
ARG HH21 H N N 38  
ARG HH22 H N N 39  
ARG HXT  H N N 40  
ASN N    N N N 41  
ASN CA   C N S 42  
ASN C    C N N 43  
ASN O    O N N 44  
ASN CB   C N N 45  
ASN CG   C N N 46  
ASN OD1  O N N 47  
ASN ND2  N N N 48  
ASN OXT  O N N 49  
ASN H    H N N 50  
ASN H2   H N N 51  
ASN HA   H N N 52  
ASN HB2  H N N 53  
ASN HB3  H N N 54  
ASN HD21 H N N 55  
ASN HD22 H N N 56  
ASN HXT  H N N 57  
ASP N    N N N 58  
ASP CA   C N S 59  
ASP C    C N N 60  
ASP O    O N N 61  
ASP CB   C N N 62  
ASP CG   C N N 63  
ASP OD1  O N N 64  
ASP OD2  O N N 65  
ASP OXT  O N N 66  
ASP H    H N N 67  
ASP H2   H N N 68  
ASP HA   H N N 69  
ASP HB2  H N N 70  
ASP HB3  H N N 71  
ASP HD2  H N N 72  
ASP HXT  H N N 73  
CYS N    N N N 74  
CYS CA   C N R 75  
CYS C    C N N 76  
CYS O    O N N 77  
CYS CB   C N N 78  
CYS SG   S N N 79  
CYS OXT  O N N 80  
CYS H    H N N 81  
CYS H2   H N N 82  
CYS HA   H N N 83  
CYS HB2  H N N 84  
CYS HB3  H N N 85  
CYS HG   H N N 86  
CYS HXT  H N N 87  
GLN N    N N N 88  
GLN CA   C N S 89  
GLN C    C N N 90  
GLN O    O N N 91  
GLN CB   C N N 92  
GLN CG   C N N 93  
GLN CD   C N N 94  
GLN OE1  O N N 95  
GLN NE2  N N N 96  
GLN OXT  O N N 97  
GLN H    H N N 98  
GLN H2   H N N 99  
GLN HA   H N N 100 
GLN HB2  H N N 101 
GLN HB3  H N N 102 
GLN HG2  H N N 103 
GLN HG3  H N N 104 
GLN HE21 H N N 105 
GLN HE22 H N N 106 
GLN HXT  H N N 107 
GLU N    N N N 108 
GLU CA   C N S 109 
GLU C    C N N 110 
GLU O    O N N 111 
GLU CB   C N N 112 
GLU CG   C N N 113 
GLU CD   C N N 114 
GLU OE1  O N N 115 
GLU OE2  O N N 116 
GLU OXT  O N N 117 
GLU H    H N N 118 
GLU H2   H N N 119 
GLU HA   H N N 120 
GLU HB2  H N N 121 
GLU HB3  H N N 122 
GLU HG2  H N N 123 
GLU HG3  H N N 124 
GLU HE2  H N N 125 
GLU HXT  H N N 126 
GLY N    N N N 127 
GLY CA   C N N 128 
GLY C    C N N 129 
GLY O    O N N 130 
GLY OXT  O N N 131 
GLY H    H N N 132 
GLY H2   H N N 133 
GLY HA2  H N N 134 
GLY HA3  H N N 135 
GLY HXT  H N N 136 
HIS N    N N N 137 
HIS CA   C N S 138 
HIS C    C N N 139 
HIS O    O N N 140 
HIS CB   C N N 141 
HIS CG   C Y N 142 
HIS ND1  N Y N 143 
HIS CD2  C Y N 144 
HIS CE1  C Y N 145 
HIS NE2  N Y N 146 
HIS OXT  O N N 147 
HIS H    H N N 148 
HIS H2   H N N 149 
HIS HA   H N N 150 
HIS HB2  H N N 151 
HIS HB3  H N N 152 
HIS HD1  H N N 153 
HIS HD2  H N N 154 
HIS HE1  H N N 155 
HIS HE2  H N N 156 
HIS HXT  H N N 157 
HOH O    O N N 158 
HOH H1   H N N 159 
HOH H2   H N N 160 
ILE N    N N N 161 
ILE CA   C N S 162 
ILE C    C N N 163 
ILE O    O N N 164 
ILE CB   C N S 165 
ILE CG1  C N N 166 
ILE CG2  C N N 167 
ILE CD1  C N N 168 
ILE OXT  O N N 169 
ILE H    H N N 170 
ILE H2   H N N 171 
ILE HA   H N N 172 
ILE HB   H N N 173 
ILE HG12 H N N 174 
ILE HG13 H N N 175 
ILE HG21 H N N 176 
ILE HG22 H N N 177 
ILE HG23 H N N 178 
ILE HD11 H N N 179 
ILE HD12 H N N 180 
ILE HD13 H N N 181 
ILE HXT  H N N 182 
LEU N    N N N 183 
LEU CA   C N S 184 
LEU C    C N N 185 
LEU O    O N N 186 
LEU CB   C N N 187 
LEU CG   C N N 188 
LEU CD1  C N N 189 
LEU CD2  C N N 190 
LEU OXT  O N N 191 
LEU H    H N N 192 
LEU H2   H N N 193 
LEU HA   H N N 194 
LEU HB2  H N N 195 
LEU HB3  H N N 196 
LEU HG   H N N 197 
LEU HD11 H N N 198 
LEU HD12 H N N 199 
LEU HD13 H N N 200 
LEU HD21 H N N 201 
LEU HD22 H N N 202 
LEU HD23 H N N 203 
LEU HXT  H N N 204 
LYS N    N N N 205 
LYS CA   C N S 206 
LYS C    C N N 207 
LYS O    O N N 208 
LYS CB   C N N 209 
LYS CG   C N N 210 
LYS CD   C N N 211 
LYS CE   C N N 212 
LYS NZ   N N N 213 
LYS OXT  O N N 214 
LYS H    H N N 215 
LYS H2   H N N 216 
LYS HA   H N N 217 
LYS HB2  H N N 218 
LYS HB3  H N N 219 
LYS HG2  H N N 220 
LYS HG3  H N N 221 
LYS HD2  H N N 222 
LYS HD3  H N N 223 
LYS HE2  H N N 224 
LYS HE3  H N N 225 
LYS HZ1  H N N 226 
LYS HZ2  H N N 227 
LYS HZ3  H N N 228 
LYS HXT  H N N 229 
MET N    N N N 230 
MET CA   C N S 231 
MET C    C N N 232 
MET O    O N N 233 
MET CB   C N N 234 
MET CG   C N N 235 
MET SD   S N N 236 
MET CE   C N N 237 
MET OXT  O N N 238 
MET H    H N N 239 
MET H2   H N N 240 
MET HA   H N N 241 
MET HB2  H N N 242 
MET HB3  H N N 243 
MET HG2  H N N 244 
MET HG3  H N N 245 
MET HE1  H N N 246 
MET HE2  H N N 247 
MET HE3  H N N 248 
MET HXT  H N N 249 
PHE N    N N N 250 
PHE CA   C N S 251 
PHE C    C N N 252 
PHE O    O N N 253 
PHE CB   C N N 254 
PHE CG   C Y N 255 
PHE CD1  C Y N 256 
PHE CD2  C Y N 257 
PHE CE1  C Y N 258 
PHE CE2  C Y N 259 
PHE CZ   C Y N 260 
PHE OXT  O N N 261 
PHE H    H N N 262 
PHE H2   H N N 263 
PHE HA   H N N 264 
PHE HB2  H N N 265 
PHE HB3  H N N 266 
PHE HD1  H N N 267 
PHE HD2  H N N 268 
PHE HE1  H N N 269 
PHE HE2  H N N 270 
PHE HZ   H N N 271 
PHE HXT  H N N 272 
PRO N    N N N 273 
PRO CA   C N S 274 
PRO C    C N N 275 
PRO O    O N N 276 
PRO CB   C N N 277 
PRO CG   C N N 278 
PRO CD   C N N 279 
PRO OXT  O N N 280 
PRO H    H N N 281 
PRO HA   H N N 282 
PRO HB2  H N N 283 
PRO HB3  H N N 284 
PRO HG2  H N N 285 
PRO HG3  H N N 286 
PRO HD2  H N N 287 
PRO HD3  H N N 288 
PRO HXT  H N N 289 
SER N    N N N 290 
SER CA   C N S 291 
SER C    C N N 292 
SER O    O N N 293 
SER CB   C N N 294 
SER OG   O N N 295 
SER OXT  O N N 296 
SER H    H N N 297 
SER H2   H N N 298 
SER HA   H N N 299 
SER HB2  H N N 300 
SER HB3  H N N 301 
SER HG   H N N 302 
SER HXT  H N N 303 
SO4 S    S N N 304 
SO4 O1   O N N 305 
SO4 O2   O N N 306 
SO4 O3   O N N 307 
SO4 O4   O N N 308 
THR N    N N N 309 
THR CA   C N S 310 
THR C    C N N 311 
THR O    O N N 312 
THR CB   C N R 313 
THR OG1  O N N 314 
THR CG2  C N N 315 
THR OXT  O N N 316 
THR H    H N N 317 
THR H2   H N N 318 
THR HA   H N N 319 
THR HB   H N N 320 
THR HG1  H N N 321 
THR HG21 H N N 322 
THR HG22 H N N 323 
THR HG23 H N N 324 
THR HXT  H N N 325 
TRP N    N N N 326 
TRP CA   C N S 327 
TRP C    C N N 328 
TRP O    O N N 329 
TRP CB   C N N 330 
TRP CG   C Y N 331 
TRP CD1  C Y N 332 
TRP CD2  C Y N 333 
TRP NE1  N Y N 334 
TRP CE2  C Y N 335 
TRP CE3  C Y N 336 
TRP CZ2  C Y N 337 
TRP CZ3  C Y N 338 
TRP CH2  C Y N 339 
TRP OXT  O N N 340 
TRP H    H N N 341 
TRP H2   H N N 342 
TRP HA   H N N 343 
TRP HB2  H N N 344 
TRP HB3  H N N 345 
TRP HD1  H N N 346 
TRP HE1  H N N 347 
TRP HE3  H N N 348 
TRP HZ2  H N N 349 
TRP HZ3  H N N 350 
TRP HH2  H N N 351 
TRP HXT  H N N 352 
TYR N    N N N 353 
TYR CA   C N S 354 
TYR C    C N N 355 
TYR O    O N N 356 
TYR CB   C N N 357 
TYR CG   C Y N 358 
TYR CD1  C Y N 359 
TYR CD2  C Y N 360 
TYR CE1  C Y N 361 
TYR CE2  C Y N 362 
TYR CZ   C Y N 363 
TYR OH   O N N 364 
TYR OXT  O N N 365 
TYR H    H N N 366 
TYR H2   H N N 367 
TYR HA   H N N 368 
TYR HB2  H N N 369 
TYR HB3  H N N 370 
TYR HD1  H N N 371 
TYR HD2  H N N 372 
TYR HE1  H N N 373 
TYR HE2  H N N 374 
TYR HH   H N N 375 
TYR HXT  H N N 376 
VAL N    N N N 377 
VAL CA   C N S 378 
VAL C    C N N 379 
VAL O    O N N 380 
VAL CB   C N N 381 
VAL CG1  C N N 382 
VAL CG2  C N N 383 
VAL OXT  O N N 384 
VAL H    H N N 385 
VAL H2   H N N 386 
VAL HA   H N N 387 
VAL HB   H N N 388 
VAL HG11 H N N 389 
VAL HG12 H N N 390 
VAL HG13 H N N 391 
VAL HG21 H N N 392 
VAL HG22 H N N 393 
VAL HG23 H N N 394 
VAL HXT  H N N 395 
# 
loop_
_chem_comp_bond.comp_id 
_chem_comp_bond.atom_id_1 
_chem_comp_bond.atom_id_2 
_chem_comp_bond.value_order 
_chem_comp_bond.pdbx_aromatic_flag 
_chem_comp_bond.pdbx_stereo_config 
_chem_comp_bond.pdbx_ordinal 
ALA N   CA   sing N N 1   
ALA N   H    sing N N 2   
ALA N   H2   sing N N 3   
ALA CA  C    sing N N 4   
ALA CA  CB   sing N N 5   
ALA CA  HA   sing N N 6   
ALA C   O    doub N N 7   
ALA C   OXT  sing N N 8   
ALA CB  HB1  sing N N 9   
ALA CB  HB2  sing N N 10  
ALA CB  HB3  sing N N 11  
ALA OXT HXT  sing N N 12  
ARG N   CA   sing N N 13  
ARG N   H    sing N N 14  
ARG N   H2   sing N N 15  
ARG CA  C    sing N N 16  
ARG CA  CB   sing N N 17  
ARG CA  HA   sing N N 18  
ARG C   O    doub N N 19  
ARG C   OXT  sing N N 20  
ARG CB  CG   sing N N 21  
ARG CB  HB2  sing N N 22  
ARG CB  HB3  sing N N 23  
ARG CG  CD   sing N N 24  
ARG CG  HG2  sing N N 25  
ARG CG  HG3  sing N N 26  
ARG CD  NE   sing N N 27  
ARG CD  HD2  sing N N 28  
ARG CD  HD3  sing N N 29  
ARG NE  CZ   sing N N 30  
ARG NE  HE   sing N N 31  
ARG CZ  NH1  sing N N 32  
ARG CZ  NH2  doub N N 33  
ARG NH1 HH11 sing N N 34  
ARG NH1 HH12 sing N N 35  
ARG NH2 HH21 sing N N 36  
ARG NH2 HH22 sing N N 37  
ARG OXT HXT  sing N N 38  
ASN N   CA   sing N N 39  
ASN N   H    sing N N 40  
ASN N   H2   sing N N 41  
ASN CA  C    sing N N 42  
ASN CA  CB   sing N N 43  
ASN CA  HA   sing N N 44  
ASN C   O    doub N N 45  
ASN C   OXT  sing N N 46  
ASN CB  CG   sing N N 47  
ASN CB  HB2  sing N N 48  
ASN CB  HB3  sing N N 49  
ASN CG  OD1  doub N N 50  
ASN CG  ND2  sing N N 51  
ASN ND2 HD21 sing N N 52  
ASN ND2 HD22 sing N N 53  
ASN OXT HXT  sing N N 54  
ASP N   CA   sing N N 55  
ASP N   H    sing N N 56  
ASP N   H2   sing N N 57  
ASP CA  C    sing N N 58  
ASP CA  CB   sing N N 59  
ASP CA  HA   sing N N 60  
ASP C   O    doub N N 61  
ASP C   OXT  sing N N 62  
ASP CB  CG   sing N N 63  
ASP CB  HB2  sing N N 64  
ASP CB  HB3  sing N N 65  
ASP CG  OD1  doub N N 66  
ASP CG  OD2  sing N N 67  
ASP OD2 HD2  sing N N 68  
ASP OXT HXT  sing N N 69  
CYS N   CA   sing N N 70  
CYS N   H    sing N N 71  
CYS N   H2   sing N N 72  
CYS CA  C    sing N N 73  
CYS CA  CB   sing N N 74  
CYS CA  HA   sing N N 75  
CYS C   O    doub N N 76  
CYS C   OXT  sing N N 77  
CYS CB  SG   sing N N 78  
CYS CB  HB2  sing N N 79  
CYS CB  HB3  sing N N 80  
CYS SG  HG   sing N N 81  
CYS OXT HXT  sing N N 82  
GLN N   CA   sing N N 83  
GLN N   H    sing N N 84  
GLN N   H2   sing N N 85  
GLN CA  C    sing N N 86  
GLN CA  CB   sing N N 87  
GLN CA  HA   sing N N 88  
GLN C   O    doub N N 89  
GLN C   OXT  sing N N 90  
GLN CB  CG   sing N N 91  
GLN CB  HB2  sing N N 92  
GLN CB  HB3  sing N N 93  
GLN CG  CD   sing N N 94  
GLN CG  HG2  sing N N 95  
GLN CG  HG3  sing N N 96  
GLN CD  OE1  doub N N 97  
GLN CD  NE2  sing N N 98  
GLN NE2 HE21 sing N N 99  
GLN NE2 HE22 sing N N 100 
GLN OXT HXT  sing N N 101 
GLU N   CA   sing N N 102 
GLU N   H    sing N N 103 
GLU N   H2   sing N N 104 
GLU CA  C    sing N N 105 
GLU CA  CB   sing N N 106 
GLU CA  HA   sing N N 107 
GLU C   O    doub N N 108 
GLU C   OXT  sing N N 109 
GLU CB  CG   sing N N 110 
GLU CB  HB2  sing N N 111 
GLU CB  HB3  sing N N 112 
GLU CG  CD   sing N N 113 
GLU CG  HG2  sing N N 114 
GLU CG  HG3  sing N N 115 
GLU CD  OE1  doub N N 116 
GLU CD  OE2  sing N N 117 
GLU OE2 HE2  sing N N 118 
GLU OXT HXT  sing N N 119 
GLY N   CA   sing N N 120 
GLY N   H    sing N N 121 
GLY N   H2   sing N N 122 
GLY CA  C    sing N N 123 
GLY CA  HA2  sing N N 124 
GLY CA  HA3  sing N N 125 
GLY C   O    doub N N 126 
GLY C   OXT  sing N N 127 
GLY OXT HXT  sing N N 128 
HIS N   CA   sing N N 129 
HIS N   H    sing N N 130 
HIS N   H2   sing N N 131 
HIS CA  C    sing N N 132 
HIS CA  CB   sing N N 133 
HIS CA  HA   sing N N 134 
HIS C   O    doub N N 135 
HIS C   OXT  sing N N 136 
HIS CB  CG   sing N N 137 
HIS CB  HB2  sing N N 138 
HIS CB  HB3  sing N N 139 
HIS CG  ND1  sing Y N 140 
HIS CG  CD2  doub Y N 141 
HIS ND1 CE1  doub Y N 142 
HIS ND1 HD1  sing N N 143 
HIS CD2 NE2  sing Y N 144 
HIS CD2 HD2  sing N N 145 
HIS CE1 NE2  sing Y N 146 
HIS CE1 HE1  sing N N 147 
HIS NE2 HE2  sing N N 148 
HIS OXT HXT  sing N N 149 
HOH O   H1   sing N N 150 
HOH O   H2   sing N N 151 
ILE N   CA   sing N N 152 
ILE N   H    sing N N 153 
ILE N   H2   sing N N 154 
ILE CA  C    sing N N 155 
ILE CA  CB   sing N N 156 
ILE CA  HA   sing N N 157 
ILE C   O    doub N N 158 
ILE C   OXT  sing N N 159 
ILE CB  CG1  sing N N 160 
ILE CB  CG2  sing N N 161 
ILE CB  HB   sing N N 162 
ILE CG1 CD1  sing N N 163 
ILE CG1 HG12 sing N N 164 
ILE CG1 HG13 sing N N 165 
ILE CG2 HG21 sing N N 166 
ILE CG2 HG22 sing N N 167 
ILE CG2 HG23 sing N N 168 
ILE CD1 HD11 sing N N 169 
ILE CD1 HD12 sing N N 170 
ILE CD1 HD13 sing N N 171 
ILE OXT HXT  sing N N 172 
LEU N   CA   sing N N 173 
LEU N   H    sing N N 174 
LEU N   H2   sing N N 175 
LEU CA  C    sing N N 176 
LEU CA  CB   sing N N 177 
LEU CA  HA   sing N N 178 
LEU C   O    doub N N 179 
LEU C   OXT  sing N N 180 
LEU CB  CG   sing N N 181 
LEU CB  HB2  sing N N 182 
LEU CB  HB3  sing N N 183 
LEU CG  CD1  sing N N 184 
LEU CG  CD2  sing N N 185 
LEU CG  HG   sing N N 186 
LEU CD1 HD11 sing N N 187 
LEU CD1 HD12 sing N N 188 
LEU CD1 HD13 sing N N 189 
LEU CD2 HD21 sing N N 190 
LEU CD2 HD22 sing N N 191 
LEU CD2 HD23 sing N N 192 
LEU OXT HXT  sing N N 193 
LYS N   CA   sing N N 194 
LYS N   H    sing N N 195 
LYS N   H2   sing N N 196 
LYS CA  C    sing N N 197 
LYS CA  CB   sing N N 198 
LYS CA  HA   sing N N 199 
LYS C   O    doub N N 200 
LYS C   OXT  sing N N 201 
LYS CB  CG   sing N N 202 
LYS CB  HB2  sing N N 203 
LYS CB  HB3  sing N N 204 
LYS CG  CD   sing N N 205 
LYS CG  HG2  sing N N 206 
LYS CG  HG3  sing N N 207 
LYS CD  CE   sing N N 208 
LYS CD  HD2  sing N N 209 
LYS CD  HD3  sing N N 210 
LYS CE  NZ   sing N N 211 
LYS CE  HE2  sing N N 212 
LYS CE  HE3  sing N N 213 
LYS NZ  HZ1  sing N N 214 
LYS NZ  HZ2  sing N N 215 
LYS NZ  HZ3  sing N N 216 
LYS OXT HXT  sing N N 217 
MET N   CA   sing N N 218 
MET N   H    sing N N 219 
MET N   H2   sing N N 220 
MET CA  C    sing N N 221 
MET CA  CB   sing N N 222 
MET CA  HA   sing N N 223 
MET C   O    doub N N 224 
MET C   OXT  sing N N 225 
MET CB  CG   sing N N 226 
MET CB  HB2  sing N N 227 
MET CB  HB3  sing N N 228 
MET CG  SD   sing N N 229 
MET CG  HG2  sing N N 230 
MET CG  HG3  sing N N 231 
MET SD  CE   sing N N 232 
MET CE  HE1  sing N N 233 
MET CE  HE2  sing N N 234 
MET CE  HE3  sing N N 235 
MET OXT HXT  sing N N 236 
PHE N   CA   sing N N 237 
PHE N   H    sing N N 238 
PHE N   H2   sing N N 239 
PHE CA  C    sing N N 240 
PHE CA  CB   sing N N 241 
PHE CA  HA   sing N N 242 
PHE C   O    doub N N 243 
PHE C   OXT  sing N N 244 
PHE CB  CG   sing N N 245 
PHE CB  HB2  sing N N 246 
PHE CB  HB3  sing N N 247 
PHE CG  CD1  doub Y N 248 
PHE CG  CD2  sing Y N 249 
PHE CD1 CE1  sing Y N 250 
PHE CD1 HD1  sing N N 251 
PHE CD2 CE2  doub Y N 252 
PHE CD2 HD2  sing N N 253 
PHE CE1 CZ   doub Y N 254 
PHE CE1 HE1  sing N N 255 
PHE CE2 CZ   sing Y N 256 
PHE CE2 HE2  sing N N 257 
PHE CZ  HZ   sing N N 258 
PHE OXT HXT  sing N N 259 
PRO N   CA   sing N N 260 
PRO N   CD   sing N N 261 
PRO N   H    sing N N 262 
PRO CA  C    sing N N 263 
PRO CA  CB   sing N N 264 
PRO CA  HA   sing N N 265 
PRO C   O    doub N N 266 
PRO C   OXT  sing N N 267 
PRO CB  CG   sing N N 268 
PRO CB  HB2  sing N N 269 
PRO CB  HB3  sing N N 270 
PRO CG  CD   sing N N 271 
PRO CG  HG2  sing N N 272 
PRO CG  HG3  sing N N 273 
PRO CD  HD2  sing N N 274 
PRO CD  HD3  sing N N 275 
PRO OXT HXT  sing N N 276 
SER N   CA   sing N N 277 
SER N   H    sing N N 278 
SER N   H2   sing N N 279 
SER CA  C    sing N N 280 
SER CA  CB   sing N N 281 
SER CA  HA   sing N N 282 
SER C   O    doub N N 283 
SER C   OXT  sing N N 284 
SER CB  OG   sing N N 285 
SER CB  HB2  sing N N 286 
SER CB  HB3  sing N N 287 
SER OG  HG   sing N N 288 
SER OXT HXT  sing N N 289 
SO4 S   O1   doub N N 290 
SO4 S   O2   doub N N 291 
SO4 S   O3   sing N N 292 
SO4 S   O4   sing N N 293 
THR N   CA   sing N N 294 
THR N   H    sing N N 295 
THR N   H2   sing N N 296 
THR CA  C    sing N N 297 
THR CA  CB   sing N N 298 
THR CA  HA   sing N N 299 
THR C   O    doub N N 300 
THR C   OXT  sing N N 301 
THR CB  OG1  sing N N 302 
THR CB  CG2  sing N N 303 
THR CB  HB   sing N N 304 
THR OG1 HG1  sing N N 305 
THR CG2 HG21 sing N N 306 
THR CG2 HG22 sing N N 307 
THR CG2 HG23 sing N N 308 
THR OXT HXT  sing N N 309 
TRP N   CA   sing N N 310 
TRP N   H    sing N N 311 
TRP N   H2   sing N N 312 
TRP CA  C    sing N N 313 
TRP CA  CB   sing N N 314 
TRP CA  HA   sing N N 315 
TRP C   O    doub N N 316 
TRP C   OXT  sing N N 317 
TRP CB  CG   sing N N 318 
TRP CB  HB2  sing N N 319 
TRP CB  HB3  sing N N 320 
TRP CG  CD1  doub Y N 321 
TRP CG  CD2  sing Y N 322 
TRP CD1 NE1  sing Y N 323 
TRP CD1 HD1  sing N N 324 
TRP CD2 CE2  doub Y N 325 
TRP CD2 CE3  sing Y N 326 
TRP NE1 CE2  sing Y N 327 
TRP NE1 HE1  sing N N 328 
TRP CE2 CZ2  sing Y N 329 
TRP CE3 CZ3  doub Y N 330 
TRP CE3 HE3  sing N N 331 
TRP CZ2 CH2  doub Y N 332 
TRP CZ2 HZ2  sing N N 333 
TRP CZ3 CH2  sing Y N 334 
TRP CZ3 HZ3  sing N N 335 
TRP CH2 HH2  sing N N 336 
TRP OXT HXT  sing N N 337 
TYR N   CA   sing N N 338 
TYR N   H    sing N N 339 
TYR N   H2   sing N N 340 
TYR CA  C    sing N N 341 
TYR CA  CB   sing N N 342 
TYR CA  HA   sing N N 343 
TYR C   O    doub N N 344 
TYR C   OXT  sing N N 345 
TYR CB  CG   sing N N 346 
TYR CB  HB2  sing N N 347 
TYR CB  HB3  sing N N 348 
TYR CG  CD1  doub Y N 349 
TYR CG  CD2  sing Y N 350 
TYR CD1 CE1  sing Y N 351 
TYR CD1 HD1  sing N N 352 
TYR CD2 CE2  doub Y N 353 
TYR CD2 HD2  sing N N 354 
TYR CE1 CZ   doub Y N 355 
TYR CE1 HE1  sing N N 356 
TYR CE2 CZ   sing Y N 357 
TYR CE2 HE2  sing N N 358 
TYR CZ  OH   sing N N 359 
TYR OH  HH   sing N N 360 
TYR OXT HXT  sing N N 361 
VAL N   CA   sing N N 362 
VAL N   H    sing N N 363 
VAL N   H2   sing N N 364 
VAL CA  C    sing N N 365 
VAL CA  CB   sing N N 366 
VAL CA  HA   sing N N 367 
VAL C   O    doub N N 368 
VAL C   OXT  sing N N 369 
VAL CB  CG1  sing N N 370 
VAL CB  CG2  sing N N 371 
VAL CB  HB   sing N N 372 
VAL CG1 HG11 sing N N 373 
VAL CG1 HG12 sing N N 374 
VAL CG1 HG13 sing N N 375 
VAL CG2 HG21 sing N N 376 
VAL CG2 HG22 sing N N 377 
VAL CG2 HG23 sing N N 378 
VAL OXT HXT  sing N N 379 
# 
loop_
_pdbx_entity_nonpoly.entity_id 
_pdbx_entity_nonpoly.name 
_pdbx_entity_nonpoly.comp_id 
2 'SULFATE ION' SO4 
3 water         HOH 
# 
_pdbx_initial_refinement_model.id               1 
_pdbx_initial_refinement_model.entity_id_list   ? 
_pdbx_initial_refinement_model.type             'experimental model' 
_pdbx_initial_refinement_model.source_name      PDB 
_pdbx_initial_refinement_model.accession_code   5GO5 
_pdbx_initial_refinement_model.details          ? 
# 
